data_8BPH
# 
_entry.id   8BPH 
# 
_audit_conform.dict_name       mmcif_pdbx.dic 
_audit_conform.dict_version    5.398 
_audit_conform.dict_location   http://mmcif.pdb.org/dictionaries/ascii/mmcif_pdbx.dic 
# 
loop_
_database_2.database_id 
_database_2.database_code 
_database_2.pdbx_database_accession 
_database_2.pdbx_DOI 
PDB   8BPH         pdb_00008bph 10.2210/pdb8bph/pdb 
WWPDB D_1292126798 ?            ?                   
# 
loop_
_pdbx_audit_revision_history.ordinal 
_pdbx_audit_revision_history.data_content_type 
_pdbx_audit_revision_history.major_revision 
_pdbx_audit_revision_history.minor_revision 
_pdbx_audit_revision_history.revision_date 
1 'Structure model' 1 0 2023-06-28 
2 'Structure model' 1 1 2024-02-07 
3 'Structure model' 1 2 2024-11-06 
# 
_pdbx_audit_revision_details.ordinal             1 
_pdbx_audit_revision_details.revision_ordinal    1 
_pdbx_audit_revision_details.data_content_type   'Structure model' 
_pdbx_audit_revision_details.provider            repository 
_pdbx_audit_revision_details.type                'Initial release' 
_pdbx_audit_revision_details.description         ? 
_pdbx_audit_revision_details.details             ? 
# 
loop_
_pdbx_audit_revision_group.ordinal 
_pdbx_audit_revision_group.revision_ordinal 
_pdbx_audit_revision_group.data_content_type 
_pdbx_audit_revision_group.group 
1 2 'Structure model' 'Data collection'        
2 2 'Structure model' 'Refinement description' 
3 3 'Structure model' 'Structure summary'      
# 
loop_
_pdbx_audit_revision_category.ordinal 
_pdbx_audit_revision_category.revision_ordinal 
_pdbx_audit_revision_category.data_content_type 
_pdbx_audit_revision_category.category 
1 2 'Structure model' chem_comp_atom                
2 2 'Structure model' chem_comp_bond                
3 2 'Structure model' pdbx_initial_refinement_model 
4 3 'Structure model' pdbx_entry_details            
5 3 'Structure model' pdbx_modification_feature     
# 
_pdbx_audit_revision_item.ordinal             1 
_pdbx_audit_revision_item.revision_ordinal    3 
_pdbx_audit_revision_item.data_content_type   'Structure model' 
_pdbx_audit_revision_item.item                '_pdbx_entry_details.has_protein_modification' 
# 
_pdbx_database_status.status_code                     REL 
_pdbx_database_status.status_code_sf                  REL 
_pdbx_database_status.status_code_mr                  ? 
_pdbx_database_status.entry_id                        8BPH 
_pdbx_database_status.recvd_initial_deposition_date   2022-11-16 
_pdbx_database_status.SG_entry                        N 
_pdbx_database_status.deposit_site                    PDBE 
_pdbx_database_status.process_site                    PDBE 
_pdbx_database_status.status_code_cs                  ? 
_pdbx_database_status.status_code_nmr_data            ? 
_pdbx_database_status.methods_development_category    ? 
_pdbx_database_status.pdb_format_compatible           N 
# 
loop_
_pdbx_contact_author.id 
_pdbx_contact_author.email 
_pdbx_contact_author.name_first 
_pdbx_contact_author.name_last 
_pdbx_contact_author.name_mi 
_pdbx_contact_author.role 
_pdbx_contact_author.identifier_ORCID 
4 giarita.ferraro@unina.it   Giarita   Ferraro ? 'principal investigator/group leader' 0000-0001-9385-2429 
5 aaronter@ucm.es            Aaron     Teran   ? 'principal investigator/group leader' 0000-0001-6126-6230 
6 antonello.merlino@unina.it Antonello Merlino ? 'principal investigator/group leader' 0000-0002-1045-7720 
# 
loop_
_audit_author.name 
_audit_author.pdbx_ordinal 
_audit_author.identifier_ORCID 
'Teran, A.'   1 ? 
'Merlino, A.' 2 ? 
'Ferraro, G.' 3 ? 
# 
_citation.abstract                  ? 
_citation.abstract_id_CAS           ? 
_citation.book_id_ISBN              ? 
_citation.book_publisher            ? 
_citation.book_publisher_city       ? 
_citation.book_title                ? 
_citation.coordinate_linkage        ? 
_citation.country                   US 
_citation.database_id_Medline       ? 
_citation.details                   ? 
_citation.id                        primary 
_citation.journal_abbrev            Inorg.Chem. 
_citation.journal_id_ASTM           INOCAJ 
_citation.journal_id_CSD            0009 
_citation.journal_id_ISSN           0020-1669 
_citation.journal_full              ? 
_citation.journal_issue             ? 
_citation.journal_volume            62 
_citation.language                  ? 
_citation.page_first                670 
_citation.page_last                 674 
_citation.title                     
'Effect of Equatorial Ligand Substitution on the Reactivity with Proteins of Paddlewheel Diruthenium Complexes: Structural Studies.' 
_citation.year                      2023 
_citation.database_id_CSD           ? 
_citation.pdbx_database_id_DOI      10.1021/acs.inorgchem.2c04103 
_citation.pdbx_database_id_PubMed   36597851 
_citation.pdbx_database_id_patent   ? 
_citation.unpublished_flag          ? 
# 
loop_
_citation_author.citation_id 
_citation_author.name 
_citation_author.ordinal 
_citation_author.identifier_ORCID 
primary 'Teran, A.'            1 ?                   
primary 'Ferraro, G.'          2 ?                   
primary 'Sanchez-Pelaez, A.E.' 3 ?                   
primary 'Herrero, S.'          4 0000-0002-9901-1142 
primary 'Merlino, A.'          5 0000-0002-1045-7720 
# 
loop_
_entity.id 
_entity.type 
_entity.src_method 
_entity.pdbx_description 
_entity.formula_weight 
_entity.pdbx_number_of_molecules 
_entity.pdbx_ec 
_entity.pdbx_mutation 
_entity.pdbx_fragment 
_entity.details 
1 polymer     nat 'Lysozyme C'        14331.160 1   3.2.1.17 ? ? ? 
2 non-polymer syn 'SUCCINIC ACID'     118.088   1   ?        ? ? ? 
3 non-polymer syn 'Ru2-(OH)8 cluster' 338.199   2   ?        ? ? ? 
4 water       nat water               18.015    187 ?        ? ? ? 
# 
_entity_name_com.entity_id   1 
_entity_name_com.name        '1,4-beta-N-acetylmuramidase C,Allergen Gal d IV' 
# 
_entity_poly.entity_id                      1 
_entity_poly.type                           'polypeptide(L)' 
_entity_poly.nstd_linkage                   no 
_entity_poly.nstd_monomer                   no 
_entity_poly.pdbx_seq_one_letter_code       
;KVFGRCELAAAMKRHGLDNYRGYSLGNWVCAAKFESNFNTQATNRNTDGSTDYGILQINSRWWCNDGRTPGSRNLCNIPC
SALLSSDITASVNCAKKIVSDGNGMNAWVAWRNRCKGTDVQAWIRGCRL
;
_entity_poly.pdbx_seq_one_letter_code_can   
;KVFGRCELAAAMKRHGLDNYRGYSLGNWVCAAKFESNFNTQATNRNTDGSTDYGILQINSRWWCNDGRTPGSRNLCNIPC
SALLSSDITASVNCAKKIVSDGNGMNAWVAWRNRCKGTDVQAWIRGCRL
;
_entity_poly.pdbx_strand_id                 AAA 
_entity_poly.pdbx_target_identifier         ? 
# 
loop_
_pdbx_entity_nonpoly.entity_id 
_pdbx_entity_nonpoly.name 
_pdbx_entity_nonpoly.comp_id 
2 'SUCCINIC ACID'     SIN 
3 'Ru2-(OH)8 cluster' R3D 
4 water               HOH 
# 
loop_
_entity_poly_seq.entity_id 
_entity_poly_seq.num 
_entity_poly_seq.mon_id 
_entity_poly_seq.hetero 
1 1   LYS n 
1 2   VAL n 
1 3   PHE n 
1 4   GLY n 
1 5   ARG n 
1 6   CYS n 
1 7   GLU n 
1 8   LEU n 
1 9   ALA n 
1 10  ALA n 
1 11  ALA n 
1 12  MET n 
1 13  LYS n 
1 14  ARG n 
1 15  HIS n 
1 16  GLY n 
1 17  LEU n 
1 18  ASP n 
1 19  ASN n 
1 20  TYR n 
1 21  ARG n 
1 22  GLY n 
1 23  TYR n 
1 24  SER n 
1 25  LEU n 
1 26  GLY n 
1 27  ASN n 
1 28  TRP n 
1 29  VAL n 
1 30  CYS n 
1 31  ALA n 
1 32  ALA n 
1 33  LYS n 
1 34  PHE n 
1 35  GLU n 
1 36  SER n 
1 37  ASN n 
1 38  PHE n 
1 39  ASN n 
1 40  THR n 
1 41  GLN n 
1 42  ALA n 
1 43  THR n 
1 44  ASN n 
1 45  ARG n 
1 46  ASN n 
1 47  THR n 
1 48  ASP n 
1 49  GLY n 
1 50  SER n 
1 51  THR n 
1 52  ASP n 
1 53  TYR n 
1 54  GLY n 
1 55  ILE n 
1 56  LEU n 
1 57  GLN n 
1 58  ILE n 
1 59  ASN n 
1 60  SER n 
1 61  ARG n 
1 62  TRP n 
1 63  TRP n 
1 64  CYS n 
1 65  ASN n 
1 66  ASP n 
1 67  GLY n 
1 68  ARG n 
1 69  THR n 
1 70  PRO n 
1 71  GLY n 
1 72  SER n 
1 73  ARG n 
1 74  ASN n 
1 75  LEU n 
1 76  CYS n 
1 77  ASN n 
1 78  ILE n 
1 79  PRO n 
1 80  CYS n 
1 81  SER n 
1 82  ALA n 
1 83  LEU n 
1 84  LEU n 
1 85  SER n 
1 86  SER n 
1 87  ASP n 
1 88  ILE n 
1 89  THR n 
1 90  ALA n 
1 91  SER n 
1 92  VAL n 
1 93  ASN n 
1 94  CYS n 
1 95  ALA n 
1 96  LYS n 
1 97  LYS n 
1 98  ILE n 
1 99  VAL n 
1 100 SER n 
1 101 ASP n 
1 102 GLY n 
1 103 ASN n 
1 104 GLY n 
1 105 MET n 
1 106 ASN n 
1 107 ALA n 
1 108 TRP n 
1 109 VAL n 
1 110 ALA n 
1 111 TRP n 
1 112 ARG n 
1 113 ASN n 
1 114 ARG n 
1 115 CYS n 
1 116 LYS n 
1 117 GLY n 
1 118 THR n 
1 119 ASP n 
1 120 VAL n 
1 121 GLN n 
1 122 ALA n 
1 123 TRP n 
1 124 ILE n 
1 125 ARG n 
1 126 GLY n 
1 127 CYS n 
1 128 ARG n 
1 129 LEU n 
# 
_entity_src_nat.entity_id                  1 
_entity_src_nat.pdbx_src_id                1 
_entity_src_nat.pdbx_alt_source_flag       sample 
_entity_src_nat.pdbx_beg_seq_num           1 
_entity_src_nat.pdbx_end_seq_num           129 
_entity_src_nat.common_name                chicken 
_entity_src_nat.pdbx_organism_scientific   'Gallus gallus' 
_entity_src_nat.pdbx_ncbi_taxonomy_id      9031 
_entity_src_nat.genus                      ? 
_entity_src_nat.species                    ? 
_entity_src_nat.strain                     ? 
_entity_src_nat.tissue                     ? 
_entity_src_nat.tissue_fraction            ? 
_entity_src_nat.pdbx_secretion             ? 
_entity_src_nat.pdbx_fragment              ? 
_entity_src_nat.pdbx_variant               ? 
_entity_src_nat.pdbx_cell_line             ? 
_entity_src_nat.pdbx_atcc                  ? 
_entity_src_nat.pdbx_cellular_location     ? 
_entity_src_nat.pdbx_organ                 ? 
_entity_src_nat.pdbx_organelle             ? 
_entity_src_nat.pdbx_cell                  ? 
_entity_src_nat.pdbx_plasmid_name          ? 
_entity_src_nat.pdbx_plasmid_details       ? 
_entity_src_nat.details                    ? 
# 
loop_
_chem_comp.id 
_chem_comp.type 
_chem_comp.mon_nstd_flag 
_chem_comp.name 
_chem_comp.pdbx_synonyms 
_chem_comp.formula 
_chem_comp.formula_weight 
ALA 'L-peptide linking' y ALANINE             ? 'C3 H7 N O2'     89.093  
ARG 'L-peptide linking' y ARGININE            ? 'C6 H15 N4 O2 1' 175.209 
ASN 'L-peptide linking' y ASPARAGINE          ? 'C4 H8 N2 O3'    132.118 
ASP 'L-peptide linking' y 'ASPARTIC ACID'     ? 'C4 H7 N O4'     133.103 
CYS 'L-peptide linking' y CYSTEINE            ? 'C3 H7 N O2 S'   121.158 
GLN 'L-peptide linking' y GLUTAMINE           ? 'C5 H10 N2 O3'   146.144 
GLU 'L-peptide linking' y 'GLUTAMIC ACID'     ? 'C5 H9 N O4'     147.129 
GLY 'peptide linking'   y GLYCINE             ? 'C2 H5 N O2'     75.067  
HIS 'L-peptide linking' y HISTIDINE           ? 'C6 H10 N3 O2 1' 156.162 
HOH non-polymer         . WATER               ? 'H2 O'           18.015  
ILE 'L-peptide linking' y ISOLEUCINE          ? 'C6 H13 N O2'    131.173 
LEU 'L-peptide linking' y LEUCINE             ? 'C6 H13 N O2'    131.173 
LYS 'L-peptide linking' y LYSINE              ? 'C6 H15 N2 O2 1' 147.195 
MET 'L-peptide linking' y METHIONINE          ? 'C5 H11 N O2 S'  149.211 
PHE 'L-peptide linking' y PHENYLALANINE       ? 'C9 H11 N O2'    165.189 
PRO 'L-peptide linking' y PROLINE             ? 'C5 H9 N O2'     115.130 
R3D non-polymer         . 'Ru2-(OH)8 cluster' ? 'H8 O8 Ru2'      338.199 
SER 'L-peptide linking' y SERINE              ? 'C3 H7 N O3'     105.093 
SIN non-polymer         . 'SUCCINIC ACID'     ? 'C4 H6 O4'       118.088 
THR 'L-peptide linking' y THREONINE           ? 'C4 H9 N O3'     119.119 
TRP 'L-peptide linking' y TRYPTOPHAN          ? 'C11 H12 N2 O2'  204.225 
TYR 'L-peptide linking' y TYROSINE            ? 'C9 H11 N O3'    181.189 
VAL 'L-peptide linking' y VALINE              ? 'C5 H11 N O2'    117.146 
# 
loop_
_pdbx_poly_seq_scheme.asym_id 
_pdbx_poly_seq_scheme.entity_id 
_pdbx_poly_seq_scheme.seq_id 
_pdbx_poly_seq_scheme.mon_id 
_pdbx_poly_seq_scheme.ndb_seq_num 
_pdbx_poly_seq_scheme.pdb_seq_num 
_pdbx_poly_seq_scheme.auth_seq_num 
_pdbx_poly_seq_scheme.pdb_mon_id 
_pdbx_poly_seq_scheme.auth_mon_id 
_pdbx_poly_seq_scheme.pdb_strand_id 
_pdbx_poly_seq_scheme.pdb_ins_code 
_pdbx_poly_seq_scheme.hetero 
A 1 1   LYS 1   1   1   LYS LYS AAA . n 
A 1 2   VAL 2   2   2   VAL VAL AAA . n 
A 1 3   PHE 3   3   3   PHE PHE AAA . n 
A 1 4   GLY 4   4   4   GLY GLY AAA . n 
A 1 5   ARG 5   5   5   ARG ARG AAA . n 
A 1 6   CYS 6   6   6   CYS CYS AAA . n 
A 1 7   GLU 7   7   7   GLU GLU AAA . n 
A 1 8   LEU 8   8   8   LEU LEU AAA . n 
A 1 9   ALA 9   9   9   ALA ALA AAA . n 
A 1 10  ALA 10  10  10  ALA ALA AAA . n 
A 1 11  ALA 11  11  11  ALA ALA AAA . n 
A 1 12  MET 12  12  12  MET MET AAA . n 
A 1 13  LYS 13  13  13  LYS LYS AAA . n 
A 1 14  ARG 14  14  14  ARG ARG AAA . n 
A 1 15  HIS 15  15  15  HIS HIS AAA . n 
A 1 16  GLY 16  16  16  GLY GLY AAA . n 
A 1 17  LEU 17  17  17  LEU LEU AAA . n 
A 1 18  ASP 18  18  18  ASP ASP AAA . n 
A 1 19  ASN 19  19  19  ASN ASN AAA . n 
A 1 20  TYR 20  20  20  TYR TYR AAA . n 
A 1 21  ARG 21  21  21  ARG ARG AAA . n 
A 1 22  GLY 22  22  22  GLY GLY AAA . n 
A 1 23  TYR 23  23  23  TYR TYR AAA . n 
A 1 24  SER 24  24  24  SER SER AAA . n 
A 1 25  LEU 25  25  25  LEU LEU AAA . n 
A 1 26  GLY 26  26  26  GLY GLY AAA . n 
A 1 27  ASN 27  27  27  ASN ASN AAA . n 
A 1 28  TRP 28  28  28  TRP TRP AAA . n 
A 1 29  VAL 29  29  29  VAL VAL AAA . n 
A 1 30  CYS 30  30  30  CYS CYS AAA . n 
A 1 31  ALA 31  31  31  ALA ALA AAA . n 
A 1 32  ALA 32  32  32  ALA ALA AAA . n 
A 1 33  LYS 33  33  33  LYS LYS AAA . n 
A 1 34  PHE 34  34  34  PHE PHE AAA . n 
A 1 35  GLU 35  35  35  GLU GLU AAA . n 
A 1 36  SER 36  36  36  SER SER AAA . n 
A 1 37  ASN 37  37  37  ASN ASN AAA . n 
A 1 38  PHE 38  38  38  PHE PHE AAA . n 
A 1 39  ASN 39  39  39  ASN ASN AAA . n 
A 1 40  THR 40  40  40  THR THR AAA . n 
A 1 41  GLN 41  41  41  GLN GLN AAA . n 
A 1 42  ALA 42  42  42  ALA ALA AAA . n 
A 1 43  THR 43  43  43  THR THR AAA . n 
A 1 44  ASN 44  44  44  ASN ASN AAA . n 
A 1 45  ARG 45  45  45  ARG ARG AAA . n 
A 1 46  ASN 46  46  46  ASN ASN AAA . n 
A 1 47  THR 47  47  47  THR THR AAA . n 
A 1 48  ASP 48  48  48  ASP ASP AAA . n 
A 1 49  GLY 49  49  49  GLY GLY AAA . n 
A 1 50  SER 50  50  50  SER SER AAA . n 
A 1 51  THR 51  51  51  THR THR AAA . n 
A 1 52  ASP 52  52  52  ASP ASP AAA . n 
A 1 53  TYR 53  53  53  TYR TYR AAA . n 
A 1 54  GLY 54  54  54  GLY GLY AAA . n 
A 1 55  ILE 55  55  55  ILE ILE AAA . n 
A 1 56  LEU 56  56  56  LEU LEU AAA . n 
A 1 57  GLN 57  57  57  GLN GLN AAA . n 
A 1 58  ILE 58  58  58  ILE ILE AAA . n 
A 1 59  ASN 59  59  59  ASN ASN AAA . n 
A 1 60  SER 60  60  60  SER SER AAA . n 
A 1 61  ARG 61  61  61  ARG ARG AAA . n 
A 1 62  TRP 62  62  62  TRP TRP AAA . n 
A 1 63  TRP 63  63  63  TRP TRP AAA . n 
A 1 64  CYS 64  64  64  CYS CYS AAA . n 
A 1 65  ASN 65  65  65  ASN ASN AAA . n 
A 1 66  ASP 66  66  66  ASP ASP AAA . n 
A 1 67  GLY 67  67  67  GLY GLY AAA . n 
A 1 68  ARG 68  68  68  ARG ARG AAA . n 
A 1 69  THR 69  69  69  THR THR AAA . n 
A 1 70  PRO 70  70  70  PRO PRO AAA . n 
A 1 71  GLY 71  71  71  GLY GLY AAA . n 
A 1 72  SER 72  72  72  SER SER AAA . n 
A 1 73  ARG 73  73  73  ARG ARG AAA . n 
A 1 74  ASN 74  74  74  ASN ASN AAA . n 
A 1 75  LEU 75  75  75  LEU LEU AAA . n 
A 1 76  CYS 76  76  76  CYS CYS AAA . n 
A 1 77  ASN 77  77  77  ASN ASN AAA . n 
A 1 78  ILE 78  78  78  ILE ILE AAA . n 
A 1 79  PRO 79  79  79  PRO PRO AAA . n 
A 1 80  CYS 80  80  80  CYS CYS AAA . n 
A 1 81  SER 81  81  81  SER SER AAA . n 
A 1 82  ALA 82  82  82  ALA ALA AAA . n 
A 1 83  LEU 83  83  83  LEU LEU AAA . n 
A 1 84  LEU 84  84  84  LEU LEU AAA . n 
A 1 85  SER 85  85  85  SER SER AAA . n 
A 1 86  SER 86  86  86  SER SER AAA . n 
A 1 87  ASP 87  87  87  ASP ASP AAA . n 
A 1 88  ILE 88  88  88  ILE ILE AAA . n 
A 1 89  THR 89  89  89  THR THR AAA . n 
A 1 90  ALA 90  90  90  ALA ALA AAA . n 
A 1 91  SER 91  91  91  SER SER AAA . n 
A 1 92  VAL 92  92  92  VAL VAL AAA . n 
A 1 93  ASN 93  93  93  ASN ASN AAA . n 
A 1 94  CYS 94  94  94  CYS CYS AAA . n 
A 1 95  ALA 95  95  95  ALA ALA AAA . n 
A 1 96  LYS 96  96  96  LYS LYS AAA . n 
A 1 97  LYS 97  97  97  LYS LYS AAA . n 
A 1 98  ILE 98  98  98  ILE ILE AAA . n 
A 1 99  VAL 99  99  99  VAL VAL AAA . n 
A 1 100 SER 100 100 100 SER SER AAA . n 
A 1 101 ASP 101 101 101 ASP ASP AAA . n 
A 1 102 GLY 102 102 102 GLY GLY AAA . n 
A 1 103 ASN 103 103 103 ASN ASN AAA . n 
A 1 104 GLY 104 104 104 GLY GLY AAA . n 
A 1 105 MET 105 105 105 MET MET AAA . n 
A 1 106 ASN 106 106 106 ASN ASN AAA . n 
A 1 107 ALA 107 107 107 ALA ALA AAA . n 
A 1 108 TRP 108 108 108 TRP TRP AAA . n 
A 1 109 VAL 109 109 109 VAL VAL AAA . n 
A 1 110 ALA 110 110 110 ALA ALA AAA . n 
A 1 111 TRP 111 111 111 TRP TRP AAA . n 
A 1 112 ARG 112 112 112 ARG ARG AAA . n 
A 1 113 ASN 113 113 113 ASN ASN AAA . n 
A 1 114 ARG 114 114 114 ARG ARG AAA . n 
A 1 115 CYS 115 115 115 CYS CYS AAA . n 
A 1 116 LYS 116 116 116 LYS LYS AAA . n 
A 1 117 GLY 117 117 117 GLY GLY AAA . n 
A 1 118 THR 118 118 118 THR THR AAA . n 
A 1 119 ASP 119 119 119 ASP ASP AAA . n 
A 1 120 VAL 120 120 120 VAL VAL AAA . n 
A 1 121 GLN 121 121 121 GLN GLN AAA . n 
A 1 122 ALA 122 122 122 ALA ALA AAA . n 
A 1 123 TRP 123 123 123 TRP TRP AAA . n 
A 1 124 ILE 124 124 124 ILE ILE AAA . n 
A 1 125 ARG 125 125 125 ARG ARG AAA . n 
A 1 126 GLY 126 126 126 GLY GLY AAA . n 
A 1 127 CYS 127 127 127 CYS CYS AAA . n 
A 1 128 ARG 128 128 128 ARG ARG AAA . n 
A 1 129 LEU 129 129 129 LEU LEU AAA . n 
# 
_pdbx_entity_instance_feature.ordinal        1 
_pdbx_entity_instance_feature.comp_id        R3D 
_pdbx_entity_instance_feature.asym_id        ? 
_pdbx_entity_instance_feature.seq_num        ? 
_pdbx_entity_instance_feature.auth_comp_id   R3D 
_pdbx_entity_instance_feature.auth_asym_id   ? 
_pdbx_entity_instance_feature.auth_seq_num   ? 
_pdbx_entity_instance_feature.feature_type   'SUBJECT OF INVESTIGATION' 
_pdbx_entity_instance_feature.details        ? 
# 
loop_
_pdbx_nonpoly_scheme.asym_id 
_pdbx_nonpoly_scheme.entity_id 
_pdbx_nonpoly_scheme.mon_id 
_pdbx_nonpoly_scheme.ndb_seq_num 
_pdbx_nonpoly_scheme.pdb_seq_num 
_pdbx_nonpoly_scheme.auth_seq_num 
_pdbx_nonpoly_scheme.pdb_mon_id 
_pdbx_nonpoly_scheme.auth_mon_id 
_pdbx_nonpoly_scheme.pdb_strand_id 
_pdbx_nonpoly_scheme.pdb_ins_code 
B 2 SIN 1   201 203 SIN SIN AAA . 
C 3 R3D 1   202 1   R3D DWR AAA . 
D 3 R3D 1   203 1   R3D DWR AAA . 
E 4 HOH 1   301 151 HOH HOH AAA . 
E 4 HOH 2   302 40  HOH HOH AAA . 
E 4 HOH 3   303 119 HOH HOH AAA . 
E 4 HOH 4   304 224 HOH HOH AAA . 
E 4 HOH 5   305 24  HOH HOH AAA . 
E 4 HOH 6   306 73  HOH HOH AAA . 
E 4 HOH 7   307 233 HOH HOH AAA . 
E 4 HOH 8   308 200 HOH HOH AAA . 
E 4 HOH 9   309 205 HOH HOH AAA . 
E 4 HOH 10  310 249 HOH HOH AAA . 
E 4 HOH 11  311 270 HOH HOH AAA . 
E 4 HOH 12  312 209 HOH HOH AAA . 
E 4 HOH 13  313 135 HOH HOH AAA . 
E 4 HOH 14  314 198 HOH HOH AAA . 
E 4 HOH 15  315 253 HOH HOH AAA . 
E 4 HOH 16  316 84  HOH HOH AAA . 
E 4 HOH 17  317 27  HOH HOH AAA . 
E 4 HOH 18  318 98  HOH HOH AAA . 
E 4 HOH 19  319 152 HOH HOH AAA . 
E 4 HOH 20  320 75  HOH HOH AAA . 
E 4 HOH 21  321 4   HOH HOH AAA . 
E 4 HOH 22  322 250 HOH HOH AAA . 
E 4 HOH 23  323 136 HOH HOH AAA . 
E 4 HOH 24  324 150 HOH HOH AAA . 
E 4 HOH 25  325 216 HOH HOH AAA . 
E 4 HOH 26  326 258 HOH HOH AAA . 
E 4 HOH 27  327 87  HOH HOH AAA . 
E 4 HOH 28  328 105 HOH HOH AAA . 
E 4 HOH 29  329 109 HOH HOH AAA . 
E 4 HOH 30  330 83  HOH HOH AAA . 
E 4 HOH 31  331 164 HOH HOH AAA . 
E 4 HOH 32  332 37  HOH HOH AAA . 
E 4 HOH 33  333 2   HOH HOH AAA . 
E 4 HOH 34  334 188 HOH HOH AAA . 
E 4 HOH 35  335 206 HOH HOH AAA . 
E 4 HOH 36  336 32  HOH HOH AAA . 
E 4 HOH 37  337 230 HOH HOH AAA . 
E 4 HOH 38  338 197 HOH HOH AAA . 
E 4 HOH 39  339 85  HOH HOH AAA . 
E 4 HOH 40  340 41  HOH HOH AAA . 
E 4 HOH 41  341 122 HOH HOH AAA . 
E 4 HOH 42  342 94  HOH HOH AAA . 
E 4 HOH 43  343 195 HOH HOH AAA . 
E 4 HOH 44  344 1   HOH HOH AAA . 
E 4 HOH 45  345 8   HOH HOH AAA . 
E 4 HOH 46  346 273 HOH HOH AAA . 
E 4 HOH 47  347 39  HOH HOH AAA . 
E 4 HOH 48  348 180 HOH HOH AAA . 
E 4 HOH 49  349 177 HOH HOH AAA . 
E 4 HOH 50  350 23  HOH HOH AAA . 
E 4 HOH 51  351 186 HOH HOH AAA . 
E 4 HOH 52  352 57  HOH HOH AAA . 
E 4 HOH 53  353 53  HOH HOH AAA . 
E 4 HOH 54  354 34  HOH HOH AAA . 
E 4 HOH 55  355 79  HOH HOH AAA . 
E 4 HOH 56  356 194 HOH HOH AAA . 
E 4 HOH 57  357 133 HOH HOH AAA . 
E 4 HOH 58  358 54  HOH HOH AAA . 
E 4 HOH 59  359 110 HOH HOH AAA . 
E 4 HOH 60  360 33  HOH HOH AAA . 
E 4 HOH 61  361 82  HOH HOH AAA . 
E 4 HOH 62  362 81  HOH HOH AAA . 
E 4 HOH 63  363 161 HOH HOH AAA . 
E 4 HOH 64  364 44  HOH HOH AAA . 
E 4 HOH 65  365 14  HOH HOH AAA . 
E 4 HOH 66  366 257 HOH HOH AAA . 
E 4 HOH 67  367 48  HOH HOH AAA . 
E 4 HOH 68  368 103 HOH HOH AAA . 
E 4 HOH 69  369 171 HOH HOH AAA . 
E 4 HOH 70  370 15  HOH HOH AAA . 
E 4 HOH 71  371 19  HOH HOH AAA . 
E 4 HOH 72  372 263 HOH HOH AAA . 
E 4 HOH 73  373 139 HOH HOH AAA . 
E 4 HOH 74  374 42  HOH HOH AAA . 
E 4 HOH 75  375 5   HOH HOH AAA . 
E 4 HOH 76  376 207 HOH HOH AAA . 
E 4 HOH 77  377 22  HOH HOH AAA . 
E 4 HOH 78  378 240 HOH HOH AAA . 
E 4 HOH 79  379 131 HOH HOH AAA . 
E 4 HOH 80  380 45  HOH HOH AAA . 
E 4 HOH 81  381 46  HOH HOH AAA . 
E 4 HOH 82  382 272 HOH HOH AAA . 
E 4 HOH 83  383 51  HOH HOH AAA . 
E 4 HOH 84  384 244 HOH HOH AAA . 
E 4 HOH 85  385 25  HOH HOH AAA . 
E 4 HOH 86  386 50  HOH HOH AAA . 
E 4 HOH 87  387 52  HOH HOH AAA . 
E 4 HOH 88  388 148 HOH HOH AAA . 
E 4 HOH 89  389 18  HOH HOH AAA . 
E 4 HOH 90  390 212 HOH HOH AAA . 
E 4 HOH 91  391 276 HOH HOH AAA . 
E 4 HOH 92  392 9   HOH HOH AAA . 
E 4 HOH 93  393 26  HOH HOH AAA . 
E 4 HOH 94  394 3   HOH HOH AAA . 
E 4 HOH 95  395 7   HOH HOH AAA . 
E 4 HOH 96  396 245 HOH HOH AAA . 
E 4 HOH 97  397 104 HOH HOH AAA . 
E 4 HOH 98  398 168 HOH HOH AAA . 
E 4 HOH 99  399 20  HOH HOH AAA . 
E 4 HOH 100 400 11  HOH HOH AAA . 
E 4 HOH 101 401 229 HOH HOH AAA . 
E 4 HOH 102 402 77  HOH HOH AAA . 
E 4 HOH 103 403 264 HOH HOH AAA . 
E 4 HOH 104 404 38  HOH HOH AAA . 
E 4 HOH 105 405 190 HOH HOH AAA . 
E 4 HOH 106 406 191 HOH HOH AAA . 
E 4 HOH 107 407 166 HOH HOH AAA . 
E 4 HOH 108 408 13  HOH HOH AAA . 
E 4 HOH 109 409 241 HOH HOH AAA . 
E 4 HOH 110 410 55  HOH HOH AAA . 
E 4 HOH 111 411 43  HOH HOH AAA . 
E 4 HOH 112 412 95  HOH HOH AAA . 
E 4 HOH 113 413 64  HOH HOH AAA . 
E 4 HOH 114 414 17  HOH HOH AAA . 
E 4 HOH 115 415 88  HOH HOH AAA . 
E 4 HOH 116 416 278 HOH HOH AAA . 
E 4 HOH 117 417 63  HOH HOH AAA . 
E 4 HOH 118 418 279 HOH HOH AAA . 
E 4 HOH 119 419 10  HOH HOH AAA . 
E 4 HOH 120 420 61  HOH HOH AAA . 
E 4 HOH 121 421 60  HOH HOH AAA . 
E 4 HOH 122 422 72  HOH HOH AAA . 
E 4 HOH 123 423 113 HOH HOH AAA . 
E 4 HOH 124 424 149 HOH HOH AAA . 
E 4 HOH 125 425 35  HOH HOH AAA . 
E 4 HOH 126 426 108 HOH HOH AAA . 
E 4 HOH 127 427 123 HOH HOH AAA . 
E 4 HOH 128 428 47  HOH HOH AAA . 
E 4 HOH 129 429 80  HOH HOH AAA . 
E 4 HOH 130 430 30  HOH HOH AAA . 
E 4 HOH 131 431 31  HOH HOH AAA . 
E 4 HOH 132 432 97  HOH HOH AAA . 
E 4 HOH 133 433 254 HOH HOH AAA . 
E 4 HOH 134 434 193 HOH HOH AAA . 
E 4 HOH 135 435 127 HOH HOH AAA . 
E 4 HOH 136 436 211 HOH HOH AAA . 
E 4 HOH 137 437 70  HOH HOH AAA . 
E 4 HOH 138 438 236 HOH HOH AAA . 
E 4 HOH 139 439 196 HOH HOH AAA . 
E 4 HOH 140 440 218 HOH HOH AAA . 
E 4 HOH 141 441 86  HOH HOH AAA . 
E 4 HOH 142 442 259 HOH HOH AAA . 
E 4 HOH 143 443 252 HOH HOH AAA . 
E 4 HOH 144 444 114 HOH HOH AAA . 
E 4 HOH 145 445 255 HOH HOH AAA . 
E 4 HOH 146 446 220 HOH HOH AAA . 
E 4 HOH 147 447 237 HOH HOH AAA . 
E 4 HOH 148 448 239 HOH HOH AAA . 
E 4 HOH 149 449 129 HOH HOH AAA . 
E 4 HOH 150 450 277 HOH HOH AAA . 
E 4 HOH 151 451 12  HOH HOH AAA . 
E 4 HOH 152 452 265 HOH HOH AAA . 
E 4 HOH 153 453 217 HOH HOH AAA . 
E 4 HOH 154 454 219 HOH HOH AAA . 
E 4 HOH 155 455 128 HOH HOH AAA . 
E 4 HOH 156 456 185 HOH HOH AAA . 
E 4 HOH 157 457 58  HOH HOH AAA . 
E 4 HOH 158 458 173 HOH HOH AAA . 
E 4 HOH 159 459 222 HOH HOH AAA . 
E 4 HOH 160 460 202 HOH HOH AAA . 
E 4 HOH 161 461 117 HOH HOH AAA . 
E 4 HOH 162 462 213 HOH HOH AAA . 
E 4 HOH 163 463 172 HOH HOH AAA . 
E 4 HOH 164 464 56  HOH HOH AAA . 
E 4 HOH 165 465 235 HOH HOH AAA . 
E 4 HOH 166 466 201 HOH HOH AAA . 
E 4 HOH 167 467 116 HOH HOH AAA . 
E 4 HOH 168 468 66  HOH HOH AAA . 
E 4 HOH 169 469 96  HOH HOH AAA . 
E 4 HOH 170 470 155 HOH HOH AAA . 
E 4 HOH 171 471 208 HOH HOH AAA . 
E 4 HOH 172 472 225 HOH HOH AAA . 
E 4 HOH 173 473 92  HOH HOH AAA . 
E 4 HOH 174 474 138 HOH HOH AAA . 
E 4 HOH 175 475 169 HOH HOH AAA . 
E 4 HOH 176 476 71  HOH HOH AAA . 
E 4 HOH 177 477 199 HOH HOH AAA . 
E 4 HOH 178 478 124 HOH HOH AAA . 
E 4 HOH 179 479 256 HOH HOH AAA . 
E 4 HOH 180 480 187 HOH HOH AAA . 
E 4 HOH 181 481 89  HOH HOH AAA . 
E 4 HOH 182 482 115 HOH HOH AAA . 
E 4 HOH 183 483 189 HOH HOH AAA . 
E 4 HOH 184 484 102 HOH HOH AAA . 
E 4 HOH 185 485 210 HOH HOH AAA . 
E 4 HOH 186 486 120 HOH HOH AAA . 
E 4 HOH 187 487 158 HOH HOH AAA . 
# 
_pdbx_unobs_or_zero_occ_atoms.id               1 
_pdbx_unobs_or_zero_occ_atoms.PDB_model_num    1 
_pdbx_unobs_or_zero_occ_atoms.polymer_flag     Y 
_pdbx_unobs_or_zero_occ_atoms.occupancy_flag   1 
_pdbx_unobs_or_zero_occ_atoms.auth_asym_id     AAA 
_pdbx_unobs_or_zero_occ_atoms.auth_comp_id     LEU 
_pdbx_unobs_or_zero_occ_atoms.auth_seq_id      129 
_pdbx_unobs_or_zero_occ_atoms.PDB_ins_code     ? 
_pdbx_unobs_or_zero_occ_atoms.auth_atom_id     O 
_pdbx_unobs_or_zero_occ_atoms.label_alt_id     ? 
_pdbx_unobs_or_zero_occ_atoms.label_asym_id    A 
_pdbx_unobs_or_zero_occ_atoms.label_comp_id    LEU 
_pdbx_unobs_or_zero_occ_atoms.label_seq_id     129 
_pdbx_unobs_or_zero_occ_atoms.label_atom_id    O 
# 
loop_
_software.citation_id 
_software.classification 
_software.compiler_name 
_software.compiler_version 
_software.contact_author 
_software.contact_author_email 
_software.date 
_software.description 
_software.dependencies 
_software.hardware 
_software.language 
_software.location 
_software.mods 
_software.name 
_software.os 
_software.os_version 
_software.type 
_software.version 
_software.pdbx_ordinal 
? refinement       ? ? ? ? ? ? ? ? ? ? ? REFMAC   ? ? ? 5.8.0267 1 
? 'data reduction' ? ? ? ? ? ? ? ? ? ? ? autoPROC ? ? ? .        2 
? 'data scaling'   ? ? ? ? ? ? ? ? ? ? ? autoPROC ? ? ? .        3 
? phasing          ? ? ? ? ? ? ? ? ? ? ? PHASER   ? ? ? .        4 
# 
_cell.angle_alpha                  90.000 
_cell.angle_alpha_esd              ? 
_cell.angle_beta                   90.000 
_cell.angle_beta_esd               ? 
_cell.angle_gamma                  90.000 
_cell.angle_gamma_esd              ? 
_cell.entry_id                     8BPH 
_cell.details                      ? 
_cell.formula_units_Z              ? 
_cell.length_a                     77.190 
_cell.length_a_esd                 ? 
_cell.length_b                     77.190 
_cell.length_b_esd                 ? 
_cell.length_c                     37.830 
_cell.length_c_esd                 ? 
_cell.volume                       ? 
_cell.volume_esd                   ? 
_cell.Z_PDB                        8 
_cell.reciprocal_angle_alpha       ? 
_cell.reciprocal_angle_beta        ? 
_cell.reciprocal_angle_gamma       ? 
_cell.reciprocal_angle_alpha_esd   ? 
_cell.reciprocal_angle_beta_esd    ? 
_cell.reciprocal_angle_gamma_esd   ? 
_cell.reciprocal_length_a          ? 
_cell.reciprocal_length_b          ? 
_cell.reciprocal_length_c          ? 
_cell.reciprocal_length_a_esd      ? 
_cell.reciprocal_length_b_esd      ? 
_cell.reciprocal_length_c_esd      ? 
_cell.pdbx_unique_axis             ? 
_cell.pdbx_esd_method              ? 
# 
_symmetry.entry_id                         8BPH 
_symmetry.cell_setting                     ? 
_symmetry.Int_Tables_number                96 
_symmetry.space_group_name_Hall            ? 
_symmetry.space_group_name_H-M             'P 43 21 2' 
_symmetry.pdbx_full_space_group_name_H-M   ? 
# 
_exptl.absorpt_coefficient_mu     ? 
_exptl.absorpt_correction_T_max   ? 
_exptl.absorpt_correction_T_min   ? 
_exptl.absorpt_correction_type    ? 
_exptl.absorpt_process_details    ? 
_exptl.entry_id                   8BPH 
_exptl.crystals_number            1 
_exptl.details                    ? 
_exptl.method                     'X-RAY DIFFRACTION' 
_exptl.method_details             ? 
# 
_exptl_crystal.colour                       ? 
_exptl_crystal.density_diffrn               ? 
_exptl_crystal.density_Matthews             1.97 
_exptl_crystal.density_method               ? 
_exptl_crystal.density_percent_sol          37.44 
_exptl_crystal.description                  ? 
_exptl_crystal.F_000                        ? 
_exptl_crystal.id                           1 
_exptl_crystal.preparation                  ? 
_exptl_crystal.size_max                     ? 
_exptl_crystal.size_mid                     ? 
_exptl_crystal.size_min                     ? 
_exptl_crystal.size_rad                     ? 
_exptl_crystal.colour_lustre                ? 
_exptl_crystal.colour_modifier              ? 
_exptl_crystal.colour_primary               ? 
_exptl_crystal.density_meas                 ? 
_exptl_crystal.density_meas_esd             ? 
_exptl_crystal.density_meas_gt              ? 
_exptl_crystal.density_meas_lt              ? 
_exptl_crystal.density_meas_temp            ? 
_exptl_crystal.density_meas_temp_esd        ? 
_exptl_crystal.density_meas_temp_gt         ? 
_exptl_crystal.density_meas_temp_lt         ? 
_exptl_crystal.pdbx_crystal_image_url       ? 
_exptl_crystal.pdbx_crystal_image_format    ? 
_exptl_crystal.pdbx_mosaicity               ? 
_exptl_crystal.pdbx_mosaicity_esd           ? 
_exptl_crystal.pdbx_mosaic_method           ? 
_exptl_crystal.pdbx_mosaic_block_size       ? 
_exptl_crystal.pdbx_mosaic_block_size_esd   ? 
# 
_exptl_crystal_grow.apparatus       ? 
_exptl_crystal_grow.atmosphere      ? 
_exptl_crystal_grow.crystal_id      1 
_exptl_crystal_grow.details         ? 
_exptl_crystal_grow.method          'VAPOR DIFFUSION, HANGING DROP' 
_exptl_crystal_grow.method_ref      ? 
_exptl_crystal_grow.pH              7.0 
_exptl_crystal_grow.pressure        ? 
_exptl_crystal_grow.pressure_esd    ? 
_exptl_crystal_grow.seeding         ? 
_exptl_crystal_grow.seeding_ref     ? 
_exptl_crystal_grow.temp            293 
_exptl_crystal_grow.temp_details    ? 
_exptl_crystal_grow.temp_esd        ? 
_exptl_crystal_grow.time            ? 
_exptl_crystal_grow.pdbx_details    '0.8 M succinic acid' 
_exptl_crystal_grow.pdbx_pH_range   ? 
# 
_diffrn.ambient_environment              ? 
_diffrn.ambient_temp                     100 
_diffrn.ambient_temp_details             ? 
_diffrn.ambient_temp_esd                 ? 
_diffrn.crystal_id                       1 
_diffrn.crystal_support                  ? 
_diffrn.crystal_treatment                ? 
_diffrn.details                          ? 
_diffrn.id                               1 
_diffrn.ambient_pressure                 ? 
_diffrn.ambient_pressure_esd             ? 
_diffrn.ambient_pressure_gt              ? 
_diffrn.ambient_pressure_lt              ? 
_diffrn.ambient_temp_gt                  ? 
_diffrn.ambient_temp_lt                  ? 
_diffrn.pdbx_serial_crystal_experiment   N 
# 
_diffrn_detector.details                      ? 
_diffrn_detector.detector                     PIXEL 
_diffrn_detector.diffrn_id                    1 
_diffrn_detector.type                         'DECTRIS PILATUS 6M' 
_diffrn_detector.area_resol_mean              ? 
_diffrn_detector.dtime                        ? 
_diffrn_detector.pdbx_frames_total            ? 
_diffrn_detector.pdbx_collection_time_total   ? 
_diffrn_detector.pdbx_collection_date         2022-06-17 
_diffrn_detector.pdbx_frequency               ? 
# 
_diffrn_radiation.collimation                      ? 
_diffrn_radiation.diffrn_id                        1 
_diffrn_radiation.filter_edge                      ? 
_diffrn_radiation.inhomogeneity                    ? 
_diffrn_radiation.monochromator                    ? 
_diffrn_radiation.polarisn_norm                    ? 
_diffrn_radiation.polarisn_ratio                   ? 
_diffrn_radiation.probe                            ? 
_diffrn_radiation.type                             ? 
_diffrn_radiation.xray_symbol                      ? 
_diffrn_radiation.wavelength_id                    1 
_diffrn_radiation.pdbx_monochromatic_or_laue_m_l   M 
_diffrn_radiation.pdbx_wavelength_list             ? 
_diffrn_radiation.pdbx_wavelength                  ? 
_diffrn_radiation.pdbx_diffrn_protocol             'SINGLE WAVELENGTH' 
_diffrn_radiation.pdbx_analyzer                    ? 
_diffrn_radiation.pdbx_scattering_type             x-ray 
# 
_diffrn_radiation_wavelength.id           1 
_diffrn_radiation_wavelength.wavelength   1.00 
_diffrn_radiation_wavelength.wt           1.0 
# 
_diffrn_source.current                     ? 
_diffrn_source.details                     ? 
_diffrn_source.diffrn_id                   1 
_diffrn_source.power                       ? 
_diffrn_source.size                        ? 
_diffrn_source.source                      SYNCHROTRON 
_diffrn_source.target                      ? 
_diffrn_source.type                        'ELETTRA BEAMLINE 11.2C' 
_diffrn_source.voltage                     ? 
_diffrn_source.take-off_angle              ? 
_diffrn_source.pdbx_wavelength_list        1.00 
_diffrn_source.pdbx_wavelength             ? 
_diffrn_source.pdbx_synchrotron_beamline   11.2C 
_diffrn_source.pdbx_synchrotron_site       ELETTRA 
# 
_reflns.B_iso_Wilson_estimate                          ? 
_reflns.entry_id                                       8BPH 
_reflns.data_reduction_details                         ? 
_reflns.data_reduction_method                          ? 
_reflns.d_resolution_high                              1.07 
_reflns.d_resolution_low                               38.603 
_reflns.details                                        ? 
_reflns.limit_h_max                                    ? 
_reflns.limit_h_min                                    ? 
_reflns.limit_k_max                                    ? 
_reflns.limit_k_min                                    ? 
_reflns.limit_l_max                                    ? 
_reflns.limit_l_min                                    ? 
_reflns.number_all                                     ? 
_reflns.number_obs                                     949875 
_reflns.observed_criterion                             ? 
_reflns.observed_criterion_F_max                       ? 
_reflns.observed_criterion_F_min                       ? 
_reflns.observed_criterion_I_max                       ? 
_reflns.observed_criterion_I_min                       ? 
_reflns.observed_criterion_sigma_F                     ? 
_reflns.observed_criterion_sigma_I                     ? 
_reflns.percent_possible_obs                           96.8 
_reflns.R_free_details                                 ? 
_reflns.Rmerge_F_all                                   ? 
_reflns.Rmerge_F_obs                                   ? 
_reflns.Friedel_coverage                               ? 
_reflns.number_gt                                      ? 
_reflns.threshold_expression                           ? 
_reflns.pdbx_redundancy                                19.3 
_reflns.pdbx_Rmerge_I_obs                              0.042 
_reflns.pdbx_Rmerge_I_all                              ? 
_reflns.pdbx_Rsym_value                                ? 
_reflns.pdbx_netI_over_av_sigmaI                       ? 
_reflns.pdbx_netI_over_sigmaI                          33.8 
_reflns.pdbx_res_netI_over_av_sigmaI_2                 ? 
_reflns.pdbx_res_netI_over_sigmaI_2                    ? 
_reflns.pdbx_chi_squared                               ? 
_reflns.pdbx_scaling_rejects                           ? 
_reflns.pdbx_d_res_high_opt                            ? 
_reflns.pdbx_d_res_low_opt                             ? 
_reflns.pdbx_d_res_opt_method                          ? 
_reflns.phase_calculation_details                      ? 
_reflns.pdbx_Rrim_I_all                                ? 
_reflns.pdbx_Rpim_I_all                                ? 
_reflns.pdbx_d_opt                                     ? 
_reflns.pdbx_number_measured_all                       ? 
_reflns.pdbx_diffrn_id                                 1 
_reflns.pdbx_ordinal                                   1 
_reflns.pdbx_CC_half                                   1.000 
_reflns.pdbx_CC_star                                   ? 
_reflns.pdbx_R_split                                   ? 
_reflns.pdbx_aniso_diffraction_limit_axis_1_ortho[1]   ? 
_reflns.pdbx_aniso_diffraction_limit_axis_1_ortho[2]   ? 
_reflns.pdbx_aniso_diffraction_limit_axis_1_ortho[3]   ? 
_reflns.pdbx_aniso_diffraction_limit_axis_2_ortho[1]   ? 
_reflns.pdbx_aniso_diffraction_limit_axis_2_ortho[2]   ? 
_reflns.pdbx_aniso_diffraction_limit_axis_2_ortho[3]   ? 
_reflns.pdbx_aniso_diffraction_limit_axis_3_ortho[1]   ? 
_reflns.pdbx_aniso_diffraction_limit_axis_3_ortho[2]   ? 
_reflns.pdbx_aniso_diffraction_limit_axis_3_ortho[3]   ? 
_reflns.pdbx_aniso_diffraction_limit_1                 ? 
_reflns.pdbx_aniso_diffraction_limit_2                 ? 
_reflns.pdbx_aniso_diffraction_limit_3                 ? 
_reflns.pdbx_aniso_B_tensor_eigenvector_1_ortho[1]     ? 
_reflns.pdbx_aniso_B_tensor_eigenvector_1_ortho[2]     ? 
_reflns.pdbx_aniso_B_tensor_eigenvector_1_ortho[3]     ? 
_reflns.pdbx_aniso_B_tensor_eigenvector_2_ortho[1]     ? 
_reflns.pdbx_aniso_B_tensor_eigenvector_2_ortho[2]     ? 
_reflns.pdbx_aniso_B_tensor_eigenvector_2_ortho[3]     ? 
_reflns.pdbx_aniso_B_tensor_eigenvector_3_ortho[1]     ? 
_reflns.pdbx_aniso_B_tensor_eigenvector_3_ortho[2]     ? 
_reflns.pdbx_aniso_B_tensor_eigenvector_3_ortho[3]     ? 
_reflns.pdbx_aniso_B_tensor_eigenvalue_1               ? 
_reflns.pdbx_aniso_B_tensor_eigenvalue_2               ? 
_reflns.pdbx_aniso_B_tensor_eigenvalue_3               ? 
_reflns.pdbx_orthogonalization_convention              ? 
_reflns.pdbx_percent_possible_ellipsoidal              ? 
_reflns.pdbx_percent_possible_spherical                ? 
_reflns.pdbx_percent_possible_ellipsoidal_anomalous    ? 
_reflns.pdbx_percent_possible_spherical_anomalous      ? 
_reflns.pdbx_redundancy_anomalous                      ? 
_reflns.pdbx_CC_half_anomalous                         ? 
_reflns.pdbx_absDiff_over_sigma_anomalous              ? 
_reflns.pdbx_percent_possible_anomalous                ? 
_reflns.pdbx_observed_signal_threshold                 ? 
_reflns.pdbx_signal_type                               ? 
_reflns.pdbx_signal_details                            ? 
_reflns.pdbx_signal_software_id                        ? 
_reflns.pdbx_CC_split_method                           ? 
# 
_reflns_shell.d_res_high                                    1.07 
_reflns_shell.d_res_low                                     1.09 
_reflns_shell.meanI_over_sigI_all                           ? 
_reflns_shell.meanI_over_sigI_obs                           2.8 
_reflns_shell.number_measured_all                           ? 
_reflns_shell.number_measured_obs                           ? 
_reflns_shell.number_possible                               ? 
_reflns_shell.number_unique_all                             ? 
_reflns_shell.number_unique_obs                             16689 
_reflns_shell.percent_possible_all                          ? 
_reflns_shell.percent_possible_obs                          ? 
_reflns_shell.Rmerge_F_all                                  ? 
_reflns_shell.Rmerge_F_obs                                  ? 
_reflns_shell.Rmerge_I_all                                  ? 
_reflns_shell.Rmerge_I_obs                                  0.809 
_reflns_shell.meanI_over_sigI_gt                            ? 
_reflns_shell.meanI_over_uI_all                             ? 
_reflns_shell.meanI_over_uI_gt                              ? 
_reflns_shell.number_measured_gt                            ? 
_reflns_shell.number_unique_gt                              ? 
_reflns_shell.percent_possible_gt                           ? 
_reflns_shell.Rmerge_F_gt                                   ? 
_reflns_shell.Rmerge_I_gt                                   ? 
_reflns_shell.pdbx_redundancy                               ? 
_reflns_shell.pdbx_Rsym_value                               ? 
_reflns_shell.pdbx_chi_squared                              ? 
_reflns_shell.pdbx_netI_over_sigmaI_all                     ? 
_reflns_shell.pdbx_netI_over_sigmaI_obs                     ? 
_reflns_shell.pdbx_Rrim_I_all                               ? 
_reflns_shell.pdbx_Rpim_I_all                               ? 
_reflns_shell.pdbx_rejects                                  ? 
_reflns_shell.pdbx_ordinal                                  1 
_reflns_shell.pdbx_diffrn_id                                1 
_reflns_shell.pdbx_CC_half                                  0.830 
_reflns_shell.pdbx_CC_star                                  ? 
_reflns_shell.pdbx_R_split                                  ? 
_reflns_shell.pdbx_percent_possible_ellipsoidal             ? 
_reflns_shell.pdbx_percent_possible_spherical               ? 
_reflns_shell.pdbx_percent_possible_ellipsoidal_anomalous   ? 
_reflns_shell.pdbx_percent_possible_spherical_anomalous     ? 
_reflns_shell.pdbx_redundancy_anomalous                     ? 
_reflns_shell.pdbx_CC_half_anomalous                        ? 
_reflns_shell.pdbx_absDiff_over_sigma_anomalous             ? 
_reflns_shell.pdbx_percent_possible_anomalous               ? 
# 
_refine.aniso_B[1][1]                            -0.059 
_refine.aniso_B[1][2]                            0.000 
_refine.aniso_B[1][3]                            0.000 
_refine.aniso_B[2][2]                            -0.059 
_refine.aniso_B[2][3]                            0.000 
_refine.aniso_B[3][3]                            0.117 
_refine.B_iso_max                                ? 
_refine.B_iso_mean                               15.021 
_refine.B_iso_min                                ? 
_refine.correlation_coeff_Fo_to_Fc               0.971 
_refine.correlation_coeff_Fo_to_Fc_free          0.964 
_refine.details                                  'Hydrogens have been added in their riding positions' 
_refine.diff_density_max                         ? 
_refine.diff_density_max_esd                     ? 
_refine.diff_density_min                         ? 
_refine.diff_density_min_esd                     ? 
_refine.diff_density_rms                         ? 
_refine.diff_density_rms_esd                     ? 
_refine.entry_id                                 8BPH 
_refine.pdbx_refine_id                           'X-RAY DIFFRACTION' 
_refine.ls_abs_structure_details                 ? 
_refine.ls_abs_structure_Flack                   ? 
_refine.ls_abs_structure_Flack_esd               ? 
_refine.ls_abs_structure_Rogers                  ? 
_refine.ls_abs_structure_Rogers_esd              ? 
_refine.ls_d_res_high                            1.070 
_refine.ls_d_res_low                             38.603 
_refine.ls_extinction_coef                       ? 
_refine.ls_extinction_coef_esd                   ? 
_refine.ls_extinction_expression                 ? 
_refine.ls_extinction_method                     ? 
_refine.ls_goodness_of_fit_all                   ? 
_refine.ls_goodness_of_fit_all_esd               ? 
_refine.ls_goodness_of_fit_obs                   ? 
_refine.ls_goodness_of_fit_obs_esd               ? 
_refine.ls_hydrogen_treatment                    ? 
_refine.ls_matrix_type                           ? 
_refine.ls_number_constraints                    ? 
_refine.ls_number_parameters                     ? 
_refine.ls_number_reflns_all                     ? 
_refine.ls_number_reflns_obs                     48803 
_refine.ls_number_reflns_R_free                  2421 
_refine.ls_number_reflns_R_work                  46382 
_refine.ls_number_restraints                     ? 
_refine.ls_percent_reflns_obs                    95.876 
_refine.ls_percent_reflns_R_free                 4.961 
_refine.ls_R_factor_all                          0.187 
_refine.ls_R_factor_obs                          ? 
_refine.ls_R_factor_R_free                       0.2091 
_refine.ls_R_factor_R_free_error                 ? 
_refine.ls_R_factor_R_free_error_details         ? 
_refine.ls_R_factor_R_work                       0.1857 
_refine.ls_R_Fsqd_factor_obs                     ? 
_refine.ls_R_I_factor_obs                        ? 
_refine.ls_redundancy_reflns_all                 ? 
_refine.ls_redundancy_reflns_obs                 ? 
_refine.ls_restrained_S_all                      ? 
_refine.ls_restrained_S_obs                      ? 
_refine.ls_shift_over_esd_max                    ? 
_refine.ls_shift_over_esd_mean                   ? 
_refine.ls_structure_factor_coef                 ? 
_refine.ls_weighting_details                     ? 
_refine.ls_weighting_scheme                      ? 
_refine.ls_wR_factor_all                         ? 
_refine.ls_wR_factor_obs                         ? 
_refine.ls_wR_factor_R_free                      0.216 
_refine.ls_wR_factor_R_work                      0.185 
_refine.occupancy_max                            ? 
_refine.occupancy_min                            ? 
_refine.solvent_model_details                    'MASK BULK SOLVENT' 
_refine.solvent_model_param_bsol                 ? 
_refine.solvent_model_param_ksol                 ? 
_refine.pdbx_R_complete                          ? 
_refine.ls_R_factor_gt                           ? 
_refine.ls_goodness_of_fit_gt                    ? 
_refine.ls_goodness_of_fit_ref                   ? 
_refine.ls_shift_over_su_max                     ? 
_refine.ls_shift_over_su_max_lt                  ? 
_refine.ls_shift_over_su_mean                    ? 
_refine.ls_shift_over_su_mean_lt                 ? 
_refine.pdbx_ls_sigma_I                          ? 
_refine.pdbx_ls_sigma_F                          ? 
_refine.pdbx_ls_sigma_Fsqd                       ? 
_refine.pdbx_data_cutoff_high_absF               ? 
_refine.pdbx_data_cutoff_high_rms_absF           ? 
_refine.pdbx_data_cutoff_low_absF                ? 
_refine.pdbx_isotropic_thermal_model             ? 
_refine.pdbx_ls_cross_valid_method               'FREE R-VALUE' 
_refine.pdbx_method_to_determine_struct          'MOLECULAR REPLACEMENT' 
_refine.pdbx_starting_model                      193L 
_refine.pdbx_stereochemistry_target_values       ? 
_refine.pdbx_R_Free_selection_details            ? 
_refine.pdbx_stereochem_target_val_spec_case     ? 
_refine.pdbx_overall_ESU_R                       0.037 
_refine.pdbx_overall_ESU_R_Free                  0.039 
_refine.pdbx_solvent_vdw_probe_radii             1.200 
_refine.pdbx_solvent_ion_probe_radii             0.800 
_refine.pdbx_solvent_shrinkage_radii             0.800 
_refine.pdbx_real_space_R                        ? 
_refine.pdbx_density_correlation                 ? 
_refine.pdbx_pd_number_of_powder_patterns        ? 
_refine.pdbx_pd_number_of_points                 ? 
_refine.pdbx_pd_meas_number_of_points            ? 
_refine.pdbx_pd_proc_ls_prof_R_factor            ? 
_refine.pdbx_pd_proc_ls_prof_wR_factor           ? 
_refine.pdbx_pd_Marquardt_correlation_coeff      ? 
_refine.pdbx_pd_Fsqrd_R_factor                   ? 
_refine.pdbx_pd_ls_matrix_band_width             ? 
_refine.pdbx_overall_phase_error                 ? 
_refine.pdbx_overall_SU_R_free_Cruickshank_DPI   ? 
_refine.pdbx_overall_SU_R_free_Blow_DPI          ? 
_refine.pdbx_overall_SU_R_Blow_DPI               ? 
_refine.pdbx_TLS_residual_ADP_flag               ? 
_refine.pdbx_diffrn_id                           1 
_refine.overall_SU_B                             0.600 
_refine.overall_SU_ML                            0.029 
_refine.overall_SU_R_Cruickshank_DPI             ? 
_refine.overall_SU_R_free                        ? 
_refine.overall_FOM_free_R_set                   ? 
_refine.overall_FOM_work_R_set                   ? 
_refine.pdbx_average_fsc_overall                 ? 
_refine.pdbx_average_fsc_work                    0.9184 
_refine.pdbx_average_fsc_free                    0.9137 
# 
_refine_hist.pdbx_refine_id                   'X-RAY DIFFRACTION' 
_refine_hist.cycle_id                         LAST 
_refine_hist.details                          ? 
_refine_hist.d_res_high                       1.070 
_refine_hist.d_res_low                        38.603 
_refine_hist.number_atoms_solvent             187 
_refine_hist.number_atoms_total               1214 
_refine_hist.number_reflns_all                ? 
_refine_hist.number_reflns_obs                ? 
_refine_hist.number_reflns_R_free             ? 
_refine_hist.number_reflns_R_work             ? 
_refine_hist.R_factor_all                     ? 
_refine_hist.R_factor_obs                     ? 
_refine_hist.R_factor_R_free                  ? 
_refine_hist.R_factor_R_work                  ? 
_refine_hist.pdbx_number_residues_total       ? 
_refine_hist.pdbx_B_iso_mean_ligand           ? 
_refine_hist.pdbx_B_iso_mean_solvent          ? 
_refine_hist.pdbx_number_atoms_protein        992 
_refine_hist.pdbx_number_atoms_nucleic_acid   0 
_refine_hist.pdbx_number_atoms_ligand         35 
_refine_hist.pdbx_number_atoms_lipid          ? 
_refine_hist.pdbx_number_atoms_carb           ? 
_refine_hist.pdbx_pseudo_atom_details         ? 
# 
loop_
_refine_ls_restr.pdbx_refine_id 
_refine_ls_restr.criterion 
_refine_ls_restr.dev_ideal 
_refine_ls_restr.dev_ideal_target 
_refine_ls_restr.number 
_refine_ls_restr.rejects 
_refine_ls_restr.type 
_refine_ls_restr.weight 
_refine_ls_restr.pdbx_restraint_function 
'X-RAY DIFFRACTION' ? 0.016  0.013  1122 ? r_bond_refined_d               ? ? 
'X-RAY DIFFRACTION' ? 0.001  0.014  1025 ? r_bond_other_d                 ? ? 
'X-RAY DIFFRACTION' ? 2.065  1.670  1539 ? r_angle_refined_deg            ? ? 
'X-RAY DIFFRACTION' ? 1.686  1.599  2339 ? r_angle_other_deg              ? ? 
'X-RAY DIFFRACTION' ? 6.821  5.000  140  ? r_dihedral_angle_1_deg         ? ? 
'X-RAY DIFFRACTION' ? 30.714 19.853 68   ? r_dihedral_angle_2_deg         ? ? 
'X-RAY DIFFRACTION' ? 15.227 15.000 183  ? r_dihedral_angle_3_deg         ? ? 
'X-RAY DIFFRACTION' ? 16.766 15.000 14   ? r_dihedral_angle_4_deg         ? ? 
'X-RAY DIFFRACTION' ? 0.121  0.200  139  ? r_chiral_restr                 ? ? 
'X-RAY DIFFRACTION' ? 0.012  0.020  1317 ? r_gen_planes_refined           ? ? 
'X-RAY DIFFRACTION' ? 0.003  0.020  307  ? r_gen_planes_other             ? ? 
'X-RAY DIFFRACTION' ? 0.274  0.200  288  ? r_nbd_refined                  ? ? 
'X-RAY DIFFRACTION' ? 0.224  0.200  980  ? r_symmetry_nbd_other           ? ? 
'X-RAY DIFFRACTION' ? 0.184  0.200  531  ? r_nbtor_refined                ? ? 
'X-RAY DIFFRACTION' ? 0.091  0.200  485  ? r_symmetry_nbtor_other         ? ? 
'X-RAY DIFFRACTION' ? 0.242  0.200  140  ? r_xyhbond_nbd_refined          ? ? 
'X-RAY DIFFRACTION' ? 0.080  0.200  2    ? r_symmetry_xyhbond_nbd_other   ? ? 
'X-RAY DIFFRACTION' ? 0.239  0.200  11   ? r_symmetry_nbd_refined         ? ? 
'X-RAY DIFFRACTION' ? 0.248  0.200  49   ? r_nbd_other                    ? ? 
'X-RAY DIFFRACTION' ? 0.219  0.200  35   ? r_symmetry_xyhbond_nbd_refined ? ? 
'X-RAY DIFFRACTION' ? 1.364  1.244  547  ? r_mcbond_it                    ? ? 
'X-RAY DIFFRACTION' ? 1.330  1.244  547  ? r_mcbond_other                 ? ? 
'X-RAY DIFFRACTION' ? 2.047  1.875  691  ? r_mcangle_it                   ? ? 
'X-RAY DIFFRACTION' ? 2.064  1.878  692  ? r_mcangle_other                ? ? 
'X-RAY DIFFRACTION' ? 2.371  1.597  575  ? r_scbond_it                    ? ? 
'X-RAY DIFFRACTION' ? 2.381  1.568  557  ? r_scbond_other                 ? ? 
'X-RAY DIFFRACTION' ? 3.647  2.310  848  ? r_scangle_it                   ? ? 
'X-RAY DIFFRACTION' ? 3.709  2.249  813  ? r_scangle_other                ? ? 
'X-RAY DIFFRACTION' ? 7.999  17.351 1441 ? r_lrange_it                    ? ? 
'X-RAY DIFFRACTION' ? 7.630  16.480 1381 ? r_lrange_other                 ? ? 
# 
loop_
_refine_ls_shell.pdbx_refine_id 
_refine_ls_shell.d_res_high 
_refine_ls_shell.d_res_low 
_refine_ls_shell.number_reflns_all 
_refine_ls_shell.number_reflns_obs 
_refine_ls_shell.number_reflns_R_free 
_refine_ls_shell.number_reflns_R_work 
_refine_ls_shell.percent_reflns_obs 
_refine_ls_shell.percent_reflns_R_free 
_refine_ls_shell.R_factor_all 
_refine_ls_shell.R_factor_obs 
_refine_ls_shell.R_factor_R_free 
_refine_ls_shell.R_factor_R_free_error 
_refine_ls_shell.R_factor_R_work 
_refine_ls_shell.redundancy_reflns_all 
_refine_ls_shell.redundancy_reflns_obs 
_refine_ls_shell.wR_factor_all 
_refine_ls_shell.wR_factor_obs 
_refine_ls_shell.wR_factor_R_free 
_refine_ls_shell.wR_factor_R_work 
_refine_ls_shell.pdbx_R_complete 
_refine_ls_shell.pdbx_total_number_of_bins_used 
_refine_ls_shell.pdbx_phase_error 
_refine_ls_shell.pdbx_fsc_work 
_refine_ls_shell.pdbx_fsc_free 
'X-RAY DIFFRACTION' 1.070 1.098  3710 . 95  2225 62.5337  . 0.353 . 0.334 . 0.354 . . . . . 0.320 . 20 . 0.758 0.770 
'X-RAY DIFFRACTION' 1.098 1.128  3602 . 164 2999 87.8123  . 0.314 . 0.314 . 0.314 . . . . . 0.264 . 20 . 0.832 0.813 
'X-RAY DIFFRACTION' 1.128 1.160  3527 . 200 3318 99.7448  . 0.257 . 0.247 . 0.257 . . . . . 0.211 . 20 . 0.881 0.896 
'X-RAY DIFFRACTION' 1.160 1.196  3407 . 156 3251 100.0000 . 0.242 . 0.220 . 0.243 . . . . . 0.197 . 20 . 0.905 0.916 
'X-RAY DIFFRACTION' 1.196 1.235  3300 . 156 3039 96.8182  . 0.296 . 0.316 . 0.295 . . . . . 0.229 . 20 . 0.861 0.855 
'X-RAY DIFFRACTION' 1.235 1.279  3214 . 139 3075 100.0000 . 0.224 . 0.231 . 0.224 . . . . . 0.179 . 20 . 0.925 0.924 
'X-RAY DIFFRACTION' 1.279 1.327  3116 . 168 2841 96.5661  . 0.266 . 0.302 . 0.264 . . . . . 0.209 . 20 . 0.898 0.885 
'X-RAY DIFFRACTION' 1.327 1.381  2995 . 165 2830 100.0000 . 0.202 . 0.245 . 0.200 . . . . . 0.167 . 20 . 0.941 0.926 
'X-RAY DIFFRACTION' 1.381 1.442  2867 . 136 2727 99.8605  . 0.197 . 0.229 . 0.195 . . . . . 0.165 . 20 . 0.947 0.933 
'X-RAY DIFFRACTION' 1.442 1.513  2764 . 149 2606 99.6744  . 0.182 . 0.201 . 0.180 . . . . . 0.160 . 20 . 0.956 0.954 
'X-RAY DIFFRACTION' 1.513 1.594  2620 . 131 2489 100.0000 . 0.172 . 0.203 . 0.171 . . . . . 0.158 . 20 . 0.959 0.945 
'X-RAY DIFFRACTION' 1.594 1.691  2482 . 116 2366 100.0000 . 0.167 . 0.206 . 0.165 . . . . . 0.160 . 20 . 0.963 0.954 
'X-RAY DIFFRACTION' 1.691 1.807  2363 . 119 2244 100.0000 . 0.173 . 0.237 . 0.169 . . . . . 0.172 . 20 . 0.956 0.933 
'X-RAY DIFFRACTION' 1.807 1.952  2181 . 97  2075 99.5873  . 0.194 . 0.209 . 0.194 . . . . . 0.198 . 20 . 0.949 0.942 
'X-RAY DIFFRACTION' 1.952 2.138  2031 . 104 1926 99.9508  . 0.163 . 0.210 . 0.161 . . . . . 0.180 . 20 . 0.964 0.950 
'X-RAY DIFFRACTION' 2.138 2.389  1852 . 81  1769 99.8920  . 0.156 . 0.163 . 0.155 . . . . . 0.173 . 20 . 0.971 0.970 
'X-RAY DIFFRACTION' 2.389 2.757  1647 . 81  1565 99.9393  . 0.162 . 0.179 . 0.161 . . . . . 0.193 . 20 . 0.964 0.960 
'X-RAY DIFFRACTION' 2.757 3.372  1408 . 65  1341 99.8580  . 0.160 . 0.159 . 0.160 . . . . . 0.195 . 20 . 0.968 0.972 
'X-RAY DIFFRACTION' 3.372 4.751  1131 . 56  1068 99.3811  . 0.151 . 0.156 . 0.151 . . . . . 0.195 . 20 . 0.976 0.978 
'X-RAY DIFFRACTION' 4.751 38.603 678  . 43  627  98.8201  . 0.243 . 0.306 . 0.239 . . . . . 0.305 . 20 . 0.959 0.954 
# 
_struct.entry_id                     8BPH 
_struct.title                        
'X-ray structure of the adduct formed upon reaction of Lysozyme with [Ru2Cl(D-p-FPhF)(O2CCH3)3] (Structure 3)' 
_struct.pdbx_model_details           ? 
_struct.pdbx_formula_weight          ? 
_struct.pdbx_formula_weight_method   ? 
_struct.pdbx_model_type_details      ? 
_struct.pdbx_CASP_flag               N 
# 
_struct_keywords.entry_id        8BPH 
_struct_keywords.text            'ruthenium, protein interaction, metallodrug, diruthenium, HYDROLASE' 
_struct_keywords.pdbx_keywords   HYDROLASE 
# 
loop_
_struct_asym.id 
_struct_asym.pdbx_blank_PDB_chainid_flag 
_struct_asym.pdbx_modified 
_struct_asym.entity_id 
_struct_asym.details 
A N N 1 ? 
B N N 2 ? 
C N N 3 ? 
D N N 3 ? 
E N N 4 ? 
# 
_struct_ref.id                         1 
_struct_ref.db_name                    UNP 
_struct_ref.db_code                    LYSC_CHICK 
_struct_ref.pdbx_db_accession          P00698 
_struct_ref.pdbx_db_isoform            ? 
_struct_ref.entity_id                  1 
_struct_ref.pdbx_seq_one_letter_code   
;KVFGRCELAAAMKRHGLDNYRGYSLGNWVCAAKFESNFNTQATNRNTDGSTDYGILQINSRWWCNDGRTPGSRNLCNIPC
SALLSSDITASVNCAKKIVSDGNGMNAWVAWRNRCKGTDVQAWIRGCRL
;
_struct_ref.pdbx_align_begin           19 
# 
_struct_ref_seq.align_id                      1 
_struct_ref_seq.ref_id                        1 
_struct_ref_seq.pdbx_PDB_id_code              8BPH 
_struct_ref_seq.pdbx_strand_id                AAA 
_struct_ref_seq.seq_align_beg                 1 
_struct_ref_seq.pdbx_seq_align_beg_ins_code   ? 
_struct_ref_seq.seq_align_end                 129 
_struct_ref_seq.pdbx_seq_align_end_ins_code   ? 
_struct_ref_seq.pdbx_db_accession             P00698 
_struct_ref_seq.db_align_beg                  19 
_struct_ref_seq.pdbx_db_align_beg_ins_code    ? 
_struct_ref_seq.db_align_end                  147 
_struct_ref_seq.pdbx_db_align_end_ins_code    ? 
_struct_ref_seq.pdbx_auth_seq_align_beg       1 
_struct_ref_seq.pdbx_auth_seq_align_end       129 
# 
_pdbx_struct_assembly.id                   1 
_pdbx_struct_assembly.details              author_and_software_defined_assembly 
_pdbx_struct_assembly.method_details       PISA 
_pdbx_struct_assembly.oligomeric_details   monomeric 
_pdbx_struct_assembly.oligomeric_count     1 
# 
loop_
_pdbx_struct_assembly_prop.biol_id 
_pdbx_struct_assembly_prop.type 
_pdbx_struct_assembly_prop.value 
_pdbx_struct_assembly_prop.details 
1 'ABSA (A^2)' 160  ? 
1 MORE         1    ? 
1 'SSA (A^2)'  6920 ? 
# 
_pdbx_struct_assembly_gen.assembly_id       1 
_pdbx_struct_assembly_gen.oper_expression   1 
_pdbx_struct_assembly_gen.asym_id_list      A,B,C,D,E 
# 
_pdbx_struct_assembly_auth_evidence.id                     1 
_pdbx_struct_assembly_auth_evidence.assembly_id            1 
_pdbx_struct_assembly_auth_evidence.experimental_support   none 
_pdbx_struct_assembly_auth_evidence.details                ? 
# 
_pdbx_struct_oper_list.id                   1 
_pdbx_struct_oper_list.type                 'identity operation' 
_pdbx_struct_oper_list.name                 1_555 
_pdbx_struct_oper_list.symmetry_operation   x,y,z 
_pdbx_struct_oper_list.matrix[1][1]         1.0000000000 
_pdbx_struct_oper_list.matrix[1][2]         0.0000000000 
_pdbx_struct_oper_list.matrix[1][3]         0.0000000000 
_pdbx_struct_oper_list.vector[1]            0.0000000000 
_pdbx_struct_oper_list.matrix[2][1]         0.0000000000 
_pdbx_struct_oper_list.matrix[2][2]         1.0000000000 
_pdbx_struct_oper_list.matrix[2][3]         0.0000000000 
_pdbx_struct_oper_list.vector[2]            0.0000000000 
_pdbx_struct_oper_list.matrix[3][1]         0.0000000000 
_pdbx_struct_oper_list.matrix[3][2]         0.0000000000 
_pdbx_struct_oper_list.matrix[3][3]         1.0000000000 
_pdbx_struct_oper_list.vector[3]            0.0000000000 
# 
loop_
_struct_conf.conf_type_id 
_struct_conf.id 
_struct_conf.pdbx_PDB_helix_id 
_struct_conf.beg_label_comp_id 
_struct_conf.beg_label_asym_id 
_struct_conf.beg_label_seq_id 
_struct_conf.pdbx_beg_PDB_ins_code 
_struct_conf.end_label_comp_id 
_struct_conf.end_label_asym_id 
_struct_conf.end_label_seq_id 
_struct_conf.pdbx_end_PDB_ins_code 
_struct_conf.beg_auth_comp_id 
_struct_conf.beg_auth_asym_id 
_struct_conf.beg_auth_seq_id 
_struct_conf.end_auth_comp_id 
_struct_conf.end_auth_asym_id 
_struct_conf.end_auth_seq_id 
_struct_conf.pdbx_PDB_helix_class 
_struct_conf.details 
_struct_conf.pdbx_PDB_helix_length 
HELX_P HELX_P1 AA1 GLY A 4   ? HIS A 15  ? GLY AAA 4   HIS AAA 15  1 ? 12 
HELX_P HELX_P2 AA2 ASN A 19  ? TYR A 23  ? ASN AAA 19  TYR AAA 23  5 ? 5  
HELX_P HELX_P3 AA3 SER A 24  ? ASN A 37  ? SER AAA 24  ASN AAA 37  1 ? 14 
HELX_P HELX_P4 AA4 PRO A 79  ? SER A 85  ? PRO AAA 79  SER AAA 85  5 ? 7  
HELX_P HELX_P5 AA5 ILE A 88  ? SER A 100 ? ILE AAA 88  SER AAA 100 1 ? 13 
HELX_P HELX_P6 AA6 ASN A 103 ? ALA A 107 ? ASN AAA 103 ALA AAA 107 5 ? 5  
HELX_P HELX_P7 AA7 TRP A 108 ? CYS A 115 ? TRP AAA 108 CYS AAA 115 1 ? 8  
HELX_P HELX_P8 AA8 ASP A 119 ? ARG A 125 ? ASP AAA 119 ARG AAA 125 5 ? 7  
# 
_struct_conf_type.id          HELX_P 
_struct_conf_type.criteria    ? 
_struct_conf_type.reference   ? 
# 
loop_
_struct_conn.id 
_struct_conn.conn_type_id 
_struct_conn.pdbx_leaving_atom_flag 
_struct_conn.pdbx_PDB_id 
_struct_conn.ptnr1_label_asym_id 
_struct_conn.ptnr1_label_comp_id 
_struct_conn.ptnr1_label_seq_id 
_struct_conn.ptnr1_label_atom_id 
_struct_conn.pdbx_ptnr1_label_alt_id 
_struct_conn.pdbx_ptnr1_PDB_ins_code 
_struct_conn.pdbx_ptnr1_standard_comp_id 
_struct_conn.ptnr1_symmetry 
_struct_conn.ptnr2_label_asym_id 
_struct_conn.ptnr2_label_comp_id 
_struct_conn.ptnr2_label_seq_id 
_struct_conn.ptnr2_label_atom_id 
_struct_conn.pdbx_ptnr2_label_alt_id 
_struct_conn.pdbx_ptnr2_PDB_ins_code 
_struct_conn.ptnr1_auth_asym_id 
_struct_conn.ptnr1_auth_comp_id 
_struct_conn.ptnr1_auth_seq_id 
_struct_conn.ptnr2_auth_asym_id 
_struct_conn.ptnr2_auth_comp_id 
_struct_conn.ptnr2_auth_seq_id 
_struct_conn.ptnr2_symmetry 
_struct_conn.pdbx_ptnr3_label_atom_id 
_struct_conn.pdbx_ptnr3_label_seq_id 
_struct_conn.pdbx_ptnr3_label_comp_id 
_struct_conn.pdbx_ptnr3_label_asym_id 
_struct_conn.pdbx_ptnr3_label_alt_id 
_struct_conn.pdbx_ptnr3_PDB_ins_code 
_struct_conn.details 
_struct_conn.pdbx_dist_value 
_struct_conn.pdbx_value_order 
_struct_conn.pdbx_role 
disulf1 disulf ? ? A CYS 6   SG ? ? ? 1_555 A CYS 127 SG  ? ? AAA CYS 6   AAA CYS 127 1_555 ? ? ? ? ? ? ? 2.060 ? ? 
disulf2 disulf ? ? A CYS 30  SG ? ? ? 1_555 A CYS 115 SG  ? ? AAA CYS 30  AAA CYS 115 1_555 ? ? ? ? ? ? ? 2.119 ? ? 
disulf3 disulf ? ? A CYS 64  SG ? ? ? 1_555 A CYS 80  SG  ? ? AAA CYS 64  AAA CYS 80  1_555 ? ? ? ? ? ? ? 2.062 ? ? 
disulf4 disulf ? ? A CYS 76  SG ? ? ? 1_555 A CYS 94  SG  ? ? AAA CYS 76  AAA CYS 94  1_555 ? ? ? ? ? ? ? 2.054 ? ? 
metalc1 metalc ? ? A LYS 33  NZ ? ? ? 1_555 D R3D .   RU1 ? ? AAA LYS 33  AAA R3D 203 1_554 ? ? ? ? ? ? ? 2.511 ? ? 
metalc2 metalc ? ? A ASP 101 O  ? ? ? 1_555 C R3D .   RU2 ? ? AAA ASP 101 AAA R3D 202 1_555 ? ? ? ? ? ? ? 2.286 ? ? 
# 
loop_
_struct_conn_type.id 
_struct_conn_type.criteria 
_struct_conn_type.reference 
disulf ? ? 
metalc ? ? 
# 
loop_
_pdbx_struct_conn_angle.id 
_pdbx_struct_conn_angle.ptnr1_label_atom_id 
_pdbx_struct_conn_angle.ptnr1_label_alt_id 
_pdbx_struct_conn_angle.ptnr1_label_asym_id 
_pdbx_struct_conn_angle.ptnr1_label_comp_id 
_pdbx_struct_conn_angle.ptnr1_label_seq_id 
_pdbx_struct_conn_angle.ptnr1_auth_atom_id 
_pdbx_struct_conn_angle.ptnr1_auth_asym_id 
_pdbx_struct_conn_angle.ptnr1_auth_comp_id 
_pdbx_struct_conn_angle.ptnr1_auth_seq_id 
_pdbx_struct_conn_angle.ptnr1_PDB_ins_code 
_pdbx_struct_conn_angle.ptnr1_symmetry 
_pdbx_struct_conn_angle.ptnr2_label_atom_id 
_pdbx_struct_conn_angle.ptnr2_label_alt_id 
_pdbx_struct_conn_angle.ptnr2_label_asym_id 
_pdbx_struct_conn_angle.ptnr2_label_comp_id 
_pdbx_struct_conn_angle.ptnr2_label_seq_id 
_pdbx_struct_conn_angle.ptnr2_auth_atom_id 
_pdbx_struct_conn_angle.ptnr2_auth_asym_id 
_pdbx_struct_conn_angle.ptnr2_auth_comp_id 
_pdbx_struct_conn_angle.ptnr2_auth_seq_id 
_pdbx_struct_conn_angle.ptnr2_PDB_ins_code 
_pdbx_struct_conn_angle.ptnr2_symmetry 
_pdbx_struct_conn_angle.ptnr3_label_atom_id 
_pdbx_struct_conn_angle.ptnr3_label_alt_id 
_pdbx_struct_conn_angle.ptnr3_label_asym_id 
_pdbx_struct_conn_angle.ptnr3_label_comp_id 
_pdbx_struct_conn_angle.ptnr3_label_seq_id 
_pdbx_struct_conn_angle.ptnr3_auth_atom_id 
_pdbx_struct_conn_angle.ptnr3_auth_asym_id 
_pdbx_struct_conn_angle.ptnr3_auth_comp_id 
_pdbx_struct_conn_angle.ptnr3_auth_seq_id 
_pdbx_struct_conn_angle.ptnr3_PDB_ins_code 
_pdbx_struct_conn_angle.ptnr3_symmetry 
_pdbx_struct_conn_angle.value 
_pdbx_struct_conn_angle.value_esd 
1  NZ  ? A LYS 33  ? AAA LYS 33  ? 1_555 RU1 ? D R3D . ? AAA R3D 203 ? 1_554 RU2 ? D R3D . ? AAA R3D 203 ? 1_554 167.7 ? 
2  NZ  ? A LYS 33  ? AAA LYS 33  ? 1_555 RU1 ? D R3D . ? AAA R3D 203 ? 1_554 O1  ? D R3D . ? AAA R3D 203 ? 1_554 106.4 ? 
3  RU2 ? D R3D .   ? AAA R3D 203 ? 1_554 RU1 ? D R3D . ? AAA R3D 203 ? 1_554 O1  ? D R3D . ? AAA R3D 203 ? 1_554 85.8  ? 
4  NZ  ? A LYS 33  ? AAA LYS 33  ? 1_555 RU1 ? D R3D . ? AAA R3D 203 ? 1_554 O3  ? D R3D . ? AAA R3D 203 ? 1_554 90.9  ? 
5  RU2 ? D R3D .   ? AAA R3D 203 ? 1_554 RU1 ? D R3D . ? AAA R3D 203 ? 1_554 O3  ? D R3D . ? AAA R3D 203 ? 1_554 90.9  ? 
6  O1  ? D R3D .   ? AAA R3D 203 ? 1_554 RU1 ? D R3D . ? AAA R3D 203 ? 1_554 O3  ? D R3D . ? AAA R3D 203 ? 1_554 90.3  ? 
7  NZ  ? A LYS 33  ? AAA LYS 33  ? 1_555 RU1 ? D R3D . ? AAA R3D 203 ? 1_554 O7  ? D R3D . ? AAA R3D 203 ? 1_554 90.4  ? 
8  RU2 ? D R3D .   ? AAA R3D 203 ? 1_554 RU1 ? D R3D . ? AAA R3D 203 ? 1_554 O7  ? D R3D . ? AAA R3D 203 ? 1_554 87.8  ? 
9  O1  ? D R3D .   ? AAA R3D 203 ? 1_554 RU1 ? D R3D . ? AAA R3D 203 ? 1_554 O7  ? D R3D . ? AAA R3D 203 ? 1_554 90.1  ? 
10 O3  ? D R3D .   ? AAA R3D 203 ? 1_554 RU1 ? D R3D . ? AAA R3D 203 ? 1_554 O7  ? D R3D . ? AAA R3D 203 ? 1_554 178.6 ? 
11 NZ  ? A LYS 33  ? AAA LYS 33  ? 1_555 RU1 ? D R3D . ? AAA R3D 203 ? 1_554 O5  ? D R3D . ? AAA R3D 203 ? 1_554 77.8  ? 
12 RU2 ? D R3D .   ? AAA R3D 203 ? 1_554 RU1 ? D R3D . ? AAA R3D 203 ? 1_554 O5  ? D R3D . ? AAA R3D 203 ? 1_554 90.1  ? 
13 O1  ? D R3D .   ? AAA R3D 203 ? 1_554 RU1 ? D R3D . ? AAA R3D 203 ? 1_554 O5  ? D R3D . ? AAA R3D 203 ? 1_554 175.8 ? 
14 O3  ? D R3D .   ? AAA R3D 203 ? 1_554 RU1 ? D R3D . ? AAA R3D 203 ? 1_554 O5  ? D R3D . ? AAA R3D 203 ? 1_554 89.4  ? 
15 O7  ? D R3D .   ? AAA R3D 203 ? 1_554 RU1 ? D R3D . ? AAA R3D 203 ? 1_554 O5  ? D R3D . ? AAA R3D 203 ? 1_554 90.2  ? 
16 O   ? A ASP 101 ? AAA ASP 101 ? 1_555 RU2 ? C R3D . ? AAA R3D 202 ? 1_555 O2  ? C R3D . ? AAA R3D 202 ? 1_555 79.9  ? 
17 O   ? A ASP 101 ? AAA ASP 101 ? 1_555 RU2 ? C R3D . ? AAA R3D 202 ? 1_555 O4  ? C R3D . ? AAA R3D 202 ? 1_555 114.6 ? 
18 O2  ? C R3D .   ? AAA R3D 202 ? 1_555 RU2 ? C R3D . ? AAA R3D 202 ? 1_555 O4  ? C R3D . ? AAA R3D 202 ? 1_555 86.3  ? 
19 O   ? A ASP 101 ? AAA ASP 101 ? 1_555 RU2 ? C R3D . ? AAA R3D 202 ? 1_555 O6  ? C R3D . ? AAA R3D 202 ? 1_555 102.1 ? 
20 O2  ? C R3D .   ? AAA R3D 202 ? 1_555 RU2 ? C R3D . ? AAA R3D 202 ? 1_555 O6  ? C R3D . ? AAA R3D 202 ? 1_555 176.9 ? 
21 O4  ? C R3D .   ? AAA R3D 202 ? 1_555 RU2 ? C R3D . ? AAA R3D 202 ? 1_555 O6  ? C R3D . ? AAA R3D 202 ? 1_555 90.7  ? 
22 O   ? A ASP 101 ? AAA ASP 101 ? 1_555 RU2 ? C R3D . ? AAA R3D 202 ? 1_555 RU1 ? C R3D . ? AAA R3D 202 ? 1_555 151.8 ? 
23 O2  ? C R3D .   ? AAA R3D 202 ? 1_555 RU2 ? C R3D . ? AAA R3D 202 ? 1_555 RU1 ? C R3D . ? AAA R3D 202 ? 1_555 93.2  ? 
24 O4  ? C R3D .   ? AAA R3D 202 ? 1_555 RU2 ? C R3D . ? AAA R3D 202 ? 1_555 RU1 ? C R3D . ? AAA R3D 202 ? 1_555 91.9  ? 
25 O6  ? C R3D .   ? AAA R3D 202 ? 1_555 RU2 ? C R3D . ? AAA R3D 202 ? 1_555 RU1 ? C R3D . ? AAA R3D 202 ? 1_555 86.2  ? 
# 
loop_
_pdbx_modification_feature.ordinal 
_pdbx_modification_feature.label_comp_id 
_pdbx_modification_feature.label_asym_id 
_pdbx_modification_feature.label_seq_id 
_pdbx_modification_feature.label_alt_id 
_pdbx_modification_feature.modified_residue_label_comp_id 
_pdbx_modification_feature.modified_residue_label_asym_id 
_pdbx_modification_feature.modified_residue_label_seq_id 
_pdbx_modification_feature.modified_residue_label_alt_id 
_pdbx_modification_feature.auth_comp_id 
_pdbx_modification_feature.auth_asym_id 
_pdbx_modification_feature.auth_seq_id 
_pdbx_modification_feature.PDB_ins_code 
_pdbx_modification_feature.symmetry 
_pdbx_modification_feature.modified_residue_auth_comp_id 
_pdbx_modification_feature.modified_residue_auth_asym_id 
_pdbx_modification_feature.modified_residue_auth_seq_id 
_pdbx_modification_feature.modified_residue_PDB_ins_code 
_pdbx_modification_feature.modified_residue_symmetry 
_pdbx_modification_feature.comp_id_linking_atom 
_pdbx_modification_feature.modified_residue_id_linking_atom 
_pdbx_modification_feature.modified_residue_id 
_pdbx_modification_feature.ref_pcm_id 
_pdbx_modification_feature.ref_comp_id 
_pdbx_modification_feature.type 
_pdbx_modification_feature.category 
1 CYS A 6  ? CYS A 127 ? CYS AAA 6  ? 1_555 CYS AAA 127 ? 1_555 SG SG . . . None 'Disulfide bridge' 
2 CYS A 30 ? CYS A 115 ? CYS AAA 30 ? 1_555 CYS AAA 115 ? 1_555 SG SG . . . None 'Disulfide bridge' 
3 CYS A 64 ? CYS A 80  ? CYS AAA 64 ? 1_555 CYS AAA 80  ? 1_555 SG SG . . . None 'Disulfide bridge' 
4 CYS A 76 ? CYS A 94  ? CYS AAA 76 ? 1_555 CYS AAA 94  ? 1_555 SG SG . . . None 'Disulfide bridge' 
# 
_struct_sheet.id               AA1 
_struct_sheet.type             ? 
_struct_sheet.number_strands   3 
_struct_sheet.details          ? 
# 
loop_
_struct_sheet_order.sheet_id 
_struct_sheet_order.range_id_1 
_struct_sheet_order.range_id_2 
_struct_sheet_order.offset 
_struct_sheet_order.sense 
AA1 1 2 ? anti-parallel 
AA1 2 3 ? anti-parallel 
# 
loop_
_struct_sheet_range.sheet_id 
_struct_sheet_range.id 
_struct_sheet_range.beg_label_comp_id 
_struct_sheet_range.beg_label_asym_id 
_struct_sheet_range.beg_label_seq_id 
_struct_sheet_range.pdbx_beg_PDB_ins_code 
_struct_sheet_range.end_label_comp_id 
_struct_sheet_range.end_label_asym_id 
_struct_sheet_range.end_label_seq_id 
_struct_sheet_range.pdbx_end_PDB_ins_code 
_struct_sheet_range.beg_auth_comp_id 
_struct_sheet_range.beg_auth_asym_id 
_struct_sheet_range.beg_auth_seq_id 
_struct_sheet_range.end_auth_comp_id 
_struct_sheet_range.end_auth_asym_id 
_struct_sheet_range.end_auth_seq_id 
AA1 1 THR A 43 ? ARG A 45 ? THR AAA 43 ARG AAA 45 
AA1 2 THR A 51 ? TYR A 53 ? THR AAA 51 TYR AAA 53 
AA1 3 ILE A 58 ? ASN A 59 ? ILE AAA 58 ASN AAA 59 
# 
loop_
_pdbx_struct_sheet_hbond.sheet_id 
_pdbx_struct_sheet_hbond.range_id_1 
_pdbx_struct_sheet_hbond.range_id_2 
_pdbx_struct_sheet_hbond.range_1_label_atom_id 
_pdbx_struct_sheet_hbond.range_1_label_comp_id 
_pdbx_struct_sheet_hbond.range_1_label_asym_id 
_pdbx_struct_sheet_hbond.range_1_label_seq_id 
_pdbx_struct_sheet_hbond.range_1_PDB_ins_code 
_pdbx_struct_sheet_hbond.range_1_auth_atom_id 
_pdbx_struct_sheet_hbond.range_1_auth_comp_id 
_pdbx_struct_sheet_hbond.range_1_auth_asym_id 
_pdbx_struct_sheet_hbond.range_1_auth_seq_id 
_pdbx_struct_sheet_hbond.range_2_label_atom_id 
_pdbx_struct_sheet_hbond.range_2_label_comp_id 
_pdbx_struct_sheet_hbond.range_2_label_asym_id 
_pdbx_struct_sheet_hbond.range_2_label_seq_id 
_pdbx_struct_sheet_hbond.range_2_PDB_ins_code 
_pdbx_struct_sheet_hbond.range_2_auth_atom_id 
_pdbx_struct_sheet_hbond.range_2_auth_comp_id 
_pdbx_struct_sheet_hbond.range_2_auth_asym_id 
_pdbx_struct_sheet_hbond.range_2_auth_seq_id 
AA1 1 2 N ASN A 44 ? N ASN AAA 44 O ASP A 52 ? O ASP AAA 52 
AA1 2 3 N TYR A 53 ? N TYR AAA 53 O ILE A 58 ? O ILE AAA 58 
# 
_pdbx_entry_details.entry_id                   8BPH 
_pdbx_entry_details.has_ligand_of_interest     Y 
_pdbx_entry_details.compound_details           ? 
_pdbx_entry_details.source_details             ? 
_pdbx_entry_details.nonpolymer_details         ? 
_pdbx_entry_details.sequence_details           ? 
_pdbx_entry_details.has_protein_modification   Y 
# 
loop_
_pdbx_validate_rmsd_bond.id 
_pdbx_validate_rmsd_bond.PDB_model_num 
_pdbx_validate_rmsd_bond.auth_atom_id_1 
_pdbx_validate_rmsd_bond.auth_asym_id_1 
_pdbx_validate_rmsd_bond.auth_comp_id_1 
_pdbx_validate_rmsd_bond.auth_seq_id_1 
_pdbx_validate_rmsd_bond.PDB_ins_code_1 
_pdbx_validate_rmsd_bond.label_alt_id_1 
_pdbx_validate_rmsd_bond.auth_atom_id_2 
_pdbx_validate_rmsd_bond.auth_asym_id_2 
_pdbx_validate_rmsd_bond.auth_comp_id_2 
_pdbx_validate_rmsd_bond.auth_seq_id_2 
_pdbx_validate_rmsd_bond.PDB_ins_code_2 
_pdbx_validate_rmsd_bond.label_alt_id_2 
_pdbx_validate_rmsd_bond.bond_value 
_pdbx_validate_rmsd_bond.bond_target_value 
_pdbx_validate_rmsd_bond.bond_deviation 
_pdbx_validate_rmsd_bond.bond_standard_deviation 
_pdbx_validate_rmsd_bond.linker_flag 
1 1 CD AAA GLU 35  ? ? OE2 AAA GLU 35  ? ? 1.321 1.252 0.069 0.011 N 
2 1 C  AAA VAL 109 ? B O   AAA VAL 109 ? B 1.357 1.229 0.128 0.019 N 
3 1 C  AAA ARG 128 ? ? N   AAA LEU 129 ? ? 1.556 1.336 0.220 0.023 Y 
# 
loop_
_pdbx_validate_rmsd_angle.id 
_pdbx_validate_rmsd_angle.PDB_model_num 
_pdbx_validate_rmsd_angle.auth_atom_id_1 
_pdbx_validate_rmsd_angle.auth_asym_id_1 
_pdbx_validate_rmsd_angle.auth_comp_id_1 
_pdbx_validate_rmsd_angle.auth_seq_id_1 
_pdbx_validate_rmsd_angle.PDB_ins_code_1 
_pdbx_validate_rmsd_angle.label_alt_id_1 
_pdbx_validate_rmsd_angle.auth_atom_id_2 
_pdbx_validate_rmsd_angle.auth_asym_id_2 
_pdbx_validate_rmsd_angle.auth_comp_id_2 
_pdbx_validate_rmsd_angle.auth_seq_id_2 
_pdbx_validate_rmsd_angle.PDB_ins_code_2 
_pdbx_validate_rmsd_angle.label_alt_id_2 
_pdbx_validate_rmsd_angle.auth_atom_id_3 
_pdbx_validate_rmsd_angle.auth_asym_id_3 
_pdbx_validate_rmsd_angle.auth_comp_id_3 
_pdbx_validate_rmsd_angle.auth_seq_id_3 
_pdbx_validate_rmsd_angle.PDB_ins_code_3 
_pdbx_validate_rmsd_angle.label_alt_id_3 
_pdbx_validate_rmsd_angle.angle_value 
_pdbx_validate_rmsd_angle.angle_target_value 
_pdbx_validate_rmsd_angle.angle_deviation 
_pdbx_validate_rmsd_angle.angle_standard_deviation 
_pdbx_validate_rmsd_angle.linker_flag 
1 1 NE AAA ARG 45  ? ? CZ AAA ARG 45  ? ? NH2 AAA ARG 45  ? ? 123.60 120.30 3.30  0.50 N 
2 1 O  AAA VAL 109 ? B C  AAA VAL 109 ? B N   AAA ALA 110 ? ? 132.63 122.70 9.93  1.60 Y 
3 1 NE AAA ARG 112 ? A CZ AAA ARG 112 ? A NH1 AAA ARG 112 ? A 117.21 120.30 -3.09 0.50 N 
4 1 NE AAA ARG 112 ? A CZ AAA ARG 112 ? A NH2 AAA ARG 112 ? A 124.07 120.30 3.77  0.50 N 
# 
loop_
_pdbx_validate_torsion.id 
_pdbx_validate_torsion.PDB_model_num 
_pdbx_validate_torsion.auth_comp_id 
_pdbx_validate_torsion.auth_asym_id 
_pdbx_validate_torsion.auth_seq_id 
_pdbx_validate_torsion.PDB_ins_code 
_pdbx_validate_torsion.label_alt_id 
_pdbx_validate_torsion.phi 
_pdbx_validate_torsion.psi 
1 1 THR AAA 69  ? ? -114.19 77.90  
2 1 VAL AAA 109 ? B -14.99  -66.01 
# 
loop_
_pdbx_struct_special_symmetry.id 
_pdbx_struct_special_symmetry.PDB_model_num 
_pdbx_struct_special_symmetry.auth_asym_id 
_pdbx_struct_special_symmetry.auth_comp_id 
_pdbx_struct_special_symmetry.auth_seq_id 
_pdbx_struct_special_symmetry.PDB_ins_code 
_pdbx_struct_special_symmetry.label_asym_id 
_pdbx_struct_special_symmetry.label_comp_id 
_pdbx_struct_special_symmetry.label_seq_id 
1 1 AAA HOH 330 ? E HOH . 
2 1 AAA HOH 370 ? E HOH . 
3 1 AAA HOH 458 ? E HOH . 
4 1 AAA HOH 486 ? E HOH . 
# 
loop_
_chem_comp_atom.comp_id 
_chem_comp_atom.atom_id 
_chem_comp_atom.type_symbol 
_chem_comp_atom.pdbx_aromatic_flag 
_chem_comp_atom.pdbx_stereo_config 
_chem_comp_atom.pdbx_ordinal 
ALA N    N  N N 1   
ALA CA   C  N S 2   
ALA C    C  N N 3   
ALA O    O  N N 4   
ALA CB   C  N N 5   
ALA OXT  O  N N 6   
ALA H    H  N N 7   
ALA H2   H  N N 8   
ALA HA   H  N N 9   
ALA HB1  H  N N 10  
ALA HB2  H  N N 11  
ALA HB3  H  N N 12  
ALA HXT  H  N N 13  
ARG N    N  N N 14  
ARG CA   C  N S 15  
ARG C    C  N N 16  
ARG O    O  N N 17  
ARG CB   C  N N 18  
ARG CG   C  N N 19  
ARG CD   C  N N 20  
ARG NE   N  N N 21  
ARG CZ   C  N N 22  
ARG NH1  N  N N 23  
ARG NH2  N  N N 24  
ARG OXT  O  N N 25  
ARG H    H  N N 26  
ARG H2   H  N N 27  
ARG HA   H  N N 28  
ARG HB2  H  N N 29  
ARG HB3  H  N N 30  
ARG HG2  H  N N 31  
ARG HG3  H  N N 32  
ARG HD2  H  N N 33  
ARG HD3  H  N N 34  
ARG HE   H  N N 35  
ARG HH11 H  N N 36  
ARG HH12 H  N N 37  
ARG HH21 H  N N 38  
ARG HH22 H  N N 39  
ARG HXT  H  N N 40  
ASN N    N  N N 41  
ASN CA   C  N S 42  
ASN C    C  N N 43  
ASN O    O  N N 44  
ASN CB   C  N N 45  
ASN CG   C  N N 46  
ASN OD1  O  N N 47  
ASN ND2  N  N N 48  
ASN OXT  O  N N 49  
ASN H    H  N N 50  
ASN H2   H  N N 51  
ASN HA   H  N N 52  
ASN HB2  H  N N 53  
ASN HB3  H  N N 54  
ASN HD21 H  N N 55  
ASN HD22 H  N N 56  
ASN HXT  H  N N 57  
ASP N    N  N N 58  
ASP CA   C  N S 59  
ASP C    C  N N 60  
ASP O    O  N N 61  
ASP CB   C  N N 62  
ASP CG   C  N N 63  
ASP OD1  O  N N 64  
ASP OD2  O  N N 65  
ASP OXT  O  N N 66  
ASP H    H  N N 67  
ASP H2   H  N N 68  
ASP HA   H  N N 69  
ASP HB2  H  N N 70  
ASP HB3  H  N N 71  
ASP HD2  H  N N 72  
ASP HXT  H  N N 73  
CYS N    N  N N 74  
CYS CA   C  N R 75  
CYS C    C  N N 76  
CYS O    O  N N 77  
CYS CB   C  N N 78  
CYS SG   S  N N 79  
CYS OXT  O  N N 80  
CYS H    H  N N 81  
CYS H2   H  N N 82  
CYS HA   H  N N 83  
CYS HB2  H  N N 84  
CYS HB3  H  N N 85  
CYS HG   H  N N 86  
CYS HXT  H  N N 87  
GLN N    N  N N 88  
GLN CA   C  N S 89  
GLN C    C  N N 90  
GLN O    O  N N 91  
GLN CB   C  N N 92  
GLN CG   C  N N 93  
GLN CD   C  N N 94  
GLN OE1  O  N N 95  
GLN NE2  N  N N 96  
GLN OXT  O  N N 97  
GLN H    H  N N 98  
GLN H2   H  N N 99  
GLN HA   H  N N 100 
GLN HB2  H  N N 101 
GLN HB3  H  N N 102 
GLN HG2  H  N N 103 
GLN HG3  H  N N 104 
GLN HE21 H  N N 105 
GLN HE22 H  N N 106 
GLN HXT  H  N N 107 
GLU N    N  N N 108 
GLU CA   C  N S 109 
GLU C    C  N N 110 
GLU O    O  N N 111 
GLU CB   C  N N 112 
GLU CG   C  N N 113 
GLU CD   C  N N 114 
GLU OE1  O  N N 115 
GLU OE2  O  N N 116 
GLU OXT  O  N N 117 
GLU H    H  N N 118 
GLU H2   H  N N 119 
GLU HA   H  N N 120 
GLU HB2  H  N N 121 
GLU HB3  H  N N 122 
GLU HG2  H  N N 123 
GLU HG3  H  N N 124 
GLU HE2  H  N N 125 
GLU HXT  H  N N 126 
GLY N    N  N N 127 
GLY CA   C  N N 128 
GLY C    C  N N 129 
GLY O    O  N N 130 
GLY OXT  O  N N 131 
GLY H    H  N N 132 
GLY H2   H  N N 133 
GLY HA2  H  N N 134 
GLY HA3  H  N N 135 
GLY HXT  H  N N 136 
HIS N    N  N N 137 
HIS CA   C  N S 138 
HIS C    C  N N 139 
HIS O    O  N N 140 
HIS CB   C  N N 141 
HIS CG   C  Y N 142 
HIS ND1  N  Y N 143 
HIS CD2  C  Y N 144 
HIS CE1  C  Y N 145 
HIS NE2  N  Y N 146 
HIS OXT  O  N N 147 
HIS H    H  N N 148 
HIS H2   H  N N 149 
HIS HA   H  N N 150 
HIS HB2  H  N N 151 
HIS HB3  H  N N 152 
HIS HD1  H  N N 153 
HIS HD2  H  N N 154 
HIS HE1  H  N N 155 
HIS HE2  H  N N 156 
HIS HXT  H  N N 157 
HOH O    O  N N 158 
HOH H1   H  N N 159 
HOH H2   H  N N 160 
ILE N    N  N N 161 
ILE CA   C  N S 162 
ILE C    C  N N 163 
ILE O    O  N N 164 
ILE CB   C  N S 165 
ILE CG1  C  N N 166 
ILE CG2  C  N N 167 
ILE CD1  C  N N 168 
ILE OXT  O  N N 169 
ILE H    H  N N 170 
ILE H2   H  N N 171 
ILE HA   H  N N 172 
ILE HB   H  N N 173 
ILE HG12 H  N N 174 
ILE HG13 H  N N 175 
ILE HG21 H  N N 176 
ILE HG22 H  N N 177 
ILE HG23 H  N N 178 
ILE HD11 H  N N 179 
ILE HD12 H  N N 180 
ILE HD13 H  N N 181 
ILE HXT  H  N N 182 
LEU N    N  N N 183 
LEU CA   C  N S 184 
LEU C    C  N N 185 
LEU O    O  N N 186 
LEU CB   C  N N 187 
LEU CG   C  N N 188 
LEU CD1  C  N N 189 
LEU CD2  C  N N 190 
LEU OXT  O  N N 191 
LEU H    H  N N 192 
LEU H2   H  N N 193 
LEU HA   H  N N 194 
LEU HB2  H  N N 195 
LEU HB3  H  N N 196 
LEU HG   H  N N 197 
LEU HD11 H  N N 198 
LEU HD12 H  N N 199 
LEU HD13 H  N N 200 
LEU HD21 H  N N 201 
LEU HD22 H  N N 202 
LEU HD23 H  N N 203 
LEU HXT  H  N N 204 
LYS N    N  N N 205 
LYS CA   C  N S 206 
LYS C    C  N N 207 
LYS O    O  N N 208 
LYS CB   C  N N 209 
LYS CG   C  N N 210 
LYS CD   C  N N 211 
LYS CE   C  N N 212 
LYS NZ   N  N N 213 
LYS OXT  O  N N 214 
LYS H    H  N N 215 
LYS H2   H  N N 216 
LYS HA   H  N N 217 
LYS HB2  H  N N 218 
LYS HB3  H  N N 219 
LYS HG2  H  N N 220 
LYS HG3  H  N N 221 
LYS HD2  H  N N 222 
LYS HD3  H  N N 223 
LYS HE2  H  N N 224 
LYS HE3  H  N N 225 
LYS HZ1  H  N N 226 
LYS HZ2  H  N N 227 
LYS HZ3  H  N N 228 
LYS HXT  H  N N 229 
MET N    N  N N 230 
MET CA   C  N S 231 
MET C    C  N N 232 
MET O    O  N N 233 
MET CB   C  N N 234 
MET CG   C  N N 235 
MET SD   S  N N 236 
MET CE   C  N N 237 
MET OXT  O  N N 238 
MET H    H  N N 239 
MET H2   H  N N 240 
MET HA   H  N N 241 
MET HB2  H  N N 242 
MET HB3  H  N N 243 
MET HG2  H  N N 244 
MET HG3  H  N N 245 
MET HE1  H  N N 246 
MET HE2  H  N N 247 
MET HE3  H  N N 248 
MET HXT  H  N N 249 
PHE N    N  N N 250 
PHE CA   C  N S 251 
PHE C    C  N N 252 
PHE O    O  N N 253 
PHE CB   C  N N 254 
PHE CG   C  Y N 255 
PHE CD1  C  Y N 256 
PHE CD2  C  Y N 257 
PHE CE1  C  Y N 258 
PHE CE2  C  Y N 259 
PHE CZ   C  Y N 260 
PHE OXT  O  N N 261 
PHE H    H  N N 262 
PHE H2   H  N N 263 
PHE HA   H  N N 264 
PHE HB2  H  N N 265 
PHE HB3  H  N N 266 
PHE HD1  H  N N 267 
PHE HD2  H  N N 268 
PHE HE1  H  N N 269 
PHE HE2  H  N N 270 
PHE HZ   H  N N 271 
PHE HXT  H  N N 272 
PRO N    N  N N 273 
PRO CA   C  N S 274 
PRO C    C  N N 275 
PRO O    O  N N 276 
PRO CB   C  N N 277 
PRO CG   C  N N 278 
PRO CD   C  N N 279 
PRO OXT  O  N N 280 
PRO H    H  N N 281 
PRO HA   H  N N 282 
PRO HB2  H  N N 283 
PRO HB3  H  N N 284 
PRO HG2  H  N N 285 
PRO HG3  H  N N 286 
PRO HD2  H  N N 287 
PRO HD3  H  N N 288 
PRO HXT  H  N N 289 
R3D O1   O  N N 290 
R3D O2   O  N N 291 
R3D O3   O  N N 292 
R3D O4   O  N N 293 
R3D O5   O  N N 294 
R3D O6   O  N N 295 
R3D O7   O  N N 296 
R3D O8   O  N N 297 
R3D RU1  RU N N 298 
R3D RU2  RU N N 299 
R3D H1   H  N N 300 
R3D H2   H  N N 301 
R3D H3   H  N N 302 
R3D H4   H  N N 303 
R3D H5   H  N N 304 
R3D H6   H  N N 305 
R3D H7   H  N N 306 
R3D H8   H  N N 307 
SER N    N  N N 308 
SER CA   C  N S 309 
SER C    C  N N 310 
SER O    O  N N 311 
SER CB   C  N N 312 
SER OG   O  N N 313 
SER OXT  O  N N 314 
SER H    H  N N 315 
SER H2   H  N N 316 
SER HA   H  N N 317 
SER HB2  H  N N 318 
SER HB3  H  N N 319 
SER HG   H  N N 320 
SER HXT  H  N N 321 
SIN C1   C  N N 322 
SIN O1   O  N N 323 
SIN O2   O  N N 324 
SIN C2   C  N N 325 
SIN C3   C  N N 326 
SIN C4   C  N N 327 
SIN O3   O  N N 328 
SIN O4   O  N N 329 
SIN HO2  H  N N 330 
SIN H21  H  N N 331 
SIN H22  H  N N 332 
SIN H31  H  N N 333 
SIN H32  H  N N 334 
SIN HO4  H  N N 335 
THR N    N  N N 336 
THR CA   C  N S 337 
THR C    C  N N 338 
THR O    O  N N 339 
THR CB   C  N R 340 
THR OG1  O  N N 341 
THR CG2  C  N N 342 
THR OXT  O  N N 343 
THR H    H  N N 344 
THR H2   H  N N 345 
THR HA   H  N N 346 
THR HB   H  N N 347 
THR HG1  H  N N 348 
THR HG21 H  N N 349 
THR HG22 H  N N 350 
THR HG23 H  N N 351 
THR HXT  H  N N 352 
TRP N    N  N N 353 
TRP CA   C  N S 354 
TRP C    C  N N 355 
TRP O    O  N N 356 
TRP CB   C  N N 357 
TRP CG   C  Y N 358 
TRP CD1  C  Y N 359 
TRP CD2  C  Y N 360 
TRP NE1  N  Y N 361 
TRP CE2  C  Y N 362 
TRP CE3  C  Y N 363 
TRP CZ2  C  Y N 364 
TRP CZ3  C  Y N 365 
TRP CH2  C  Y N 366 
TRP OXT  O  N N 367 
TRP H    H  N N 368 
TRP H2   H  N N 369 
TRP HA   H  N N 370 
TRP HB2  H  N N 371 
TRP HB3  H  N N 372 
TRP HD1  H  N N 373 
TRP HE1  H  N N 374 
TRP HE3  H  N N 375 
TRP HZ2  H  N N 376 
TRP HZ3  H  N N 377 
TRP HH2  H  N N 378 
TRP HXT  H  N N 379 
TYR N    N  N N 380 
TYR CA   C  N S 381 
TYR C    C  N N 382 
TYR O    O  N N 383 
TYR CB   C  N N 384 
TYR CG   C  Y N 385 
TYR CD1  C  Y N 386 
TYR CD2  C  Y N 387 
TYR CE1  C  Y N 388 
TYR CE2  C  Y N 389 
TYR CZ   C  Y N 390 
TYR OH   O  N N 391 
TYR OXT  O  N N 392 
TYR H    H  N N 393 
TYR H2   H  N N 394 
TYR HA   H  N N 395 
TYR HB2  H  N N 396 
TYR HB3  H  N N 397 
TYR HD1  H  N N 398 
TYR HD2  H  N N 399 
TYR HE1  H  N N 400 
TYR HE2  H  N N 401 
TYR HH   H  N N 402 
TYR HXT  H  N N 403 
VAL N    N  N N 404 
VAL CA   C  N S 405 
VAL C    C  N N 406 
VAL O    O  N N 407 
VAL CB   C  N N 408 
VAL CG1  C  N N 409 
VAL CG2  C  N N 410 
VAL OXT  O  N N 411 
VAL H    H  N N 412 
VAL H2   H  N N 413 
VAL HA   H  N N 414 
VAL HB   H  N N 415 
VAL HG11 H  N N 416 
VAL HG12 H  N N 417 
VAL HG13 H  N N 418 
VAL HG21 H  N N 419 
VAL HG22 H  N N 420 
VAL HG23 H  N N 421 
VAL HXT  H  N N 422 
# 
loop_
_chem_comp_bond.comp_id 
_chem_comp_bond.atom_id_1 
_chem_comp_bond.atom_id_2 
_chem_comp_bond.value_order 
_chem_comp_bond.pdbx_aromatic_flag 
_chem_comp_bond.pdbx_stereo_config 
_chem_comp_bond.pdbx_ordinal 
ALA N   CA   sing N N 1   
ALA N   H    sing N N 2   
ALA N   H2   sing N N 3   
ALA CA  C    sing N N 4   
ALA CA  CB   sing N N 5   
ALA CA  HA   sing N N 6   
ALA C   O    doub N N 7   
ALA C   OXT  sing N N 8   
ALA CB  HB1  sing N N 9   
ALA CB  HB2  sing N N 10  
ALA CB  HB3  sing N N 11  
ALA OXT HXT  sing N N 12  
ARG N   CA   sing N N 13  
ARG N   H    sing N N 14  
ARG N   H2   sing N N 15  
ARG CA  C    sing N N 16  
ARG CA  CB   sing N N 17  
ARG CA  HA   sing N N 18  
ARG C   O    doub N N 19  
ARG C   OXT  sing N N 20  
ARG CB  CG   sing N N 21  
ARG CB  HB2  sing N N 22  
ARG CB  HB3  sing N N 23  
ARG CG  CD   sing N N 24  
ARG CG  HG2  sing N N 25  
ARG CG  HG3  sing N N 26  
ARG CD  NE   sing N N 27  
ARG CD  HD2  sing N N 28  
ARG CD  HD3  sing N N 29  
ARG NE  CZ   sing N N 30  
ARG NE  HE   sing N N 31  
ARG CZ  NH1  sing N N 32  
ARG CZ  NH2  doub N N 33  
ARG NH1 HH11 sing N N 34  
ARG NH1 HH12 sing N N 35  
ARG NH2 HH21 sing N N 36  
ARG NH2 HH22 sing N N 37  
ARG OXT HXT  sing N N 38  
ASN N   CA   sing N N 39  
ASN N   H    sing N N 40  
ASN N   H2   sing N N 41  
ASN CA  C    sing N N 42  
ASN CA  CB   sing N N 43  
ASN CA  HA   sing N N 44  
ASN C   O    doub N N 45  
ASN C   OXT  sing N N 46  
ASN CB  CG   sing N N 47  
ASN CB  HB2  sing N N 48  
ASN CB  HB3  sing N N 49  
ASN CG  OD1  doub N N 50  
ASN CG  ND2  sing N N 51  
ASN ND2 HD21 sing N N 52  
ASN ND2 HD22 sing N N 53  
ASN OXT HXT  sing N N 54  
ASP N   CA   sing N N 55  
ASP N   H    sing N N 56  
ASP N   H2   sing N N 57  
ASP CA  C    sing N N 58  
ASP CA  CB   sing N N 59  
ASP CA  HA   sing N N 60  
ASP C   O    doub N N 61  
ASP C   OXT  sing N N 62  
ASP CB  CG   sing N N 63  
ASP CB  HB2  sing N N 64  
ASP CB  HB3  sing N N 65  
ASP CG  OD1  doub N N 66  
ASP CG  OD2  sing N N 67  
ASP OD2 HD2  sing N N 68  
ASP OXT HXT  sing N N 69  
CYS N   CA   sing N N 70  
CYS N   H    sing N N 71  
CYS N   H2   sing N N 72  
CYS CA  C    sing N N 73  
CYS CA  CB   sing N N 74  
CYS CA  HA   sing N N 75  
CYS C   O    doub N N 76  
CYS C   OXT  sing N N 77  
CYS CB  SG   sing N N 78  
CYS CB  HB2  sing N N 79  
CYS CB  HB3  sing N N 80  
CYS SG  HG   sing N N 81  
CYS OXT HXT  sing N N 82  
GLN N   CA   sing N N 83  
GLN N   H    sing N N 84  
GLN N   H2   sing N N 85  
GLN CA  C    sing N N 86  
GLN CA  CB   sing N N 87  
GLN CA  HA   sing N N 88  
GLN C   O    doub N N 89  
GLN C   OXT  sing N N 90  
GLN CB  CG   sing N N 91  
GLN CB  HB2  sing N N 92  
GLN CB  HB3  sing N N 93  
GLN CG  CD   sing N N 94  
GLN CG  HG2  sing N N 95  
GLN CG  HG3  sing N N 96  
GLN CD  OE1  doub N N 97  
GLN CD  NE2  sing N N 98  
GLN NE2 HE21 sing N N 99  
GLN NE2 HE22 sing N N 100 
GLN OXT HXT  sing N N 101 
GLU N   CA   sing N N 102 
GLU N   H    sing N N 103 
GLU N   H2   sing N N 104 
GLU CA  C    sing N N 105 
GLU CA  CB   sing N N 106 
GLU CA  HA   sing N N 107 
GLU C   O    doub N N 108 
GLU C   OXT  sing N N 109 
GLU CB  CG   sing N N 110 
GLU CB  HB2  sing N N 111 
GLU CB  HB3  sing N N 112 
GLU CG  CD   sing N N 113 
GLU CG  HG2  sing N N 114 
GLU CG  HG3  sing N N 115 
GLU CD  OE1  doub N N 116 
GLU CD  OE2  sing N N 117 
GLU OE2 HE2  sing N N 118 
GLU OXT HXT  sing N N 119 
GLY N   CA   sing N N 120 
GLY N   H    sing N N 121 
GLY N   H2   sing N N 122 
GLY CA  C    sing N N 123 
GLY CA  HA2  sing N N 124 
GLY CA  HA3  sing N N 125 
GLY C   O    doub N N 126 
GLY C   OXT  sing N N 127 
GLY OXT HXT  sing N N 128 
HIS N   CA   sing N N 129 
HIS N   H    sing N N 130 
HIS N   H2   sing N N 131 
HIS CA  C    sing N N 132 
HIS CA  CB   sing N N 133 
HIS CA  HA   sing N N 134 
HIS C   O    doub N N 135 
HIS C   OXT  sing N N 136 
HIS CB  CG   sing N N 137 
HIS CB  HB2  sing N N 138 
HIS CB  HB3  sing N N 139 
HIS CG  ND1  sing Y N 140 
HIS CG  CD2  doub Y N 141 
HIS ND1 CE1  doub Y N 142 
HIS ND1 HD1  sing N N 143 
HIS CD2 NE2  sing Y N 144 
HIS CD2 HD2  sing N N 145 
HIS CE1 NE2  sing Y N 146 
HIS CE1 HE1  sing N N 147 
HIS NE2 HE2  sing N N 148 
HIS OXT HXT  sing N N 149 
HOH O   H1   sing N N 150 
HOH O   H2   sing N N 151 
ILE N   CA   sing N N 152 
ILE N   H    sing N N 153 
ILE N   H2   sing N N 154 
ILE CA  C    sing N N 155 
ILE CA  CB   sing N N 156 
ILE CA  HA   sing N N 157 
ILE C   O    doub N N 158 
ILE C   OXT  sing N N 159 
ILE CB  CG1  sing N N 160 
ILE CB  CG2  sing N N 161 
ILE CB  HB   sing N N 162 
ILE CG1 CD1  sing N N 163 
ILE CG1 HG12 sing N N 164 
ILE CG1 HG13 sing N N 165 
ILE CG2 HG21 sing N N 166 
ILE CG2 HG22 sing N N 167 
ILE CG2 HG23 sing N N 168 
ILE CD1 HD11 sing N N 169 
ILE CD1 HD12 sing N N 170 
ILE CD1 HD13 sing N N 171 
ILE OXT HXT  sing N N 172 
LEU N   CA   sing N N 173 
LEU N   H    sing N N 174 
LEU N   H2   sing N N 175 
LEU CA  C    sing N N 176 
LEU CA  CB   sing N N 177 
LEU CA  HA   sing N N 178 
LEU C   O    doub N N 179 
LEU C   OXT  sing N N 180 
LEU CB  CG   sing N N 181 
LEU CB  HB2  sing N N 182 
LEU CB  HB3  sing N N 183 
LEU CG  CD1  sing N N 184 
LEU CG  CD2  sing N N 185 
LEU CG  HG   sing N N 186 
LEU CD1 HD11 sing N N 187 
LEU CD1 HD12 sing N N 188 
LEU CD1 HD13 sing N N 189 
LEU CD2 HD21 sing N N 190 
LEU CD2 HD22 sing N N 191 
LEU CD2 HD23 sing N N 192 
LEU OXT HXT  sing N N 193 
LYS N   CA   sing N N 194 
LYS N   H    sing N N 195 
LYS N   H2   sing N N 196 
LYS CA  C    sing N N 197 
LYS CA  CB   sing N N 198 
LYS CA  HA   sing N N 199 
LYS C   O    doub N N 200 
LYS C   OXT  sing N N 201 
LYS CB  CG   sing N N 202 
LYS CB  HB2  sing N N 203 
LYS CB  HB3  sing N N 204 
LYS CG  CD   sing N N 205 
LYS CG  HG2  sing N N 206 
LYS CG  HG3  sing N N 207 
LYS CD  CE   sing N N 208 
LYS CD  HD2  sing N N 209 
LYS CD  HD3  sing N N 210 
LYS CE  NZ   sing N N 211 
LYS CE  HE2  sing N N 212 
LYS CE  HE3  sing N N 213 
LYS NZ  HZ1  sing N N 214 
LYS NZ  HZ2  sing N N 215 
LYS NZ  HZ3  sing N N 216 
LYS OXT HXT  sing N N 217 
MET N   CA   sing N N 218 
MET N   H    sing N N 219 
MET N   H2   sing N N 220 
MET CA  C    sing N N 221 
MET CA  CB   sing N N 222 
MET CA  HA   sing N N 223 
MET C   O    doub N N 224 
MET C   OXT  sing N N 225 
MET CB  CG   sing N N 226 
MET CB  HB2  sing N N 227 
MET CB  HB3  sing N N 228 
MET CG  SD   sing N N 229 
MET CG  HG2  sing N N 230 
MET CG  HG3  sing N N 231 
MET SD  CE   sing N N 232 
MET CE  HE1  sing N N 233 
MET CE  HE2  sing N N 234 
MET CE  HE3  sing N N 235 
MET OXT HXT  sing N N 236 
PHE N   CA   sing N N 237 
PHE N   H    sing N N 238 
PHE N   H2   sing N N 239 
PHE CA  C    sing N N 240 
PHE CA  CB   sing N N 241 
PHE CA  HA   sing N N 242 
PHE C   O    doub N N 243 
PHE C   OXT  sing N N 244 
PHE CB  CG   sing N N 245 
PHE CB  HB2  sing N N 246 
PHE CB  HB3  sing N N 247 
PHE CG  CD1  doub Y N 248 
PHE CG  CD2  sing Y N 249 
PHE CD1 CE1  sing Y N 250 
PHE CD1 HD1  sing N N 251 
PHE CD2 CE2  doub Y N 252 
PHE CD2 HD2  sing N N 253 
PHE CE1 CZ   doub Y N 254 
PHE CE1 HE1  sing N N 255 
PHE CE2 CZ   sing Y N 256 
PHE CE2 HE2  sing N N 257 
PHE CZ  HZ   sing N N 258 
PHE OXT HXT  sing N N 259 
PRO N   CA   sing N N 260 
PRO N   CD   sing N N 261 
PRO N   H    sing N N 262 
PRO CA  C    sing N N 263 
PRO CA  CB   sing N N 264 
PRO CA  HA   sing N N 265 
PRO C   O    doub N N 266 
PRO C   OXT  sing N N 267 
PRO CB  CG   sing N N 268 
PRO CB  HB2  sing N N 269 
PRO CB  HB3  sing N N 270 
PRO CG  CD   sing N N 271 
PRO CG  HG2  sing N N 272 
PRO CG  HG3  sing N N 273 
PRO CD  HD2  sing N N 274 
PRO CD  HD3  sing N N 275 
PRO OXT HXT  sing N N 276 
R3D O2  RU2  sing N N 277 
R3D O8  RU2  sing N N 278 
R3D RU2 O4   sing N N 279 
R3D RU2 O6   sing N N 280 
R3D RU2 RU1  sing N N 281 
R3D O1  RU1  sing N N 282 
R3D O3  RU1  sing N N 283 
R3D RU1 O7   sing N N 284 
R3D RU1 O5   sing N N 285 
R3D O1  H1   sing N N 286 
R3D O2  H2   sing N N 287 
R3D O3  H3   sing N N 288 
R3D O4  H4   sing N N 289 
R3D O5  H5   sing N N 290 
R3D O6  H6   sing N N 291 
R3D O7  H7   sing N N 292 
R3D O8  H8   sing N N 293 
SER N   CA   sing N N 294 
SER N   H    sing N N 295 
SER N   H2   sing N N 296 
SER CA  C    sing N N 297 
SER CA  CB   sing N N 298 
SER CA  HA   sing N N 299 
SER C   O    doub N N 300 
SER C   OXT  sing N N 301 
SER CB  OG   sing N N 302 
SER CB  HB2  sing N N 303 
SER CB  HB3  sing N N 304 
SER OG  HG   sing N N 305 
SER OXT HXT  sing N N 306 
SIN C1  O1   doub N N 307 
SIN C1  O2   sing N N 308 
SIN C1  C2   sing N N 309 
SIN O2  HO2  sing N N 310 
SIN C2  C3   sing N N 311 
SIN C2  H21  sing N N 312 
SIN C2  H22  sing N N 313 
SIN C3  C4   sing N N 314 
SIN C3  H31  sing N N 315 
SIN C3  H32  sing N N 316 
SIN C4  O3   doub N N 317 
SIN C4  O4   sing N N 318 
SIN O4  HO4  sing N N 319 
THR N   CA   sing N N 320 
THR N   H    sing N N 321 
THR N   H2   sing N N 322 
THR CA  C    sing N N 323 
THR CA  CB   sing N N 324 
THR CA  HA   sing N N 325 
THR C   O    doub N N 326 
THR C   OXT  sing N N 327 
THR CB  OG1  sing N N 328 
THR CB  CG2  sing N N 329 
THR CB  HB   sing N N 330 
THR OG1 HG1  sing N N 331 
THR CG2 HG21 sing N N 332 
THR CG2 HG22 sing N N 333 
THR CG2 HG23 sing N N 334 
THR OXT HXT  sing N N 335 
TRP N   CA   sing N N 336 
TRP N   H    sing N N 337 
TRP N   H2   sing N N 338 
TRP CA  C    sing N N 339 
TRP CA  CB   sing N N 340 
TRP CA  HA   sing N N 341 
TRP C   O    doub N N 342 
TRP C   OXT  sing N N 343 
TRP CB  CG   sing N N 344 
TRP CB  HB2  sing N N 345 
TRP CB  HB3  sing N N 346 
TRP CG  CD1  doub Y N 347 
TRP CG  CD2  sing Y N 348 
TRP CD1 NE1  sing Y N 349 
TRP CD1 HD1  sing N N 350 
TRP CD2 CE2  doub Y N 351 
TRP CD2 CE3  sing Y N 352 
TRP NE1 CE2  sing Y N 353 
TRP NE1 HE1  sing N N 354 
TRP CE2 CZ2  sing Y N 355 
TRP CE3 CZ3  doub Y N 356 
TRP CE3 HE3  sing N N 357 
TRP CZ2 CH2  doub Y N 358 
TRP CZ2 HZ2  sing N N 359 
TRP CZ3 CH2  sing Y N 360 
TRP CZ3 HZ3  sing N N 361 
TRP CH2 HH2  sing N N 362 
TRP OXT HXT  sing N N 363 
TYR N   CA   sing N N 364 
TYR N   H    sing N N 365 
TYR N   H2   sing N N 366 
TYR CA  C    sing N N 367 
TYR CA  CB   sing N N 368 
TYR CA  HA   sing N N 369 
TYR C   O    doub N N 370 
TYR C   OXT  sing N N 371 
TYR CB  CG   sing N N 372 
TYR CB  HB2  sing N N 373 
TYR CB  HB3  sing N N 374 
TYR CG  CD1  doub Y N 375 
TYR CG  CD2  sing Y N 376 
TYR CD1 CE1  sing Y N 377 
TYR CD1 HD1  sing N N 378 
TYR CD2 CE2  doub Y N 379 
TYR CD2 HD2  sing N N 380 
TYR CE1 CZ   doub Y N 381 
TYR CE1 HE1  sing N N 382 
TYR CE2 CZ   sing Y N 383 
TYR CE2 HE2  sing N N 384 
TYR CZ  OH   sing N N 385 
TYR OH  HH   sing N N 386 
TYR OXT HXT  sing N N 387 
VAL N   CA   sing N N 388 
VAL N   H    sing N N 389 
VAL N   H2   sing N N 390 
VAL CA  C    sing N N 391 
VAL CA  CB   sing N N 392 
VAL CA  HA   sing N N 393 
VAL C   O    doub N N 394 
VAL C   OXT  sing N N 395 
VAL CB  CG1  sing N N 396 
VAL CB  CG2  sing N N 397 
VAL CB  HB   sing N N 398 
VAL CG1 HG11 sing N N 399 
VAL CG1 HG12 sing N N 400 
VAL CG1 HG13 sing N N 401 
VAL CG2 HG21 sing N N 402 
VAL CG2 HG22 sing N N 403 
VAL CG2 HG23 sing N N 404 
VAL OXT HXT  sing N N 405 
# 
_pdbx_audit_support.funding_organization   'Not funded' 
_pdbx_audit_support.country                ? 
_pdbx_audit_support.grant_number           ? 
_pdbx_audit_support.ordinal                1 
# 
_pdbx_initial_refinement_model.id               1 
_pdbx_initial_refinement_model.entity_id_list   ? 
_pdbx_initial_refinement_model.type             'experimental model' 
_pdbx_initial_refinement_model.source_name      PDB 
_pdbx_initial_refinement_model.accession_code   193L 
_pdbx_initial_refinement_model.details          ? 
# 
_atom_sites.entry_id                    8BPH 
_atom_sites.Cartn_transf_matrix[1][1]   ? 
_atom_sites.Cartn_transf_matrix[1][2]   ? 
_atom_sites.Cartn_transf_matrix[1][3]   ? 
_atom_sites.Cartn_transf_matrix[2][1]   ? 
_atom_sites.Cartn_transf_matrix[2][2]   ? 
_atom_sites.Cartn_transf_matrix[2][3]   ? 
_atom_sites.Cartn_transf_matrix[3][1]   ? 
_atom_sites.Cartn_transf_matrix[3][2]   ? 
_atom_sites.Cartn_transf_matrix[3][3]   ? 
_atom_sites.Cartn_transf_vector[1]      ? 
_atom_sites.Cartn_transf_vector[2]      ? 
_atom_sites.Cartn_transf_vector[3]      ? 
_atom_sites.fract_transf_matrix[1][1]   -0.00516559 
_atom_sites.fract_transf_matrix[1][2]   -0.00343688 
_atom_sites.fract_transf_matrix[1][3]   0.01137262 
_atom_sites.fract_transf_matrix[2][1]   -0.01181070 
_atom_sites.fract_transf_matrix[2][2]   0.00014222 
_atom_sites.fract_transf_matrix[2][3]   -0.00532159 
_atom_sites.fract_transf_matrix[3][1]   0.00262591 
_atom_sites.fract_transf_matrix[3][2]   -0.02548516 
_atom_sites.fract_transf_matrix[3][3]   -0.00650905 
_atom_sites.fract_transf_vector[1]      -0.251372 
_atom_sites.fract_transf_vector[2]      -0.012116 
_atom_sites.fract_transf_vector[3]      -0.222953 
_atom_sites.solution_primary            ? 
_atom_sites.solution_secondary          ? 
_atom_sites.solution_hydrogens          ? 
_atom_sites.special_details             ? 
# 
loop_
_atom_type.symbol 
_atom_type.pdbx_scat_Z 
_atom_type.pdbx_N_electrons 
_atom_type.scat_Cromer_Mann_a1 
_atom_type.scat_Cromer_Mann_b1 
_atom_type.scat_Cromer_Mann_a2 
_atom_type.scat_Cromer_Mann_b2 
_atom_type.scat_Cromer_Mann_a3 
_atom_type.scat_Cromer_Mann_b3 
_atom_type.scat_Cromer_Mann_a4 
_atom_type.scat_Cromer_Mann_b4 
_atom_type.scat_Cromer_Mann_c 
C  6  6  2.310  20.844 1.020  10.208 1.589 0.569  0.865 51.651 0.216   
H  1  1  0.493  10.511 0.323  26.126 0.140 3.142  0.041 57.800 0.003   
N  7  7  12.222 0.006  3.135  9.893  2.014 28.997 1.167 0.583  -11.538 
O  8  8  3.049  13.277 2.287  5.701  1.546 0.324  0.867 32.909 0.251   
RU 44 44 19.269 0.809  12.920 8.435  4.864 24.800 1.568 94.293 4.690   
S  16 16 6.905  1.468  5.203  22.215 1.438 0.254  1.586 56.172 1.056   
# 
loop_
_atom_site.group_PDB 
_atom_site.id 
_atom_site.type_symbol 
_atom_site.label_atom_id 
_atom_site.label_alt_id 
_atom_site.label_comp_id 
_atom_site.label_asym_id 
_atom_site.label_entity_id 
_atom_site.label_seq_id 
_atom_site.pdbx_PDB_ins_code 
_atom_site.Cartn_x 
_atom_site.Cartn_y 
_atom_site.Cartn_z 
_atom_site.occupancy 
_atom_site.B_iso_or_equiv 
_atom_site.pdbx_formal_charge 
_atom_site.auth_seq_id 
_atom_site.auth_comp_id 
_atom_site.auth_asym_id 
_atom_site.auth_atom_id 
_atom_site.pdbx_PDB_model_num 
_atom_site.calc_flag 
ATOM   1    N  N   . LYS A 1 1   ? -7.887  6.394   9.946   1.000 13.260  0 1   LYS AAA N   1 ? 
ATOM   2    C  CA  . LYS A 1 1   ? -7.034  7.561   10.311  1.000 12.912  0 1   LYS AAA CA  1 ? 
ATOM   3    C  C   . LYS A 1 1   ? -6.554  8.204   9.024   1.000 11.648  0 1   LYS AAA C   1 ? 
ATOM   4    O  O   . LYS A 1 1   ? -6.108  7.479   8.104   1.000 11.694  0 1   LYS AAA O   1 ? 
ATOM   5    C  CB  . LYS A 1 1   ? -5.846  7.028   11.080  1.000 14.166  0 1   LYS AAA CB  1 ? 
ATOM   6    C  CG  . LYS A 1 1   ? -4.755  8.038   11.332  1.000 14.564  0 1   LYS AAA CG  1 ? 
ATOM   7    C  CD  A LYS A 1 1   ? -3.654  7.544   12.149  0.450 16.253  0 1   LYS AAA CD  1 ? 
ATOM   8    C  CD  B LYS A 1 1   ? -3.663  7.491   12.196  0.550 15.875  0 1   LYS AAA CD  1 ? 
ATOM   9    C  CE  A LYS A 1 1   ? -2.594  8.610   12.260  0.450 16.775  0 1   LYS AAA CE  1 ? 
ATOM   10   C  CE  B LYS A 1 1   ? -2.477  8.415   12.409  0.550 15.805  0 1   LYS AAA CE  1 ? 
ATOM   11   N  NZ  A LYS A 1 1   ? -2.367  8.952   13.677  0.450 16.789  0 1   LYS AAA NZ  1 ? 
ATOM   12   N  NZ  B LYS A 1 1   ? -2.831  9.674   13.113  0.550 14.977  0 1   LYS AAA NZ  1 ? 
ATOM   13   N  N   . VAL A 1 2   ? -6.594  9.510   8.946   1.000 11.557  0 2   VAL AAA N   1 ? 
ATOM   14   C  CA  . VAL A 1 2   ? -5.962  10.219  7.824   1.000 11.728  0 2   VAL AAA CA  1 ? 
ATOM   15   C  C   . VAL A 1 2   ? -4.621  10.724  8.315   1.000 11.248  0 2   VAL AAA C   1 ? 
ATOM   16   O  O   . VAL A 1 2   ? -4.558  11.589  9.231   1.000 12.502  0 2   VAL AAA O   1 ? 
ATOM   17   C  CB  . VAL A 1 2   ? -6.850  11.337  7.307   1.000 13.622  0 2   VAL AAA CB  1 ? 
ATOM   18   C  CG1 . VAL A 1 2   ? -6.148  12.141  6.220   1.000 16.145  0 2   VAL AAA CG1 1 ? 
ATOM   19   C  CG2 . VAL A 1 2   ? -8.199  10.837  6.822   1.000 13.688  0 2   VAL AAA CG2 1 ? 
ATOM   20   N  N   . PHE A 1 3   ? -3.562  10.151  7.791   1.000 10.246  0 3   PHE AAA N   1 ? 
ATOM   21   C  CA  . PHE A 1 3   ? -2.200  10.541  8.157   1.000 10.393  0 3   PHE AAA CA  1 ? 
ATOM   22   C  C   . PHE A 1 3   ? -1.874  11.895  7.554   1.000 11.021  0 3   PHE AAA C   1 ? 
ATOM   23   O  O   . PHE A 1 3   ? -2.256  12.213  6.454   1.000 11.962  0 3   PHE AAA O   1 ? 
ATOM   24   C  CB  . PHE A 1 3   ? -1.190  9.552   7.618   1.000 10.866  0 3   PHE AAA CB  1 ? 
ATOM   25   C  CG  . PHE A 1 3   ? -0.950  8.376   8.498   1.000 10.309  0 3   PHE AAA CG  1 ? 
ATOM   26   C  CD1 . PHE A 1 3   ? -1.822  7.287   8.542   1.000 11.423  0 3   PHE AAA CD1 1 ? 
ATOM   27   C  CD2 . PHE A 1 3   ? 0.150   8.379   9.321   1.000 11.318  0 3   PHE AAA CD2 1 ? 
ATOM   28   C  CE1 . PHE A 1 3   ? -1.575  6.211   9.367   1.000 12.899  0 3   PHE AAA CE1 1 ? 
ATOM   29   C  CE2 . PHE A 1 3   ? 0.383   7.306   10.151  1.000 12.196  0 3   PHE AAA CE2 1 ? 
ATOM   30   C  CZ  . PHE A 1 3   ? -0.493  6.242   10.221  1.000 12.842  0 3   PHE AAA CZ  1 ? 
ATOM   31   N  N   . GLY A 1 4   ? -1.085  12.677  8.293   1.000 11.664  0 4   GLY AAA N   1 ? 
ATOM   32   C  CA  . GLY A 1 4   ? -0.310  13.746  7.645   1.000 12.019  0 4   GLY AAA CA  1 ? 
ATOM   33   C  C   . GLY A 1 4   ? 0.805   13.153  6.793   1.000 11.024  0 4   GLY AAA C   1 ? 
ATOM   34   O  O   . GLY A 1 4   ? 1.264   12.049  7.008   1.000 11.660  0 4   GLY AAA O   1 ? 
ATOM   35   N  N   . ARG A 1 5   ? 1.315   13.947  5.889   1.000 11.837  0 5   ARG AAA N   1 ? 
ATOM   36   C  CA  . ARG A 1 5   ? 2.367   13.488  4.967   1.000 12.715  0 5   ARG AAA CA  1 ? 
ATOM   37   C  C   . ARG A 1 5   ? 3.623   13.101  5.723   1.000 11.013  0 5   ARG AAA C   1 ? 
ATOM   38   O  O   . ARG A 1 5   ? 4.132   12.051  5.566   1.000 11.527  0 5   ARG AAA O   1 ? 
ATOM   39   C  CB  . ARG A 1 5   ? 2.614   14.576  3.935   1.000 13.378  0 5   ARG AAA CB  1 ? 
ATOM   40   C  CG  . ARG A 1 5   ? 3.705   14.272  2.929   1.000 13.184  0 5   ARG AAA CG  1 ? 
ATOM   41   C  CD  . ARG A 1 5   ? 3.811   15.414  1.905   1.000 13.941  0 5   ARG AAA CD  1 ? 
ATOM   42   N  NE  . ARG A 1 5   ? 4.112   16.745  2.459   1.000 15.003  0 5   ARG AAA NE  1 ? 
ATOM   43   C  CZ  . ARG A 1 5   ? 5.326   17.168  2.786   1.000 16.143  0 5   ARG AAA CZ  1 ? 
ATOM   44   N  NH1 . ARG A 1 5   ? 6.381   16.429  2.593   1.000 14.606  0 5   ARG AAA NH1 1 ? 
ATOM   45   N  NH2 . ARG A 1 5   ? 5.516   18.367  3.307   1.000 20.099  0 5   ARG AAA NH2 1 ? 
ATOM   46   N  N   . CYS A 1 6   ? 4.137   14.035  6.544   1.000 12.713  0 6   CYS AAA N   1 ? 
ATOM   47   C  CA  . CYS A 1 6   ? 5.373   13.738  7.289   1.000 12.200  0 6   CYS AAA CA  1 ? 
ATOM   48   C  C   . CYS A 1 6   ? 5.155   12.662  8.359   1.000 11.226  0 6   CYS AAA C   1 ? 
ATOM   49   O  O   . CYS A 1 6   ? 6.032   11.885  8.628   1.000 11.802  0 6   CYS AAA O   1 ? 
ATOM   50   C  CB  . CYS A 1 6   ? 5.945   15.011  7.892   1.000 12.326  0 6   CYS AAA CB  1 ? 
ATOM   51   S  SG  . CYS A 1 6   ? 6.632   16.137  6.641   1.000 16.294  0 6   CYS AAA SG  1 ? 
ATOM   52   N  N   . GLU A 1 7   ? 3.963   12.650  8.935   1.000 10.895  0 7   GLU AAA N   1 ? 
ATOM   53   C  CA  . GLU A 1 7   ? 3.604   11.590  9.902   1.000 11.544  0 7   GLU AAA CA  1 ? 
ATOM   54   C  C   . GLU A 1 7   ? 3.697   10.199  9.243   1.000 10.447  0 7   GLU AAA C   1 ? 
ATOM   55   O  O   . GLU A 1 7   ? 4.278   9.316   9.780   1.000 11.440  0 7   GLU AAA O   1 ? 
ATOM   56   C  CB  . GLU A 1 7   ? 2.192   11.804  10.413  1.000 11.826  0 7   GLU AAA CB  1 ? 
ATOM   57   C  CG  . GLU A 1 7   ? 1.704   10.854  11.455  1.000 12.415  0 7   GLU AAA CG  1 ? 
ATOM   58   C  CD  . GLU A 1 7   ? 0.246   11.064  11.802  1.000 13.741  0 7   GLU AAA CD  1 ? 
ATOM   59   O  OE1 . GLU A 1 7   ? -0.478  11.720  11.068  1.000 14.130  0 7   GLU AAA OE1 1 ? 
ATOM   60   O  OE2 . GLU A 1 7   ? -0.133  10.540  12.874  1.000 16.132  0 7   GLU AAA OE2 1 ? 
ATOM   61   N  N   . LEU A 1 8   ? 3.153   10.093  8.030   1.000 10.499  0 8   LEU AAA N   1 ? 
ATOM   62   C  CA  . LEU A 1 8   ? 3.215   8.795   7.334   1.000 10.448  0 8   LEU AAA CA  1 ? 
ATOM   63   C  C   . LEU A 1 8   ? 4.634   8.462   6.932   1.000 9.702   0 8   LEU AAA C   1 ? 
ATOM   64   O  O   . LEU A 1 8   ? 5.046   7.354   7.046   1.000 10.043  0 8   LEU AAA O   1 ? 
ATOM   65   C  CB  . LEU A 1 8   ? 2.336   8.793   6.093   1.000 10.392  0 8   LEU AAA CB  1 ? 
ATOM   66   C  CG  . LEU A 1 8   ? 2.256   7.469   5.348   1.000 10.504  0 8   LEU AAA CG  1 ? 
ATOM   67   C  CD1 . LEU A 1 8   ? 1.699   6.383   6.221   1.000 11.051  0 8   LEU AAA CD1 1 ? 
ATOM   68   C  CD2 . LEU A 1 8   ? 1.396   7.668   4.089   1.000 12.068  0 8   LEU AAA CD2 1 ? 
ATOM   69   N  N   . ALA A 1 9   ? 5.374   9.462   6.477   1.000 9.750   0 9   ALA AAA N   1 ? 
ATOM   70   C  CA  . ALA A 1 9   ? 6.780   9.271   6.102   1.000 10.629  0 9   ALA AAA CA  1 ? 
ATOM   71   C  C   . ALA A 1 9   ? 7.512   8.691   7.284   1.000 11.169  0 9   ALA AAA C   1 ? 
ATOM   72   O  O   . ALA A 1 9   ? 8.254   7.756   7.143   1.000 12.064  0 9   ALA AAA O   1 ? 
ATOM   73   C  CB  . ALA A 1 9   ? 7.391   10.568  5.646   1.000 12.007  0 9   ALA AAA CB  1 ? 
ATOM   74   N  N   . ALA A 1 10  ? 7.312   9.270   8.475   1.000 11.441  0 10  ALA AAA N   1 ? 
ATOM   75   C  CA  . ALA A 1 10  ? 8.045   8.821   9.661   1.000 12.651  0 10  ALA AAA CA  1 ? 
ATOM   76   C  C   . ALA A 1 10  ? 7.656   7.402   10.014  1.000 11.889  0 10  ALA AAA C   1 ? 
ATOM   77   O  O   . ALA A 1 10  ? 8.496   6.585   10.377  1.000 12.927  0 10  ALA AAA O   1 ? 
ATOM   78   C  CB  . ALA A 1 10  ? 7.761   9.748   10.828  1.000 13.271  0 10  ALA AAA CB  1 ? 
ATOM   79   N  N   . ALA A 1 11  ? 6.367   7.062   9.902   1.000 12.145  0 11  ALA AAA N   1 ? 
ATOM   80   C  CA  . ALA A 1 11  ? 5.900   5.694   10.248  1.000 11.957  0 11  ALA AAA CA  1 ? 
ATOM   81   C  C   . ALA A 1 11  ? 6.440   4.660   9.245   1.000 11.143  0 11  ALA AAA C   1 ? 
ATOM   82   O  O   . ALA A 1 11  ? 6.854   3.588   9.596   1.000 12.189  0 11  ALA AAA O   1 ? 
ATOM   83   C  CB  . ALA A 1 11  ? 4.412   5.694   10.249  1.000 12.134  0 11  ALA AAA CB  1 ? 
ATOM   84   N  N   . MET A 1 12  ? 6.351   5.005   7.953   1.000 11.560  0 12  MET AAA N   1 ? 
ATOM   85   C  CA  . MET A 1 12  ? 6.885   4.109   6.904   1.000 11.150  0 12  MET AAA CA  1 ? 
ATOM   86   C  C   . MET A 1 12  ? 8.381   3.901   7.090   1.000 11.046  0 12  MET AAA C   1 ? 
ATOM   87   O  O   . MET A 1 12  ? 8.841   2.804   6.917   1.000 12.414  0 12  MET AAA O   1 ? 
ATOM   88   C  CB  . MET A 1 12  ? 6.576   4.670   5.529   1.000 9.871   0 12  MET AAA CB  1 ? 
ATOM   89   C  CG  . MET A 1 12  ? 5.089   4.593   5.167   1.000 9.934   0 12  MET AAA CG  1 ? 
ATOM   90   S  SD  . MET A 1 12  ? 4.863   5.252   3.503   1.000 10.474  0 12  MET AAA SD  1 ? 
ATOM   91   C  CE  . MET A 1 12  ? 3.444   4.340   2.939   1.000 11.414  0 12  MET AAA CE  1 ? 
ATOM   92   N  N   . LYS A 1 13  ? 9.086   4.953   7.425   1.000 11.481  0 13  LYS AAA N   1 ? 
ATOM   93   C  CA  . LYS A 1 13  ? 10.543  4.762   7.665   1.000 12.527  0 13  LYS AAA CA  1 ? 
ATOM   94   C  C   . LYS A 1 13  ? 10.837  3.902   8.901   1.000 13.533  0 13  LYS AAA C   1 ? 
ATOM   95   O  O   . LYS A 1 13  ? 11.653  2.943   8.844   1.000 13.991  0 13  LYS AAA O   1 ? 
ATOM   96   C  CB  . LYS A 1 13  ? 11.160  6.142   7.829   1.000 12.964  0 13  LYS AAA CB  1 ? 
ATOM   97   C  CG  . LYS A 1 13  ? 12.661  6.111   8.033   1.000 15.710  0 13  LYS AAA CG  1 ? 
ATOM   98   C  CD  . LYS A 1 13  ? 13.286  7.473   8.076   1.000 17.408  0 13  LYS AAA CD  1 ? 
ATOM   99   C  CE  . LYS A 1 13  ? 14.787  7.337   8.181   1.000 22.833  0 13  LYS AAA CE  1 ? 
ATOM   100  N  NZ  . LYS A 1 13  ? 15.443  8.658   8.171   1.000 25.935  0 13  LYS AAA NZ  1 ? 
ATOM   101  N  N   . ARG A 1 14  ? 10.068  4.111   9.943   1.000 12.969  0 14  ARG AAA N   1 ? 
ATOM   102  C  CA  . ARG A 1 14  ? 10.253  3.281   11.151  1.000 14.344  0 14  ARG AAA CA  1 ? 
ATOM   103  C  C   . ARG A 1 14  ? 9.988   1.822   10.868  1.000 15.464  0 14  ARG AAA C   1 ? 
ATOM   104  O  O   . ARG A 1 14  ? 10.665  0.942   11.401  1.000 17.251  0 14  ARG AAA O   1 ? 
ATOM   105  C  CB  . ARG A 1 14  ? 9.314   3.666   12.275  1.000 15.836  0 14  ARG AAA CB  1 ? 
ATOM   106  C  CG  . ARG A 1 14  ? 9.346   2.580   13.346  1.000 19.461  0 14  ARG AAA CG  1 ? 
ATOM   107  C  CD  . ARG A 1 14  ? 8.593   2.973   14.547  1.000 21.131  0 14  ARG AAA CD  1 ? 
ATOM   108  N  NE  . ARG A 1 14  ? 7.182   3.124   14.269  1.000 17.976  0 14  ARG AAA NE  1 ? 
ATOM   109  C  CZ  . ARG A 1 14  ? 6.246   2.208   14.521  1.000 17.435  0 14  ARG AAA CZ  1 ? 
ATOM   110  N  NH1 . ARG A 1 14  ? 6.551   0.976   14.838  1.000 20.648  0 14  ARG AAA NH1 1 ? 
ATOM   111  N  NH2 . ARG A 1 14  ? 4.982   2.528   14.329  1.000 20.898  0 14  ARG AAA NH2 1 ? 
ATOM   112  N  N   . HIS A 1 15  ? 9.001   1.548   10.017  1.000 14.719  0 15  HIS AAA N   1 ? 
ATOM   113  C  CA  . HIS A 1 15  ? 8.642   0.160   9.639   1.000 15.275  0 15  HIS AAA CA  1 ? 
ATOM   114  C  C   . HIS A 1 15  ? 9.533   -0.460  8.542   1.000 15.829  0 15  HIS AAA C   1 ? 
ATOM   115  O  O   . HIS A 1 15  ? 9.205   -1.583  8.061   1.000 17.549  0 15  HIS AAA O   1 ? 
ATOM   116  C  CB  . HIS A 1 15  ? 7.165   0.153   9.183   1.000 15.415  0 15  HIS AAA CB  1 ? 
ATOM   117  C  CG  . HIS A 1 15  ? 6.208   0.079   10.327  1.000 16.304  0 15  HIS AAA CG  1 ? 
ATOM   118  N  ND1 . HIS A 1 15  ? 5.348   1.075   10.748  1.000 20.444  0 15  HIS AAA ND1 1 ? 
ATOM   119  C  CD2 . HIS A 1 15  ? 6.027   -0.951  11.169  1.000 19.920  0 15  HIS AAA CD2 1 ? 
ATOM   120  C  CE1 . HIS A 1 15  ? 4.626   0.615   11.770  1.000 16.761  0 15  HIS AAA CE1 1 ? 
ATOM   121  N  NE2 . HIS A 1 15  ? 5.065   -0.578  12.053  1.000 22.685  0 15  HIS AAA NE2 1 ? 
ATOM   122  N  N   . GLY A 1 16  ? 10.567  0.266   8.121   1.000 15.092  0 16  GLY AAA N   1 ? 
ATOM   123  C  CA  . GLY A 1 16  ? 11.576  -0.278  7.192   1.000 15.677  0 16  GLY AAA CA  1 ? 
ATOM   124  C  C   . GLY A 1 16  ? 11.261  -0.167  5.705   1.000 14.320  0 16  GLY AAA C   1 ? 
ATOM   125  O  O   . GLY A 1 16  ? 11.900  -0.941  4.937   1.000 16.356  0 16  GLY AAA O   1 ? 
ATOM   126  N  N   . LEU A 1 17  ? 10.381  0.749   5.285   1.000 14.026  0 17  LEU AAA N   1 ? 
ATOM   127  C  CA  . LEU A 1 17  ? 10.106  0.889   3.832   1.000 14.013  0 17  LEU AAA CA  1 ? 
ATOM   128  C  C   . LEU A 1 17  ? 11.101  1.791   3.151   1.000 14.847  0 17  LEU AAA C   1 ? 
ATOM   129  O  O   . LEU A 1 17  ? 11.167  1.671   1.896   1.000 14.639  0 17  LEU AAA O   1 ? 
ATOM   130  C  CB  . LEU A 1 17  ? 8.704   1.432   3.620   1.000 14.101  0 17  LEU AAA CB  1 ? 
ATOM   131  C  CG  . LEU A 1 17  ? 7.585   0.442   3.826   1.000 13.867  0 17  LEU AAA CG  1 ? 
ATOM   132  C  CD1 . LEU A 1 17  ? 6.285   1.176   3.518   1.000 14.653  0 17  LEU AAA CD1 1 ? 
ATOM   133  C  CD2 . LEU A 1 17  ? 7.691   -0.765  2.914   1.000 14.498  0 17  LEU AAA CD2 1 ? 
ATOM   134  N  N   . ASP A 1 18  ? 11.851  2.651   3.797   1.000 14.580  0 18  ASP AAA N   1 ? 
ATOM   135  C  CA  . ASP A 1 18  ? 12.810  3.505   3.057   1.000 16.246  0 18  ASP AAA CA  1 ? 
ATOM   136  C  C   . ASP A 1 18  ? 13.861  2.590   2.419   1.000 18.179  0 18  ASP AAA C   1 ? 
ATOM   137  O  O   . ASP A 1 18  ? 14.604  1.877   3.147   1.000 18.097  0 18  ASP AAA O   1 ? 
ATOM   138  C  CB  . ASP A 1 18  ? 13.541  4.514   3.934   1.000 18.684  0 18  ASP AAA CB  1 ? 
ATOM   139  C  CG  . ASP A 1 18  ? 14.350  5.570   3.195   1.000 20.579  0 18  ASP AAA CG  1 ? 
ATOM   140  O  OD1 . ASP A 1 18  ? 14.247  5.707   1.932   1.000 19.138  0 18  ASP AAA OD1 1 ? 
ATOM   141  O  OD2 . ASP A 1 18  ? 14.993  6.388   3.926   1.000 24.214  0 18  ASP AAA OD2 1 ? 
ATOM   142  N  N   . ASN A 1 19  ? 13.903  2.590   1.096   1.000 15.641  0 19  ASN AAA N   1 ? 
ATOM   143  C  CA  . ASN A 1 19  ? 14.842  1.790   0.273   1.000 16.613  0 19  ASN AAA CA  1 ? 
ATOM   144  C  C   . ASN A 1 19  ? 14.505  0.316   0.305   1.000 15.398  0 19  ASN AAA C   1 ? 
ATOM   145  O  O   . ASN A 1 19  ? 15.345  -0.467  -0.130  1.000 15.446  0 19  ASN AAA O   1 ? 
ATOM   146  C  CB  . ASN A 1 19  ? 16.301  2.016   0.667   1.000 19.855  0 19  ASN AAA CB  1 ? 
ATOM   147  C  CG  . ASN A 1 19  ? 16.599  3.493   0.765   1.000 25.752  0 19  ASN AAA CG  1 ? 
ATOM   148  O  OD1 . ASN A 1 19  ? 16.331  4.234   -0.182  1.000 30.176  0 19  ASN AAA OD1 1 ? 
ATOM   149  N  ND2 . ASN A 1 19  ? 17.125  3.940   1.905   1.000 30.144  0 19  ASN AAA ND2 1 ? 
ATOM   150  N  N   . TYR A 1 20  ? 13.309  -0.080  0.740   1.000 14.207  0 20  TYR AAA N   1 ? 
ATOM   151  C  CA  . TYR A 1 20  ? 12.935  -1.483  0.697   1.000 13.657  0 20  TYR AAA CA  1 ? 
ATOM   152  C  C   . TYR A 1 20  ? 12.774  -1.941  -0.762  1.000 14.035  0 20  TYR AAA C   1 ? 
ATOM   153  O  O   . TYR A 1 20  ? 12.094  -1.272  -1.557  1.000 12.534  0 20  TYR AAA O   1 ? 
ATOM   154  C  CB  . TYR A 1 20  ? 11.633  -1.707  1.450   1.000 13.542  0 20  TYR AAA CB  1 ? 
ATOM   155  C  CG  . TYR A 1 20  ? 11.361  -3.154  1.652   1.000 13.120  0 20  TYR AAA CG  1 ? 
ATOM   156  C  CD1 . TYR A 1 20  ? 11.895  -3.827  2.737   1.000 15.572  0 20  TYR AAA CD1 1 ? 
ATOM   157  C  CD2 . TYR A 1 20  ? 10.655  -3.900  0.731   1.000 13.712  0 20  TYR AAA CD2 1 ? 
ATOM   158  C  CE1 . TYR A 1 20  ? 11.729  -5.185  2.890   1.000 16.742  0 20  TYR AAA CE1 1 ? 
ATOM   159  C  CE2 . TYR A 1 20  ? 10.461  -5.255  0.880   1.000 15.030  0 20  TYR AAA CE2 1 ? 
ATOM   160  C  CZ  . TYR A 1 20  ? 10.999  -5.917  1.969   1.000 16.555  0 20  TYR AAA CZ  1 ? 
ATOM   161  O  OH  . TYR A 1 20  ? 10.767  -7.237  2.115   1.000 20.528  0 20  TYR AAA OH  1 ? 
ATOM   162  N  N   . ARG A 1 21  ? 13.458  -3.028  -1.135  1.000 14.870  0 21  ARG AAA N   1 ? 
ATOM   163  C  CA  . ARG A 1 21  ? 13.528  -3.537  -2.540  1.000 17.443  0 21  ARG AAA CA  1 ? 
ATOM   164  C  C   . ARG A 1 21  ? 13.976  -2.401  -3.462  1.000 14.801  0 21  ARG AAA C   1 ? 
ATOM   165  O  O   . ARG A 1 21  ? 13.656  -2.453  -4.651  1.000 15.989  0 21  ARG AAA O   1 ? 
ATOM   166  C  CB  . ARG A 1 21  ? 12.215  -4.181  -2.985  1.000 20.210  0 21  ARG AAA CB  1 ? 
ATOM   167  C  CG  . ARG A 1 21  ? 11.977  -5.578  -2.425  1.000 22.900  0 21  ARG AAA CG  1 ? 
ATOM   168  C  CD  . ARG A 1 21  ? 12.598  -6.666  -3.270  1.000 26.089  0 21  ARG AAA CD  1 ? 
ATOM   169  N  NE  . ARG A 1 21  ? 12.670  -7.937  -2.543  1.000 33.408  0 21  ARG AAA NE  1 ? 
ATOM   170  C  CZ  . ARG A 1 21  ? 12.679  -9.153  -3.102  1.000 34.095  0 21  ARG AAA CZ  1 ? 
ATOM   171  N  NH1 . ARG A 1 21  ? 12.608  -9.295  -4.418  1.000 31.021  0 21  ARG AAA NH1 1 ? 
ATOM   172  N  NH2 . ARG A 1 21  ? 12.713  -10.233 -2.331  1.000 38.069  0 21  ARG AAA NH2 1 ? 
ATOM   173  N  N   . GLY A 1 22  ? 14.774  -1.479  -2.965  1.000 14.326  0 22  GLY AAA N   1 ? 
ATOM   174  C  CA  . GLY A 1 22  ? 15.397  -0.338  -3.662  1.000 14.997  0 22  GLY AAA CA  1 ? 
ATOM   175  C  C   . GLY A 1 22  ? 14.519  0.904   -3.904  1.000 12.700  0 22  GLY AAA C   1 ? 
ATOM   176  O  O   . GLY A 1 22  ? 14.897  1.841   -4.617  1.000 13.964  0 22  GLY AAA O   1 ? 
ATOM   177  N  N   . TYR A 1 23  ? 13.347  0.967   -3.272  1.000 11.437  0 23  TYR AAA N   1 ? 
ATOM   178  C  CA  . TYR A 1 23  ? 12.393  2.100   -3.448  1.000 10.510  0 23  TYR AAA CA  1 ? 
ATOM   179  C  C   . TYR A 1 23  ? 12.496  3.077   -2.288  1.000 10.679  0 23  TYR AAA C   1 ? 
ATOM   180  O  O   . TYR A 1 23  ? 12.193  2.725   -1.122  1.000 10.649  0 23  TYR AAA O   1 ? 
ATOM   181  C  CB  . TYR A 1 23  ? 10.974  1.558   -3.566  1.000 9.587   0 23  TYR AAA CB  1 ? 
ATOM   182  C  CG  . TYR A 1 23  ? 10.740  0.804   -4.838  1.000 8.822   0 23  TYR AAA CG  1 ? 
ATOM   183  C  CD1 . TYR A 1 23  ? 10.364  1.450   -5.984  1.000 9.190   0 23  TYR AAA CD1 1 ? 
ATOM   184  C  CD2 . TYR A 1 23  ? 10.980  -0.551  -4.909  1.000 10.102  0 23  TYR AAA CD2 1 ? 
ATOM   185  C  CE1 . TYR A 1 23  ? 10.184  0.766   -7.173  1.000 8.875   0 23  TYR AAA CE1 1 ? 
ATOM   186  C  CE2 . TYR A 1 23  ? 10.784  -1.252  -6.091  1.000 9.951   0 23  TYR AAA CE2 1 ? 
ATOM   187  C  CZ  . TYR A 1 23  ? 10.372  -0.586  -7.214  1.000 8.332   0 23  TYR AAA CZ  1 ? 
ATOM   188  O  OH  . TYR A 1 23  ? 10.108  -1.245  -8.380  1.000 10.211  0 23  TYR AAA OH  1 ? 
ATOM   189  N  N   . SER A 1 24  ? 12.938  4.272   -2.613  1.000 10.988  0 24  SER AAA N   1 ? 
ATOM   190  C  CA  . SER A 1 24  ? 13.134  5.320   -1.599  1.000 11.074  0 24  SER AAA CA  1 ? 
ATOM   191  C  C   . SER A 1 24  ? 11.820  5.674   -0.935  1.000 10.390  0 24  SER AAA C   1 ? 
ATOM   192  O  O   . SER A 1 24  ? 10.737  5.479   -1.539  1.000 10.535  0 24  SER AAA O   1 ? 
ATOM   193  C  CB  . SER A 1 24  ? 13.761  6.514   -2.235  1.000 13.193  0 24  SER AAA CB  1 ? 
ATOM   194  O  OG  . SER A 1 24  ? 12.875  7.126   -3.147  1.000 15.763  0 24  SER AAA OG  1 ? 
ATOM   195  N  N   . LEU A 1 25  ? 11.897  6.272   0.244   1.000 10.210  0 25  LEU AAA N   1 ? 
ATOM   196  C  CA  . LEU A 1 25  ? 10.706  6.606   1.045   1.000 9.855   0 25  LEU AAA CA  1 ? 
ATOM   197  C  C   . LEU A 1 25  ? 9.746   7.453   0.225   1.000 9.868   0 25  LEU AAA C   1 ? 
ATOM   198  O  O   . LEU A 1 25  ? 8.513   7.241   0.343   1.000 9.237   0 25  LEU AAA O   1 ? 
ATOM   199  C  CB  . LEU A 1 25  ? 11.193  7.349   2.286   1.000 10.177  0 25  LEU AAA CB  1 ? 
ATOM   200  C  CG  . LEU A 1 25  ? 10.092  7.657   3.300   1.000 10.369  0 25  LEU AAA CG  1 ? 
ATOM   201  C  CD1 . LEU A 1 25  ? 9.411   6.389   3.796   1.000 12.693  0 25  LEU AAA CD1 1 ? 
ATOM   202  C  CD2 . LEU A 1 25  ? 10.733  8.390   4.458   1.000 11.493  0 25  LEU AAA CD2 1 ? 
ATOM   203  N  N   . GLY A 1 26  ? 10.202  8.394   -0.523  1.000 9.876   0 26  GLY AAA N   1 ? 
ATOM   204  C  CA  . GLY A 1 26  ? 9.288   9.235   -1.296  1.000 10.048  0 26  GLY AAA CA  1 ? 
ATOM   205  C  C   . GLY A 1 26  ? 8.381   8.470   -2.257  1.000 9.001   0 26  GLY AAA C   1 ? 
ATOM   206  O  O   . GLY A 1 26  ? 7.243   8.879   -2.490  1.000 9.170   0 26  GLY AAA O   1 ? 
ATOM   207  N  N   . ASN A 1 27  ? 8.874   7.383   -2.805  1.000 8.973   0 27  ASN AAA N   1 ? 
ATOM   208  C  CA  . ASN A 1 27  ? 8.029   6.502   -3.657  1.000 8.901   0 27  ASN AAA CA  1 ? 
ATOM   209  C  C   . ASN A 1 27  ? 6.850   5.931   -2.874  1.000 8.409   0 27  ASN AAA C   1 ? 
ATOM   210  O  O   . ASN A 1 27  ? 5.742   5.887   -3.406  1.000 8.549   0 27  ASN AAA O   1 ? 
ATOM   211  C  CB  . ASN A 1 27  ? 8.853   5.343   -4.206  1.000 8.735   0 27  ASN AAA CB  1 ? 
ATOM   212  C  CG  . ASN A 1 27  ? 9.722   5.750   -5.367  1.000 8.519   0 27  ASN AAA CG  1 ? 
ATOM   213  O  OD1 . ASN A 1 27  ? 9.236   5.938   -6.454  1.000 8.967   0 27  ASN AAA OD1 1 ? 
ATOM   214  N  ND2 . ASN A 1 27  ? 11.003  5.894   -5.137  1.000 10.533  0 27  ASN AAA ND2 1 ? 
ATOM   215  N  N   . TRP A 1 28  ? 7.090   5.509   -1.653  1.000 8.762   0 28  TRP AAA N   1 ? 
ATOM   216  C  CA  . TRP A 1 28  ? 6.044   4.922   -0.802  1.000 8.601   0 28  TRP AAA CA  1 ? 
ATOM   217  C  C   . TRP A 1 28  ? 5.025   5.987   -0.374  1.000 8.805   0 28  TRP AAA C   1 ? 
ATOM   218  O  O   . TRP A 1 28  ? 3.827   5.693   -0.332  1.000 8.853   0 28  TRP AAA O   1 ? 
ATOM   219  C  CB  . TRP A 1 28  ? 6.681   4.230   0.394   1.000 9.115   0 28  TRP AAA CB  1 ? 
ATOM   220  C  CG  . TRP A 1 28  ? 7.513   3.078   0.002   1.000 8.648   0 28  TRP AAA CG  1 ? 
ATOM   221  C  CD1 . TRP A 1 28  ? 8.874   3.023   -0.008  1.000 9.307   0 28  TRP AAA CD1 1 ? 
ATOM   222  C  CD2 . TRP A 1 28  ? 7.042   1.786   -0.383  1.000 9.019   0 28  TRP AAA CD2 1 ? 
ATOM   223  N  NE1 . TRP A 1 28  ? 9.268   1.802   -0.431  1.000 9.855   0 28  TRP AAA NE1 1 ? 
ATOM   224  C  CE2 . TRP A 1 28  ? 8.187   1.000   -0.660  1.000 9.907   0 28  TRP AAA CE2 1 ? 
ATOM   225  C  CE3 . TRP A 1 28  ? 5.760   1.256   -0.544  1.000 9.732   0 28  TRP AAA CE3 1 ? 
ATOM   226  C  CZ2 . TRP A 1 28  ? 8.068   -0.310  -1.088  1.000 11.046  0 28  TRP AAA CZ2 1 ? 
ATOM   227  C  CZ3 . TRP A 1 28  ? 5.657   -0.061  -0.939  1.000 10.501  0 28  TRP AAA CZ3 1 ? 
ATOM   228  C  CH2 . TRP A 1 28  ? 6.799   -0.828  -1.189  1.000 11.964  0 28  TRP AAA CH2 1 ? 
ATOM   229  N  N   . VAL A 1 29  ? 5.504   7.184   -0.014  1.000 8.615   0 29  VAL AAA N   1 ? 
ATOM   230  C  CA  . VAL A 1 29  ? 4.609   8.275   0.387   1.000 8.311   0 29  VAL AAA CA  1 ? 
ATOM   231  C  C   . VAL A 1 29  ? 3.772   8.683   -0.819  1.000 8.549   0 29  VAL AAA C   1 ? 
ATOM   232  O  O   . VAL A 1 29  ? 2.557   8.867   -0.697  1.000 8.785   0 29  VAL AAA O   1 ? 
ATOM   233  C  CB  . VAL A 1 29  ? 5.394   9.434   1.022   1.000 8.953   0 29  VAL AAA CB  1 ? 
ATOM   234  C  CG1 . VAL A 1 29  ? 4.457   10.592  1.344   1.000 9.153   0 29  VAL AAA CG1 1 ? 
ATOM   235  C  CG2 . VAL A 1 29  ? 6.110   8.991   2.272   1.000 9.027   0 29  VAL AAA CG2 1 ? 
ATOM   236  N  N   . CYS A 1 30  ? 4.391   8.855   -1.983  1.000 8.567   0 30  CYS AAA N   1 ? 
ATOM   237  C  CA  . CYS A 1 30  ? 3.674   9.194   -3.217  1.000 8.643   0 30  CYS AAA CA  1 ? 
ATOM   238  C  C   . CYS A 1 30  ? 2.625   8.120   -3.543  1.000 8.303   0 30  CYS AAA C   1 ? 
ATOM   239  O  O   . CYS A 1 30  ? 1.486   8.446   -3.873  1.000 8.648   0 30  CYS AAA O   1 ? 
ATOM   240  C  CB  . CYS A 1 30  ? 4.676   9.339   -4.353  1.000 8.588   0 30  CYS AAA CB  1 ? 
ATOM   241  S  SG  . CYS A 1 30  ? 3.954   9.912   -5.890  1.000 9.950   0 30  CYS AAA SG  1 ? 
ATOM   242  N  N   . ALA A 1 31  ? 2.962   6.876   -3.411  1.000 8.047   0 31  ALA AAA N   1 ? 
ATOM   243  C  CA  . ALA A 1 31  ? 2.029   5.756   -3.689  1.000 8.605   0 31  ALA AAA CA  1 ? 
ATOM   244  C  C   . ALA A 1 31  ? 0.833   5.937   -2.752  1.000 8.070   0 31  ALA AAA C   1 ? 
ATOM   245  O  O   . ALA A 1 31  ? -0.314  5.827   -3.182  1.000 8.842   0 31  ALA AAA O   1 ? 
ATOM   246  C  CB  . ALA A 1 31  ? 2.695   4.430   -3.554  1.000 9.098   0 31  ALA AAA CB  1 ? 
ATOM   247  N  N   . ALA A 1 32  ? 1.078   6.111   -1.472  1.000 7.956   0 32  ALA AAA N   1 ? 
ATOM   248  C  CA  . ALA A 1 32  ? -0.043  6.215   -0.498  1.000 8.423   0 32  ALA AAA CA  1 ? 
ATOM   249  C  C   . ALA A 1 32  ? -0.887  7.429   -0.837  1.000 7.845   0 32  ALA AAA C   1 ? 
ATOM   250  O  O   . ALA A 1 32  ? -2.127  7.399   -0.684  1.000 8.347   0 32  ALA AAA O   1 ? 
ATOM   251  C  CB  . ALA A 1 32  ? 0.512   6.278   0.914   1.000 8.256   0 32  ALA AAA CB  1 ? 
ATOM   252  N  N   . LYS A 1 33  ? -0.261  8.542   -1.191  1.000 8.271   0 33  LYS AAA N   1 ? 
ATOM   253  C  CA  . LYS A 1 33  ? -1.025  9.738   -1.512  1.000 8.997   0 33  LYS AAA CA  1 ? 
ATOM   254  C  C   . LYS A 1 33  ? -2.048  9.463   -2.616  1.000 9.373   0 33  LYS AAA C   1 ? 
ATOM   255  O  O   . LYS A 1 33  ? -3.224  9.784   -2.477  1.000 9.585   0 33  LYS AAA O   1 ? 
ATOM   256  C  CB  . LYS A 1 33  ? -0.107  10.847  -2.035  1.000 10.798  0 33  LYS AAA CB  1 ? 
ATOM   257  C  CG  . LYS A 1 33  ? -0.797  12.058  -2.608  1.000 12.664  0 33  LYS AAA CG  1 ? 
ATOM   258  C  CD  . LYS A 1 33  ? -1.557  12.839  -1.624  1.000 14.870  0 33  LYS AAA CD  1 ? 
ATOM   259  C  CE  . LYS A 1 33  ? -2.297  13.996  -2.275  1.000 17.647  0 33  LYS AAA CE  1 ? 
ATOM   260  N  NZ  . LYS A 1 33  ? -3.133  14.725  -1.309  1.000 21.159  0 33  LYS AAA NZ  1 ? 
ATOM   261  N  N   . PHE A 1 34  ? -1.592  8.833   -3.694  1.000 8.489   0 34  PHE AAA N   1 ? 
ATOM   262  C  CA  . PHE A 1 34  ? -2.473  8.628   -4.854  1.000 9.753   0 34  PHE AAA CA  1 ? 
ATOM   263  C  C   . PHE A 1 34  ? -3.295  7.357   -4.725  1.000 9.473   0 34  PHE AAA C   1 ? 
ATOM   264  O  O   . PHE A 1 34  ? -4.349  7.347   -5.366  1.000 12.376  0 34  PHE AAA O   1 ? 
ATOM   265  C  CB  . PHE A 1 34  ? -1.695  8.725   -6.160  1.000 10.093  0 34  PHE AAA CB  1 ? 
ATOM   266  C  CG  . PHE A 1 34  ? -1.156  10.131  -6.325  1.000 9.842   0 34  PHE AAA CG  1 ? 
ATOM   267  C  CD1 . PHE A 1 34  ? -1.986  11.241  -6.420  1.000 10.149  0 34  PHE AAA CD1 1 ? 
ATOM   268  C  CD2 . PHE A 1 34  ? 0.183   10.359  -6.456  1.000 13.215  0 34  PHE AAA CD2 1 ? 
ATOM   269  C  CE1 . PHE A 1 34  ? -1.509  12.524  -6.602  1.000 11.973  0 34  PHE AAA CE1 1 ? 
ATOM   270  C  CE2 . PHE A 1 34  ? 0.678   11.652  -6.592  1.000 13.292  0 34  PHE AAA CE2 1 ? 
ATOM   271  C  CZ  . PHE A 1 34  ? -0.163  12.738  -6.691  1.000 12.106  0 34  PHE AAA CZ  1 ? 
ATOM   272  N  N   . GLU A 1 35  ? -2.946  6.415   -3.897  1.000 8.569   0 35  GLU AAA N   1 ? 
ATOM   273  C  CA  . GLU A 1 35  ? -3.816  5.231   -3.698  1.000 9.274   0 35  GLU AAA CA  1 ? 
ATOM   274  C  C   . GLU A 1 35  ? -4.948  5.596   -2.746  1.000 9.699   0 35  GLU AAA C   1 ? 
ATOM   275  O  O   . GLU A 1 35  ? -6.096  5.209   -3.016  1.000 10.995  0 35  GLU AAA O   1 ? 
ATOM   276  C  CB  . GLU A 1 35  ? -2.995  4.099   -3.130  1.000 9.311   0 35  GLU AAA CB  1 ? 
ATOM   277  C  CG  . GLU A 1 35  ? -2.091  3.431   -4.148  1.000 10.331  0 35  GLU AAA CG  1 ? 
ATOM   278  C  CD  . GLU A 1 35  ? -2.805  2.687   -5.291  1.000 12.882  0 35  GLU AAA CD  1 ? 
ATOM   279  O  OE1 . GLU A 1 35  ? -4.057  2.623   -5.283  1.000 15.031  0 35  GLU AAA OE1 1 ? 
ATOM   280  O  OE2 . GLU A 1 35  ? -2.034  2.310   -6.296  1.000 15.158  0 35  GLU AAA OE2 1 ? 
ATOM   281  N  N   . SER A 1 36  ? -4.688  6.297   -1.653  1.000 10.128  0 36  SER AAA N   1 ? 
ATOM   282  C  CA  . SER A 1 36  ? -5.653  6.409   -0.536  1.000 10.144  0 36  SER AAA CA  1 ? 
ATOM   283  C  C   . SER A 1 36  ? -5.823  7.824   -0.058  1.000 9.686   0 36  SER AAA C   1 ? 
ATOM   284  O  O   . SER A 1 36  ? -6.635  8.033   0.881   1.000 10.435  0 36  SER AAA O   1 ? 
ATOM   285  C  CB  . SER A 1 36  ? -5.251  5.574   0.582   1.000 10.140  0 36  SER AAA CB  1 ? 
ATOM   286  O  OG  . SER A 1 36  ? -4.066  6.093   1.188   1.000 9.336   0 36  SER AAA OG  1 ? 
ATOM   287  N  N   . ASN A 1 37  ? -5.077  8.799   -0.561  1.000 10.120  0 37  ASN AAA N   1 ? 
ATOM   288  C  CA  . ASN A 1 37  ? -5.070  10.143  0.048   1.000 10.878  0 37  ASN AAA CA  1 ? 
ATOM   289  C  C   . ASN A 1 37  ? -4.679  10.045  1.512   1.000 10.327  0 37  ASN AAA C   1 ? 
ATOM   290  O  O   . ASN A 1 37  ? -5.148  10.912  2.290   1.000 11.364  0 37  ASN AAA O   1 ? 
ATOM   291  C  CB  . ASN A 1 37  ? -6.379  10.896  -0.165  1.000 13.875  0 37  ASN AAA CB  1 ? 
ATOM   292  C  CG  . ASN A 1 37  ? -6.155  12.391  -0.259  1.000 16.737  0 37  ASN AAA CG  1 ? 
ATOM   293  O  OD1 . ASN A 1 37  ? -5.059  12.874  -0.452  1.000 18.936  0 37  ASN AAA OD1 1 ? 
ATOM   294  N  ND2 . ASN A 1 37  ? -7.231  13.147  -0.107  1.000 21.999  0 37  ASN AAA ND2 1 ? 
ATOM   295  N  N   . PHE A 1 38  ? -3.812  9.136   1.875   1.000 8.911   0 38  PHE AAA N   1 ? 
ATOM   296  C  CA  . PHE A 1 38  ? -3.302  8.966   3.246   1.000 8.371   0 38  PHE AAA CA  1 ? 
ATOM   297  C  C   . PHE A 1 38  ? -4.373  8.505   4.223   1.000 8.801   0 38  PHE AAA C   1 ? 
ATOM   298  O  O   . PHE A 1 38  ? -4.149  8.566   5.438   1.000 9.174   0 38  PHE AAA O   1 ? 
ATOM   299  C  CB  . PHE A 1 38  ? -2.603  10.225  3.765   1.000 8.726   0 38  PHE AAA CB  1 ? 
ATOM   300  C  CG  . PHE A 1 38  ? -1.477  10.773  2.923   1.000 8.569   0 38  PHE AAA CG  1 ? 
ATOM   301  C  CD1 . PHE A 1 38  ? -0.554  9.954   2.291   1.000 9.618   0 38  PHE AAA CD1 1 ? 
ATOM   302  C  CD2 . PHE A 1 38  ? -1.304  12.139  2.831   1.000 10.296  0 38  PHE AAA CD2 1 ? 
ATOM   303  C  CE1 . PHE A 1 38  ? 0.526   10.495  1.596   1.000 9.105   0 38  PHE AAA CE1 1 ? 
ATOM   304  C  CE2 . PHE A 1 38  ? -0.207  12.664  2.148   1.000 10.680  0 38  PHE AAA CE2 1 ? 
ATOM   305  C  CZ  . PHE A 1 38  ? 0.692   11.858  1.519   1.000 10.568  0 38  PHE AAA CZ  1 ? 
ATOM   306  N  N   . ASN A 1 39  ? -5.468  7.956   3.725   1.000 9.534   0 39  ASN AAA N   1 ? 
ATOM   307  C  CA  . ASN A 1 39  ? -6.575  7.497   4.589   1.000 9.794   0 39  ASN AAA CA  1 ? 
ATOM   308  C  C   . ASN A 1 39  ? -6.533  6.000   4.792   1.000 9.064   0 39  ASN AAA C   1 ? 
ATOM   309  O  O   . ASN A 1 39  ? -6.761  5.252   3.824   1.000 9.796   0 39  ASN AAA O   1 ? 
ATOM   310  C  CB  . ASN A 1 39  ? -7.869  7.904   3.940   1.000 9.667   0 39  ASN AAA CB  1 ? 
ATOM   311  C  CG  . ASN A 1 39  ? -9.083  7.624   4.811   1.000 10.919  0 39  ASN AAA CG  1 ? 
ATOM   312  O  OD1 . ASN A 1 39  ? -9.019  7.064   5.877   1.000 10.337  0 39  ASN AAA OD1 1 ? 
ATOM   313  N  ND2 . ASN A 1 39  ? -10.208 7.974   4.244   1.000 15.935  0 39  ASN AAA ND2 1 ? 
ATOM   314  N  N   . THR A 1 40  ? -6.254  5.559   5.980   1.000 9.333   0 40  THR AAA N   1 ? 
ATOM   315  C  CA  . THR A 1 40  ? -6.207  4.116   6.253   1.000 9.639   0 40  THR AAA CA  1 ? 
ATOM   316  C  C   . THR A 1 40  ? -7.551  3.434   5.981   1.000 9.549   0 40  THR AAA C   1 ? 
ATOM   317  O  O   . THR A 1 40  ? -7.533  2.222   5.770   1.000 9.482   0 40  THR AAA O   1 ? 
ATOM   318  C  CB  . THR A 1 40  ? -5.730  3.761   7.657   1.000 10.574  0 40  THR AAA CB  1 ? 
ATOM   319  O  OG1 . THR A 1 40  ? -6.735  4.094   8.619   1.000 12.058  0 40  THR AAA OG1 1 ? 
ATOM   320  C  CG2 . THR A 1 40  ? -4.405  4.384   8.041   1.000 11.211  0 40  THR AAA CG2 1 ? 
ATOM   321  N  N   . GLN A 1 41  ? -8.655  4.145   6.054   1.000 9.024   0 41  GLN AAA N   1 ? 
ATOM   322  C  CA  . GLN A 1 41  ? -9.979  3.493   5.933   1.000 9.205   0 41  GLN AAA CA  1 ? 
ATOM   323  C  C   . GLN A 1 41  ? -10.413 3.384   4.480   1.000 9.416   0 41  GLN AAA C   1 ? 
ATOM   324  O  O   . GLN A 1 41  ? -11.511 2.830   4.245   1.000 10.202  0 41  GLN AAA O   1 ? 
ATOM   325  C  CB  . GLN A 1 41  ? -11.041 4.215   6.731   1.000 9.348   0 41  GLN AAA CB  1 ? 
ATOM   326  C  CG  . GLN A 1 41  ? -10.725 4.213   8.199   1.000 9.498   0 41  GLN AAA CG  1 ? 
ATOM   327  C  CD  . GLN A 1 41  ? -11.937 4.575   9.002   1.000 9.693   0 41  GLN AAA CD  1 ? 
ATOM   328  O  OE1 . GLN A 1 41  ? -12.916 3.811   9.129   1.000 12.558  0 41  GLN AAA OE1 1 ? 
ATOM   329  N  NE2 . GLN A 1 41  ? -11.985 5.765   9.507   1.000 10.662  0 41  GLN AAA NE2 1 ? 
ATOM   330  N  N   . ALA A 1 42  ? -9.622  3.829   3.518   1.000 9.265   0 42  ALA AAA N   1 ? 
ATOM   331  C  CA  . ALA A 1 42  ? -10.054 3.821   2.128   1.000 9.052   0 42  ALA AAA CA  1 ? 
ATOM   332  C  C   . ALA A 1 42  ? -10.301 2.382   1.641   1.000 8.277   0 42  ALA AAA C   1 ? 
ATOM   333  O  O   . ALA A 1 42  ? -9.504  1.515   1.840   1.000 9.057   0 42  ALA AAA O   1 ? 
ATOM   334  C  CB  . ALA A 1 42  ? -8.988  4.432   1.276   1.000 10.566  0 42  ALA AAA CB  1 ? 
ATOM   335  N  N   . THR A 1 43  ? -11.391 2.201   0.899   1.000 9.537   0 43  THR AAA N   1 ? 
ATOM   336  C  CA  . THR A 1 43  ? -11.754 0.928   0.233   1.000 9.646   0 43  THR AAA CA  1 ? 
ATOM   337  C  C   . THR A 1 43  ? -12.266 1.246   -1.140  1.000 10.171  0 43  THR AAA C   1 ? 
ATOM   338  O  O   . THR A 1 43  ? -12.964 2.256   -1.313  1.000 12.092  0 43  THR AAA O   1 ? 
ATOM   339  C  CB  . THR A 1 43  ? -12.827 0.126   0.991   1.000 11.097  0 43  THR AAA CB  1 ? 
ATOM   340  O  OG1 . THR A 1 43  ? -14.054 0.874   1.092   1.000 11.832  0 43  THR AAA OG1 1 ? 
ATOM   341  C  CG2 . THR A 1 43  ? -12.337 -0.317  2.350   1.000 11.642  0 43  THR AAA CG2 1 ? 
ATOM   342  N  N   . ASN A 1 44  ? -11.962 0.377   -2.091  1.000 10.077  0 44  ASN AAA N   1 ? 
ATOM   343  C  CA  . ASN A 1 44  ? -12.434 0.589   -3.464  1.000 11.185  0 44  ASN AAA CA  1 ? 
ATOM   344  C  C   . ASN A 1 44  ? -12.644 -0.752  -4.163  1.000 10.011  0 44  ASN AAA C   1 ? 
ATOM   345  O  O   . ASN A 1 44  ? -11.725 -1.556  -4.267  1.000 10.848  0 44  ASN AAA O   1 ? 
ATOM   346  C  CB  . ASN A 1 44  ? -11.457 1.485   -4.246  1.000 13.728  0 44  ASN AAA CB  1 ? 
ATOM   347  C  CG  . ASN A 1 44  ? -11.472 2.956   -3.777  1.000 17.913  0 44  ASN AAA CG  1 ? 
ATOM   348  O  OD1 . ASN A 1 44  ? -12.357 3.783   -4.083  1.000 20.893  0 44  ASN AAA OD1 1 ? 
ATOM   349  N  ND2 . ASN A 1 44  ? -10.450 3.371   -3.021  1.000 21.038  0 44  ASN AAA ND2 1 ? 
ATOM   350  N  N   . ARG A 1 45  ? -13.861 -0.940  -4.632  1.000 11.634  0 45  ARG AAA N   1 ? 
ATOM   351  C  CA  . ARG A 1 45  ? -14.214 -2.195  -5.333  1.000 12.309  0 45  ARG AAA CA  1 ? 
ATOM   352  C  C   . ARG A 1 45  ? -13.638 -2.155  -6.732  1.000 12.957  0 45  ARG AAA C   1 ? 
ATOM   353  O  O   . ARG A 1 45  ? -13.671 -1.112  -7.391  1.000 16.674  0 45  ARG AAA O   1 ? 
ATOM   354  C  CB  . ARG A 1 45  ? -15.737 -2.267  -5.407  1.000 14.869  0 45  ARG AAA CB  1 ? 
ATOM   355  C  CG  . ARG A 1 45  ? -16.279 -3.537  -6.023  1.000 18.306  0 45  ARG AAA CG  1 ? 
ATOM   356  C  CD  . ARG A 1 45  ? -16.233 -4.738  -5.130  1.000 22.675  0 45  ARG AAA CD  1 ? 
ATOM   357  N  NE  . ARG A 1 45  ? -17.518 -4.923  -4.451  1.000 26.294  0 45  ARG AAA NE  1 ? 
ATOM   358  C  CZ  . ARG A 1 45  ? -18.125 -6.095  -4.177  1.000 23.679  0 45  ARG AAA CZ  1 ? 
ATOM   359  N  NH1 . ARG A 1 45  ? -19.273 -6.079  -3.533  1.000 29.613  0 45  ARG AAA NH1 1 ? 
ATOM   360  N  NH2 . ARG A 1 45  ? -17.604 -7.282  -4.475  1.000 21.937  0 45  ARG AAA NH2 1 ? 
ATOM   361  N  N   . ASN A 1 46  ? -13.112 -3.269  -7.192  1.000 12.890  0 46  ASN AAA N   1 ? 
ATOM   362  C  CA  . ASN A 1 46  ? -12.577 -3.425  -8.549  1.000 13.863  0 46  ASN AAA CA  1 ? 
ATOM   363  C  C   . ASN A 1 46  ? -13.601 -4.160  -9.413  1.000 12.851  0 46  ASN AAA C   1 ? 
ATOM   364  O  O   . ASN A 1 46  ? -14.419 -4.898  -8.933  1.000 14.014  0 46  ASN AAA O   1 ? 
ATOM   365  C  CB  . ASN A 1 46  ? -11.252 -4.171  -8.457  1.000 14.766  0 46  ASN AAA CB  1 ? 
ATOM   366  C  CG  . ASN A 1 46  ? -10.115 -3.361  -7.852  1.000 19.094  0 46  ASN AAA CG  1 ? 
ATOM   367  O  OD1 . ASN A 1 46  ? -10.285 -2.466  -7.019  1.000 27.737  0 46  ASN AAA OD1 1 ? 
ATOM   368  N  ND2 . ASN A 1 46  ? -8.897  -3.661  -8.270  1.000 21.532  0 46  ASN AAA ND2 1 ? 
ATOM   369  N  N   . THR A 1 47  ? -13.448 -4.009  -10.728 1.000 17.360  0 47  THR AAA N   1 ? 
ATOM   370  C  CA  . THR A 1 47  ? -14.337 -4.635  -11.733 1.000 17.583  0 47  THR AAA CA  1 ? 
ATOM   371  C  C   . THR A 1 47  ? -14.361 -6.150  -11.547 1.000 15.995  0 47  THR AAA C   1 ? 
ATOM   372  O  O   . THR A 1 47  ? -15.440 -6.776  -11.805 1.000 19.278  0 47  THR AAA O   1 ? 
ATOM   373  C  CB  . THR A 1 47  ? -13.949 -4.217  -13.159 1.000 19.668  0 47  THR AAA CB  1 ? 
ATOM   374  O  OG1 . THR A 1 47  ? -12.616 -4.573  -13.500 1.000 24.113  0 47  THR AAA OG1 1 ? 
ATOM   375  C  CG2 . THR A 1 47  ? -14.043 -2.723  -13.288 1.000 19.946  0 47  THR AAA CG2 1 ? 
ATOM   376  N  N   . ASP A 1 48  ? -13.237 -6.773  -11.172 1.000 15.135  0 48  ASP AAA N   1 ? 
ATOM   377  C  CA  . ASP A 1 48  ? -13.161 -8.244  -11.092 1.000 15.581  0 48  ASP AAA CA  1 ? 
ATOM   378  C  C   . ASP A 1 48  ? -13.898 -8.754  -9.853  1.000 15.145  0 48  ASP AAA C   1 ? 
ATOM   379  O  O   . ASP A 1 48  ? -13.876 -9.967  -9.648  1.000 16.732  0 48  ASP AAA O   1 ? 
ATOM   380  C  CB  . ASP A 1 48  ? -11.699 -8.681  -11.241 1.000 14.879  0 48  ASP AAA CB  1 ? 
ATOM   381  C  CG  . ASP A 1 48  ? -10.827 -8.409  -10.020 1.000 14.059  0 48  ASP AAA CG  1 ? 
ATOM   382  O  OD1 . ASP A 1 48  ? -11.332 -7.705  -9.090  1.000 13.311  0 48  ASP AAA OD1 1 ? 
ATOM   383  O  OD2 . ASP A 1 48  ? -9.696  -8.915  -10.006 1.000 16.074  0 48  ASP AAA OD2 1 ? 
ATOM   384  N  N   . GLY A 1 49  ? -14.413 -7.882  -8.968  1.000 13.805  0 49  GLY AAA N   1 ? 
ATOM   385  C  CA  . GLY A 1 49  ? -15.126 -8.307  -7.746  1.000 14.301  0 49  GLY AAA CA  1 ? 
ATOM   386  C  C   . GLY A 1 49  ? -14.251 -8.231  -6.511  1.000 12.208  0 49  GLY AAA C   1 ? 
ATOM   387  O  O   . GLY A 1 49  ? -14.768 -8.336  -5.390  1.000 14.207  0 49  GLY AAA O   1 ? 
ATOM   388  N  N   . SER A 1 50  ? -12.952 -8.078  -6.692  1.000 11.603  0 50  SER AAA N   1 ? 
ATOM   389  C  CA  . SER A 1 50  ? -12.023 -7.845  -5.577  1.000 10.626  0 50  SER AAA CA  1 ? 
ATOM   390  C  C   . SER A 1 50  ? -12.219 -6.416  -5.059  1.000 9.824   0 50  SER AAA C   1 ? 
ATOM   391  O  O   . SER A 1 50  ? -12.886 -5.596  -5.689  1.000 10.437  0 50  SER AAA O   1 ? 
ATOM   392  C  CB  . SER A 1 50  ? -10.649 -8.104  -6.005  1.000 10.883  0 50  SER AAA CB  1 ? 
ATOM   393  O  OG  . SER A 1 50  ? -10.167 -7.110  -6.853  1.000 10.337  0 50  SER AAA OG  1 ? 
ATOM   394  N  N   . THR A 1 51  ? -11.611 -6.148  -3.919  1.000 8.948   0 51  THR AAA N   1 ? 
ATOM   395  C  CA  . THR A 1 51  ? -11.602 -4.814  -3.305  1.000 9.046   0 51  THR AAA CA  1 ? 
ATOM   396  C  C   . THR A 1 51  ? -10.167 -4.511  -2.886  1.000 9.110   0 51  THR AAA C   1 ? 
ATOM   397  O  O   . THR A 1 51  ? -9.444  -5.375  -2.461  1.000 8.803   0 51  THR AAA O   1 ? 
ATOM   398  C  CB  . THR A 1 51  ? -12.604 -4.770  -2.142  1.000 9.335   0 51  THR AAA CB  1 ? 
ATOM   399  O  OG1 . THR A 1 51  ? -13.917 -5.125  -2.619  1.000 10.814  0 51  THR AAA OG1 1 ? 
ATOM   400  C  CG2 . THR A 1 51  ? -12.705 -3.432  -1.452  1.000 10.227  0 51  THR AAA CG2 1 ? 
ATOM   401  N  N   . ASP A 1 52  ? -9.866  -3.222  -2.952  1.000 9.296   0 52  ASP AAA N   1 ? 
ATOM   402  C  CA  . ASP A 1 52  ? -8.586  -2.682  -2.446  1.000 8.790   0 52  ASP AAA CA  1 ? 
ATOM   403  C  C   . ASP A 1 52  ? -8.800  -2.029  -1.076  1.000 9.060   0 52  ASP AAA C   1 ? 
ATOM   404  O  O   . ASP A 1 52  ? -9.808  -1.304  -0.918  1.000 10.184  0 52  ASP AAA O   1 ? 
ATOM   405  C  CB  . ASP A 1 52  ? -8.069  -1.600  -3.387  1.000 10.516  0 52  ASP AAA CB  1 ? 
ATOM   406  C  CG  . ASP A 1 52  ? -7.704  -2.076  -4.781  1.000 12.657  0 52  ASP AAA CG  1 ? 
ATOM   407  O  OD1 . ASP A 1 52  ? -7.341  -3.242  -4.923  1.000 13.972  0 52  ASP AAA OD1 1 ? 
ATOM   408  O  OD2 . ASP A 1 52  ? -7.806  -1.268  -5.715  1.000 16.589  0 52  ASP AAA OD2 1 ? 
ATOM   409  N  N   . TYR A 1 53  ? -7.857  -2.212  -0.192  1.000 8.634   0 53  TYR AAA N   1 ? 
ATOM   410  C  CA  . TYR A 1 53  ? -8.003  -1.823  1.214   1.000 9.376   0 53  TYR AAA CA  1 ? 
ATOM   411  C  C   . TYR A 1 53  ? -6.821  -1.023  1.719   1.000 8.996   0 53  TYR AAA C   1 ? 
ATOM   412  O  O   . TYR A 1 53  ? -5.665  -1.457  1.573   1.000 9.052   0 53  TYR AAA O   1 ? 
ATOM   413  C  CB  . TYR A 1 53  ? -8.144  -3.076  2.079   1.000 9.445   0 53  TYR AAA CB  1 ? 
ATOM   414  C  CG  . TYR A 1 53  ? -9.405  -3.878  1.821   1.000 8.890   0 53  TYR AAA CG  1 ? 
ATOM   415  C  CD1 . TYR A 1 53  ? -9.433  -4.827  0.828   1.000 8.933   0 53  TYR AAA CD1 1 ? 
ATOM   416  C  CD2 . TYR A 1 53  ? -10.574 -3.651  2.547   1.000 9.155   0 53  TYR AAA CD2 1 ? 
ATOM   417  C  CE1 . TYR A 1 53  ? -10.587 -5.558  0.609   1.000 8.509   0 53  TYR AAA CE1 1 ? 
ATOM   418  C  CE2 . TYR A 1 53  ? -11.740 -4.354  2.296   1.000 9.615   0 53  TYR AAA CE2 1 ? 
ATOM   419  C  CZ  . TYR A 1 53  ? -11.745 -5.297  1.296   1.000 8.897   0 53  TYR AAA CZ  1 ? 
ATOM   420  O  OH  . TYR A 1 53  ? -12.922 -5.985  1.062   1.000 9.352   0 53  TYR AAA OH  1 ? 
ATOM   421  N  N   . GLY A 1 54  ? -7.106  0.068   2.402   1.000 8.813   0 54  GLY AAA N   1 ? 
ATOM   422  C  CA  . GLY A 1 54  ? -6.154  0.753   3.275   1.000 9.601   0 54  GLY AAA CA  1 ? 
ATOM   423  C  C   . GLY A 1 54  ? -5.231  1.713   2.514   1.000 9.103   0 54  GLY AAA C   1 ? 
ATOM   424  O  O   . GLY A 1 54  ? -5.464  2.089   1.423   1.000 8.694   0 54  GLY AAA O   1 ? 
ATOM   425  N  N   . ILE A 1 55  ? -4.240  2.159   3.250   1.000 10.102  0 55  ILE AAA N   1 ? 
ATOM   426  C  CA  . ILE A 1 55  ? -3.388  3.296   2.821   1.000 11.356  0 55  ILE AAA CA  1 ? 
ATOM   427  C  C   . ILE A 1 55  ? -2.617  2.997   1.523   1.000 10.490  0 55  ILE AAA C   1 ? 
ATOM   428  O  O   . ILE A 1 55  ? -2.362  3.915   0.764   1.000 11.359  0 55  ILE AAA O   1 ? 
ATOM   429  C  CB  . ILE A 1 55  ? -2.516  3.692   4.016   1.000 16.540  0 55  ILE AAA CB  1 ? 
ATOM   430  C  CG1 . ILE A 1 55  ? -2.102  5.162   3.858   1.000 21.627  0 55  ILE AAA CG1 1 ? 
ATOM   431  C  CG2 . ILE A 1 55  ? -1.394  2.715   4.211   1.000 15.910  0 55  ILE AAA CG2 1 ? 
ATOM   432  C  CD1 . ILE A 1 55  ? -1.899  5.931   5.102   1.000 19.981  0 55  ILE AAA CD1 1 ? 
ATOM   433  N  N   . LEU A 1 56  ? -2.427  1.717   1.198   1.000 9.991   0 56  LEU AAA N   1 ? 
ATOM   434  C  CA  . LEU A 1 56  ? -1.723  1.305   -0.036  1.000 10.722  0 56  LEU AAA CA  1 ? 
ATOM   435  C  C   . LEU A 1 56  ? -2.671  0.492   -0.907  1.000 10.201  0 56  LEU AAA C   1 ? 
ATOM   436  O  O   . LEU A 1 56  ? -2.231  -0.109  -1.909  1.000 10.986  0 56  LEU AAA O   1 ? 
ATOM   437  C  CB  . LEU A 1 56  ? -0.415  0.596   0.270   1.000 10.510  0 56  LEU AAA CB  1 ? 
ATOM   438  C  CG  . LEU A 1 56  ? 0.721   1.537   0.671   1.000 11.306  0 56  LEU AAA CG  1 ? 
ATOM   439  C  CD1 . LEU A 1 56  ? 1.921   0.747   1.163   1.000 12.553  0 56  LEU AAA CD1 1 ? 
ATOM   440  C  CD2 . LEU A 1 56  ? 1.158   2.439   -0.470  1.000 11.789  0 56  LEU AAA CD2 1 ? 
ATOM   441  N  N   . GLN A 1 57  ? -3.969  0.455   -0.599  1.000 9.327   0 57  GLN AAA N   1 ? 
ATOM   442  C  CA  . GLN A 1 57  ? -4.970  -0.102  -1.519  1.000 9.612   0 57  GLN AAA CA  1 ? 
ATOM   443  C  C   . GLN A 1 57  ? -4.555  -1.518  -1.952  1.000 9.315   0 57  GLN AAA C   1 ? 
ATOM   444  O  O   . GLN A 1 57  ? -4.539  -1.835  -3.155  1.000 11.448  0 57  GLN AAA O   1 ? 
ATOM   445  C  CB  . GLN A 1 57  ? -5.219  0.848   -2.680  1.000 9.631   0 57  GLN AAA CB  1 ? 
ATOM   446  C  CG  . GLN A 1 57  ? -5.964  2.112   -2.259  1.000 9.927   0 57  GLN AAA CG  1 ? 
ATOM   447  C  CD  . GLN A 1 57  ? -7.373  1.816   -1.837  1.000 10.605  0 57  GLN AAA CD  1 ? 
ATOM   448  O  OE1 . GLN A 1 57  ? -8.277  1.729   -2.696  1.000 11.864  0 57  GLN AAA OE1 1 ? 
ATOM   449  N  NE2 . GLN A 1 57  ? -7.606  1.644   -0.556  1.000 10.090  0 57  GLN AAA NE2 1 ? 
ATOM   450  N  N   . ILE A 1 58  ? -4.364  -2.365  -0.980  1.000 9.128   0 58  ILE AAA N   1 ? 
ATOM   451  C  CA  . ILE A 1 58  ? -3.954  -3.773  -1.196  1.000 9.750   0 58  ILE AAA CA  1 ? 
ATOM   452  C  C   . ILE A 1 58  ? -5.184  -4.608  -1.514  1.000 9.419   0 58  ILE AAA C   1 ? 
ATOM   453  O  O   . ILE A 1 58  ? -6.249  -4.488  -0.906  1.000 9.106   0 58  ILE AAA O   1 ? 
ATOM   454  C  CB  . ILE A 1 58  ? -3.188  -4.251  0.014   1.000 10.820  0 58  ILE AAA CB  1 ? 
ATOM   455  C  CG1 . ILE A 1 58  ? -1.834  -3.516  0.014   1.000 12.811  0 58  ILE AAA CG1 1 ? 
ATOM   456  C  CG2 . ILE A 1 58  ? -3.080  -5.770  0.001   1.000 10.797  0 58  ILE AAA CG2 1 ? 
ATOM   457  C  CD1 . ILE A 1 58  ? -1.020  -3.697  1.242   1.000 13.638  0 58  ILE AAA CD1 1 ? 
ATOM   458  N  N   . ASN A 1 59  ? -5.052  -5.465  -2.525  1.000 9.470   0 59  ASN AAA N   1 ? 
ATOM   459  C  CA  . ASN A 1 59  ? -6.189  -6.110  -3.184  1.000 10.663  0 59  ASN AAA CA  1 ? 
ATOM   460  C  C   . ASN A 1 59  ? -6.487  -7.500  -2.604  1.000 10.662  0 59  ASN AAA C   1 ? 
ATOM   461  O  O   . ASN A 1 59  ? -5.574  -8.307  -2.364  1.000 12.695  0 59  ASN AAA O   1 ? 
ATOM   462  C  CB  . ASN A 1 59  ? -5.857  -6.217  -4.664  1.000 12.234  0 59  ASN AAA CB  1 ? 
ATOM   463  C  CG  . ASN A 1 59  ? -7.050  -6.631  -5.476  1.000 11.603  0 59  ASN AAA CG  1 ? 
ATOM   464  O  OD1 . ASN A 1 59  ? -7.930  -5.821  -5.776  1.000 14.827  0 59  ASN AAA OD1 1 ? 
ATOM   465  N  ND2 . ASN A 1 59  ? -7.106  -7.897  -5.812  1.000 11.649  0 59  ASN AAA ND2 1 ? 
ATOM   466  N  N   . SER A 1 60  ? -7.765  -7.806  -2.501  1.000 10.657  0 60  SER AAA N   1 ? 
ATOM   467  C  CA  . SER A 1 60  ? -8.318  -9.050  -1.933  1.000 11.025  0 60  SER AAA CA  1 ? 
ATOM   468  C  C   . SER A 1 60  ? -8.215  -10.263 -2.856  1.000 12.434  0 60  SER AAA C   1 ? 
ATOM   469  O  O   . SER A 1 60  ? -8.521  -11.360 -2.359  1.000 13.811  0 60  SER AAA O   1 ? 
ATOM   470  C  CB  . SER A 1 60  ? -9.734  -8.856  -1.534  1.000 10.350  0 60  SER AAA CB  1 ? 
ATOM   471  O  OG  . SER A 1 60  ? -10.531 -8.578  -2.647  1.000 10.500  0 60  SER AAA OG  1 ? 
ATOM   472  N  N   A ARG A 1 61  ? -7.885  -10.129 -4.103  0.500 11.269  0 61  ARG AAA N   1 ? 
ATOM   473  N  N   B ARG A 1 61  ? -7.830  -10.103 -4.121  0.500 12.917  0 61  ARG AAA N   1 ? 
ATOM   474  C  CA  A ARG A 1 61  ? -7.750  -11.400 -4.869  0.500 11.895  0 61  ARG AAA CA  1 ? 
ATOM   475  C  CA  B ARG A 1 61  ? -7.733  -11.251 -5.095  0.500 14.688  0 61  ARG AAA CA  1 ? 
ATOM   476  C  C   A ARG A 1 61  ? -6.547  -12.177 -4.338  0.500 12.064  0 61  ARG AAA C   1 ? 
ATOM   477  C  C   B ARG A 1 61  ? -6.504  -12.122 -4.766  0.500 12.367  0 61  ARG AAA C   1 ? 
ATOM   478  O  O   A ARG A 1 61  ? -6.696  -13.350 -3.928  0.500 15.538  0 61  ARG AAA O   1 ? 
ATOM   479  O  O   B ARG A 1 61  ? -6.616  -13.371 -4.890  0.500 12.716  0 61  ARG AAA O   1 ? 
ATOM   480  C  CB  A ARG A 1 61  ? -7.628  -11.051 -6.343  0.500 11.798  0 61  ARG AAA CB  1 ? 
ATOM   481  C  CB  B ARG A 1 61  ? -7.783  -10.745 -6.543  0.500 18.112  0 61  ARG AAA CB  1 ? 
ATOM   482  C  CG  A ARG A 1 61  ? -7.698  -12.238 -7.292  0.500 13.219  0 61  ARG AAA CG  1 ? 
ATOM   483  C  CG  B ARG A 1 61  ? -8.640  -11.590 -7.479  0.500 23.504  0 61  ARG AAA CG  1 ? 
ATOM   484  C  CD  A ARG A 1 61  ? -8.169  -11.757 -8.656  0.500 16.286  0 61  ARG AAA CD  1 ? 
ATOM   485  C  CD  B ARG A 1 61  ? -7.834  -12.537 -8.341  0.500 27.221  0 61  ARG AAA CD  1 ? 
ATOM   486  N  NE  A ARG A 1 61  ? -9.245  -12.607 -9.188  0.500 22.550  0 61  ARG AAA NE  1 ? 
ATOM   487  N  NE  B ARG A 1 61  ? -7.360  -13.646 -7.531  0.500 30.278  0 61  ARG AAA NE  1 ? 
ATOM   488  C  CZ  A ARG A 1 61  ? -10.564 -12.443 -8.977  0.500 24.252  0 61  ARG AAA CZ  1 ? 
ATOM   489  C  CZ  B ARG A 1 61  ? -6.843  -14.769 -8.009  0.500 29.615  0 61  ARG AAA CZ  1 ? 
ATOM   490  N  NH1 A ARG A 1 61  ? -11.420 -13.280 -9.533  0.500 28.663  0 61  ARG AAA NH1 1 ? 
ATOM   491  N  NH1 B ARG A 1 61  ? -6.437  -15.705 -7.173  0.500 30.501  0 61  ARG AAA NH1 1 ? 
ATOM   492  N  NH2 A ARG A 1 61  ? -11.042 -11.448 -8.246  0.500 23.177  0 61  ARG AAA NH2 1 ? 
ATOM   493  N  NH2 B ARG A 1 61  ? -6.721  -14.939 -9.313  0.500 31.241  0 61  ARG AAA NH2 1 ? 
ATOM   494  N  N   . TRP A 1 62  ? -5.399  -11.534 -4.296  1.000 12.432  0 62  TRP AAA N   1 ? 
ATOM   495  C  CA  . TRP A 1 62  ? -4.156  -12.257 -3.966  1.000 14.226  0 62  TRP AAA CA  1 ? 
ATOM   496  C  C   . TRP A 1 62  ? -3.776  -12.146 -2.499  1.000 12.373  0 62  TRP AAA C   1 ? 
ATOM   497  O  O   . TRP A 1 62  ? -3.192  -13.082 -1.948  1.000 12.514  0 62  TRP AAA O   1 ? 
ATOM   498  C  CB  . TRP A 1 62  ? -3.027  -11.774 -4.893  1.000 18.285  0 62  TRP AAA CB  1 ? 
ATOM   499  C  CG  . TRP A 1 62  ? -3.267  -12.249 -6.299  1.000 28.427  0 62  TRP AAA CG  1 ? 
ATOM   500  C  CD1 . TRP A 1 62  ? -3.868  -11.564 -7.321  1.000 34.034  0 62  TRP AAA CD1 1 ? 
ATOM   501  C  CD2 . TRP A 1 62  ? -3.029  -13.576 -6.806  1.000 36.988  0 62  TRP AAA CD2 1 ? 
ATOM   502  N  NE1 . TRP A 1 62  ? -3.969  -12.349 -8.439  1.000 38.957  0 62  TRP AAA NE1 1 ? 
ATOM   503  C  CE2 . TRP A 1 62  ? -3.456  -13.587 -8.156  1.000 38.742  0 62  TRP AAA CE2 1 ? 
ATOM   504  C  CE3 . TRP A 1 62  ? -2.435  -14.728 -6.278  1.000 40.345  0 62  TRP AAA CE3 1 ? 
ATOM   505  C  CZ2 . TRP A 1 62  ? -3.330  -14.713 -8.968  1.000 44.671  0 62  TRP AAA CZ2 1 ? 
ATOM   506  C  CZ3 . TRP A 1 62  ? -2.312  -15.840 -7.085  1.000 44.974  0 62  TRP AAA CZ3 1 ? 
ATOM   507  C  CH2 . TRP A 1 62  ? -2.756  -15.832 -8.407  1.000 45.277  0 62  TRP AAA CH2 1 ? 
ATOM   508  N  N   . TRP A 1 63  ? -4.033  -11.013 -1.840  1.000 10.960  0 63  TRP AAA N   1 ? 
ATOM   509  C  CA  . TRP A 1 63  ? -3.186  -10.638 -0.694  1.000 11.134  0 63  TRP AAA CA  1 ? 
ATOM   510  C  C   . TRP A 1 63  ? -3.860  -10.762 0.654   1.000 9.949   0 63  TRP AAA C   1 ? 
ATOM   511  O  O   . TRP A 1 63  ? -3.221  -11.046 1.602   1.000 11.947  0 63  TRP AAA O   1 ? 
ATOM   512  C  CB  . TRP A 1 63  ? -2.625  -9.227  -0.893  1.000 10.964  0 63  TRP AAA CB  1 ? 
ATOM   513  C  CG  . TRP A 1 63  ? -1.846  -9.117  -2.159  1.000 11.970  0 63  TRP AAA CG  1 ? 
ATOM   514  C  CD1 . TRP A 1 63  ? -2.214  -8.433  -3.271  1.000 13.644  0 63  TRP AAA CD1 1 ? 
ATOM   515  C  CD2 . TRP A 1 63  ? -0.606  -9.774  -2.457  1.000 12.281  0 63  TRP AAA CD2 1 ? 
ATOM   516  N  NE1 . TRP A 1 63  ? -1.267  -8.627  -4.261  1.000 15.399  0 63  TRP AAA NE1 1 ? 
ATOM   517  C  CE2 . TRP A 1 63  ? -0.299  -9.470  -3.796  1.000 15.169  0 63  TRP AAA CE2 1 ? 
ATOM   518  C  CE3 . TRP A 1 63  ? 0.272   -10.579 -1.731  1.000 13.846  0 63  TRP AAA CE3 1 ? 
ATOM   519  C  CZ2 . TRP A 1 63  ? 0.879   -9.908  -4.405  1.000 16.221  0 63  TRP AAA CZ2 1 ? 
ATOM   520  C  CZ3 . TRP A 1 63  ? 1.435   -11.010 -2.341  1.000 15.998  0 63  TRP AAA CZ3 1 ? 
ATOM   521  C  CH2 . TRP A 1 63  ? 1.693   -10.721 -3.675  1.000 15.819  0 63  TRP AAA CH2 1 ? 
ATOM   522  N  N   . CYS A 1 64  ? -5.158  -10.502 0.742   1.000 11.823  0 64  CYS AAA N   1 ? 
ATOM   523  C  CA  . CYS A 1 64  ? -5.896  -10.498 2.022   1.000 10.639  0 64  CYS AAA CA  1 ? 
ATOM   524  C  C   . CYS A 1 64  ? -7.252  -11.137 1.823   1.000 11.040  0 64  CYS AAA C   1 ? 
ATOM   525  O  O   . CYS A 1 64  ? -7.736  -11.233 0.700   1.000 12.488  0 64  CYS AAA O   1 ? 
ATOM   526  C  CB  . CYS A 1 64  ? -6.018  -9.104  2.592   1.000 11.068  0 64  CYS AAA CB  1 ? 
ATOM   527  S  SG  . CYS A 1 64  ? -6.992  -7.929  1.614   1.000 12.401  0 64  CYS AAA SG  1 ? 
ATOM   528  N  N   . ASN A 1 65  ? -7.846  -11.622 2.918   1.000 10.927  0 65  ASN AAA N   1 ? 
ATOM   529  C  CA  . ASN A 1 65  ? -9.178  -12.253 2.881   1.000 11.472  0 65  ASN AAA CA  1 ? 
ATOM   530  C  C   . ASN A 1 65  ? -10.297 -11.271 3.268   1.000 10.240  0 65  ASN AAA C   1 ? 
ATOM   531  O  O   . ASN A 1 65  ? -10.262 -10.745 4.388   1.000 10.360  0 65  ASN AAA O   1 ? 
ATOM   532  C  CB  . ASN A 1 65  ? -9.206  -13.453 3.798   1.000 12.288  0 65  ASN AAA CB  1 ? 
ATOM   533  C  CG  . ASN A 1 65  ? -10.597 -14.031 3.749   1.000 15.715  0 65  ASN AAA CG  1 ? 
ATOM   534  O  OD1 . ASN A 1 65  ? -11.052 -14.410 2.671   1.000 19.147  0 65  ASN AAA OD1 1 ? 
ATOM   535  N  ND2 . ASN A 1 65  ? -11.303 -13.950 4.842   1.000 17.274  0 65  ASN AAA ND2 1 ? 
ATOM   536  N  N   . ASP A 1 66  ? -11.220 -11.071 2.360   1.000 10.150  0 66  ASP AAA N   1 ? 
ATOM   537  C  CA  . ASP A 1 66  ? -12.432 -10.275 2.681   1.000 11.020  0 66  ASP AAA CA  1 ? 
ATOM   538  C  C   . ASP A 1 66  ? -13.715 -11.099 2.628   1.000 11.063  0 66  ASP AAA C   1 ? 
ATOM   539  O  O   . ASP A 1 66  ? -14.783 -10.512 2.848   1.000 12.216  0 66  ASP AAA O   1 ? 
ATOM   540  C  CB  . ASP A 1 66  ? -12.571 -9.032  1.839   1.000 10.498  0 66  ASP AAA CB  1 ? 
ATOM   541  C  CG  . ASP A 1 66  ? -12.856 -9.226  0.387   1.000 9.699   0 66  ASP AAA CG  1 ? 
ATOM   542  O  OD1 . ASP A 1 66  ? -13.053 -10.401 -0.055  1.000 11.583  0 66  ASP AAA OD1 1 ? 
ATOM   543  O  OD2 . ASP A 1 66  ? -12.873 -8.194  -0.337  1.000 10.019  0 66  ASP AAA OD2 1 ? 
ATOM   544  N  N   . GLY A 1 67  ? -13.604 -12.385 2.391   1.000 12.162  0 67  GLY AAA N   1 ? 
ATOM   545  C  CA  . GLY A 1 67  ? -14.784 -13.268 2.404   1.000 14.383  0 67  GLY AAA CA  1 ? 
ATOM   546  C  C   . GLY A 1 67  ? -15.701 -13.116 1.222   1.000 14.811  0 67  GLY AAA C   1 ? 
ATOM   547  O  O   . GLY A 1 67  ? -16.705 -13.895 1.170   1.000 17.891  0 67  GLY AAA O   1 ? 
ATOM   548  N  N   . ARG A 1 68  ? -15.433 -12.263 0.253   1.000 12.234  0 68  ARG AAA N   1 ? 
ATOM   549  C  CA  . ARG A 1 68  ? -16.359 -12.090 -0.874  1.000 13.144  0 68  ARG AAA CA  1 ? 
ATOM   550  C  C   . ARG A 1 68  ? -15.653 -12.037 -2.208  1.000 13.686  0 68  ARG AAA C   1 ? 
ATOM   551  O  O   . ARG A 1 68  ? -16.302 -11.577 -3.176  1.000 16.440  0 68  ARG AAA O   1 ? 
ATOM   552  C  CB  . ARG A 1 68  ? -17.250 -10.875 -0.592  1.000 13.425  0 68  ARG AAA CB  1 ? 
ATOM   553  C  CG  . ARG A 1 68  ? -16.477 -9.581  -0.667  1.000 13.653  0 68  ARG AAA CG  1 ? 
ATOM   554  C  CD  . ARG A 1 68  ? -17.433 -8.425  -0.688  1.000 13.067  0 68  ARG AAA CD  1 ? 
ATOM   555  N  NE  . ARG A 1 68  ? -16.740 -7.195  -1.092  1.000 14.021  0 68  ARG AAA NE  1 ? 
ATOM   556  C  CZ  . ARG A 1 68  ? -17.267 -5.970  -0.950  1.000 11.690  0 68  ARG AAA CZ  1 ? 
ATOM   557  N  NH1 . ARG A 1 68  ? -18.478 -5.839  -0.429  1.000 12.237  0 68  ARG AAA NH1 1 ? 
ATOM   558  N  NH2 . ARG A 1 68  ? -16.563 -4.911  -1.373  1.000 12.137  0 68  ARG AAA NH2 1 ? 
ATOM   559  N  N   . THR A 1 69  ? -14.422 -12.507 -2.281  1.000 13.003  0 69  THR AAA N   1 ? 
ATOM   560  C  CA  . THR A 1 69  ? -13.642 -12.442 -3.529  1.000 13.503  0 69  THR AAA CA  1 ? 
ATOM   561  C  C   . THR A 1 69  ? -13.455 -13.913 -3.943  1.000 16.558  0 69  THR AAA C   1 ? 
ATOM   562  O  O   . THR A 1 69  ? -12.520 -14.542 -3.542  1.000 15.855  0 69  THR AAA O   1 ? 
ATOM   563  C  CB  . THR A 1 69  ? -12.318 -11.704 -3.374  1.000 11.993  0 69  THR AAA CB  1 ? 
ATOM   564  O  OG1 . THR A 1 69  ? -12.563 -10.425 -2.750  1.000 12.388  0 69  THR AAA OG1 1 ? 
ATOM   565  C  CG2 . THR A 1 69  ? -11.653 -11.457 -4.705  1.000 13.277  0 69  THR AAA CG2 1 ? 
ATOM   566  N  N   A PRO A 1 70  ? -14.476 -14.595 -4.537  0.500 19.832  0 70  PRO AAA N   1 ? 
ATOM   567  N  N   B PRO A 1 70  ? -14.245 -14.429 -4.906  0.500 22.132  0 70  PRO AAA N   1 ? 
ATOM   568  C  CA  A PRO A 1 70  ? -14.343 -16.005 -4.916  0.500 22.921  0 70  PRO AAA CA  1 ? 
ATOM   569  C  CA  B PRO A 1 70  ? -14.335 -15.877 -5.098  0.500 25.905  0 70  PRO AAA CA  1 ? 
ATOM   570  C  C   A PRO A 1 70  ? -13.029 -16.337 -5.638  0.500 26.673  0 70  PRO AAA C   1 ? 
ATOM   571  C  C   B PRO A 1 70  ? -13.033 -16.362 -5.755  0.500 28.321  0 70  PRO AAA C   1 ? 
ATOM   572  O  O   A PRO A 1 70  ? -12.474 -15.509 -6.376  0.500 29.391  0 70  PRO AAA O   1 ? 
ATOM   573  O  O   B PRO A 1 70  ? -12.457 -15.610 -6.544  0.500 30.320  0 70  PRO AAA O   1 ? 
ATOM   574  C  CB  A PRO A 1 70  ? -15.544 -16.221 -5.850  0.500 24.498  0 70  PRO AAA CB  1 ? 
ATOM   575  C  CB  B PRO A 1 70  ? -15.615 -16.031 -5.940  0.500 27.237  0 70  PRO AAA CB  1 ? 
ATOM   576  C  CG  A PRO A 1 70  ? -16.596 -15.330 -5.254  0.500 21.568  0 70  PRO AAA CG  1 ? 
ATOM   577  C  CG  B PRO A 1 70  ? -15.769 -14.702 -6.680  0.500 25.243  0 70  PRO AAA CG  1 ? 
ATOM   578  C  CD  A PRO A 1 70  ? -15.827 -14.084 -4.844  0.500 20.153  0 70  PRO AAA CD  1 ? 
ATOM   579  C  CD  B PRO A 1 70  ? -15.046 -13.651 -5.864  0.500 23.420  0 70  PRO AAA CD  1 ? 
ATOM   580  N  N   . GLY A 1 71  ? -12.542 -17.544 -5.353  1.000 28.963  0 71  GLY AAA N   1 ? 
ATOM   581  C  CA  . GLY A 1 71  ? -11.297 -18.108 -5.899  1.000 31.468  0 71  GLY AAA CA  1 ? 
ATOM   582  C  C   . GLY A 1 71  ? -10.157 -17.130 -5.741  1.000 31.934  0 71  GLY AAA C   1 ? 
ATOM   583  O  O   . GLY A 1 71  ? -9.451  -16.873 -6.725  1.000 42.190  0 71  GLY AAA O   1 ? 
ATOM   584  N  N   . SER A 1 72  ? -10.041 -16.516 -4.570  1.000 28.246  0 72  SER AAA N   1 ? 
ATOM   585  C  CA  . SER A 1 72  ? -8.923  -15.619 -4.256  1.000 23.926  0 72  SER AAA CA  1 ? 
ATOM   586  C  C   . SER A 1 72  ? -7.943  -16.293 -3.289  1.000 21.814  0 72  SER AAA C   1 ? 
ATOM   587  O  O   . SER A 1 72  ? -8.243  -17.348 -2.657  1.000 22.801  0 72  SER AAA O   1 ? 
ATOM   588  C  CB  . SER A 1 72  ? -9.459  -14.329 -3.712  1.000 22.477  0 72  SER AAA CB  1 ? 
ATOM   589  O  OG  . SER A 1 72  ? -9.843  -14.536 -2.375  1.000 20.592  0 72  SER AAA OG  1 ? 
ATOM   590  N  N   A ARG A 1 73  ? -6.769  -15.701 -3.158  0.500 19.093  0 73  ARG AAA N   1 ? 
ATOM   591  N  N   B ARG A 1 73  ? -6.748  -15.714 -3.185  0.500 20.828  0 73  ARG AAA N   1 ? 
ATOM   592  C  CA  A ARG A 1 73  ? -5.766  -16.166 -2.194  0.500 18.895  0 73  ARG AAA CA  1 ? 
ATOM   593  C  CA  B ARG A 1 73  ? -5.729  -16.129 -2.202  0.500 21.305  0 73  ARG AAA CA  1 ? 
ATOM   594  C  C   A ARG A 1 73  ? -5.705  -15.083 -1.111  0.500 17.925  0 73  ARG AAA C   1 ? 
ATOM   595  C  C   B ARG A 1 73  ? -5.617  -15.018 -1.166  0.500 19.872  0 73  ARG AAA C   1 ? 
ATOM   596  O  O   A ARG A 1 73  ? -6.486  -14.118 -1.161  0.500 17.446  0 73  ARG AAA O   1 ? 
ATOM   597  O  O   B ARG A 1 73  ? -6.140  -13.907 -1.396  0.500 22.765  0 73  ARG AAA O   1 ? 
ATOM   598  C  CB  A ARG A 1 73  ? -4.504  -16.555 -2.974  0.500 19.306  0 73  ARG AAA CB  1 ? 
ATOM   599  C  CB  B ARG A 1 73  ? -4.371  -16.379 -2.854  0.500 22.464  0 73  ARG AAA CB  1 ? 
ATOM   600  C  CG  A ARG A 1 73  ? -4.756  -17.703 -3.957  0.500 20.517  0 73  ARG AAA CG  1 ? 
ATOM   601  C  CG  B ARG A 1 73  ? -4.415  -16.280 -4.366  0.500 25.792  0 73  ARG AAA CG  1 ? 
ATOM   602  C  CD  A ARG A 1 73  ? -4.188  -19.065 -3.551  0.500 24.054  0 73  ARG AAA CD  1 ? 
ATOM   603  C  CD  B ARG A 1 73  ? -3.662  -17.427 -4.993  0.500 29.791  0 73  ARG AAA CD  1 ? 
ATOM   604  N  NE  A ARG A 1 73  ? -4.750  -20.282 -4.169  0.500 27.677  0 73  ARG AAA NE  1 ? 
ATOM   605  N  NE  B ARG A 1 73  ? -2.228  -17.374 -4.744  0.500 31.150  0 73  ARG AAA NE  1 ? 
ATOM   606  C  CZ  A ARG A 1 73  ? -4.059  -21.124 -4.952  0.500 28.230  0 73  ARG AAA CZ  1 ? 
ATOM   607  C  CZ  B ARG A 1 73  ? -1.388  -18.343 -5.089  0.500 32.604  0 73  ARG AAA CZ  1 ? 
ATOM   608  N  NH1 A ARG A 1 73  ? -4.620  -22.215 -5.453  0.500 26.571  0 73  ARG AAA NH1 1 ? 
ATOM   609  N  NH1 B ARG A 1 73  ? -1.859  -19.413 -5.699  0.500 34.226  0 73  ARG AAA NH1 1 ? 
ATOM   610  N  NH2 A ARG A 1 73  ? -2.794  -20.880 -5.222  0.500 28.386  0 73  ARG AAA NH2 1 ? 
ATOM   611  N  NH2 B ARG A 1 73  ? -0.092  -18.232 -4.849  0.500 32.981  0 73  ARG AAA NH2 1 ? 
ATOM   612  N  N   . ASN A 1 74  ? -4.902  -15.352 -0.114  1.000 17.740  0 74  ASN AAA N   1 ? 
ATOM   613  C  CA  . ASN A 1 74  ? -4.684  -14.551 1.091   1.000 14.853  0 74  ASN AAA CA  1 ? 
ATOM   614  C  C   . ASN A 1 74  ? -3.204  -14.760 1.368   1.000 13.855  0 74  ASN AAA C   1 ? 
ATOM   615  O  O   . ASN A 1 74  ? -2.858  -15.288 2.409   1.000 13.757  0 74  ASN AAA O   1 ? 
ATOM   616  C  CB  . ASN A 1 74  ? -5.568  -15.041 2.233   1.000 13.921  0 74  ASN AAA CB  1 ? 
ATOM   617  C  CG  . ASN A 1 74  ? -5.388  -14.278 3.514   1.000 13.799  0 74  ASN AAA CG  1 ? 
ATOM   618  O  OD1 . ASN A 1 74  ? -4.756  -13.233 3.542   1.000 13.200  0 74  ASN AAA OD1 1 ? 
ATOM   619  N  ND2 . ASN A 1 74  ? -5.954  -14.786 4.583   1.000 14.414  0 74  ASN AAA ND2 1 ? 
ATOM   620  N  N   . LEU A 1 75  ? -2.355  -14.254 0.485   1.000 14.226  0 75  LEU AAA N   1 ? 
ATOM   621  C  CA  . LEU A 1 75  ? -0.906  -14.514 0.608   1.000 15.411  0 75  LEU AAA CA  1 ? 
ATOM   622  C  C   . LEU A 1 75  ? -0.298  -13.748 1.786   1.000 14.633  0 75  LEU AAA C   1 ? 
ATOM   623  O  O   . LEU A 1 75  ? 0.745   -14.200 2.314   1.000 15.935  0 75  LEU AAA O   1 ? 
ATOM   624  C  CB  . LEU A 1 75  ? -0.194  -14.172 -0.697  1.000 17.707  0 75  LEU AAA CB  1 ? 
ATOM   625  C  CG  . LEU A 1 75  ? -0.606  -15.054 -1.877  1.000 18.164  0 75  LEU AAA CG  1 ? 
ATOM   626  C  CD1 . LEU A 1 75  ? -0.034  -14.524 -3.195  1.000 21.079  0 75  LEU AAA CD1 1 ? 
ATOM   627  C  CD2 . LEU A 1 75  ? -0.246  -16.510 -1.632  1.000 22.241  0 75  LEU AAA CD2 1 ? 
ATOM   628  N  N   . CYS A 1 76  ? -0.911  -12.641 2.261   1.000 12.814  0 76  CYS AAA N   1 ? 
ATOM   629  C  CA  . CYS A 1 76  ? -0.415  -11.921 3.441   1.000 13.621  0 76  CYS AAA CA  1 ? 
ATOM   630  C  C   . CYS A 1 76  ? -0.988  -12.521 4.721   1.000 12.862  0 76  CYS AAA C   1 ? 
ATOM   631  O  O   . CYS A 1 76  ? -0.589  -12.108 5.793   1.000 14.090  0 76  CYS AAA O   1 ? 
ATOM   632  C  CB  . CYS A 1 76  ? -0.742  -10.442 3.338   1.000 13.221  0 76  CYS AAA CB  1 ? 
ATOM   633  S  SG  . CYS A 1 76  ? 0.235   -9.702  2.018   1.000 13.284  0 76  CYS AAA SG  1 ? 
ATOM   634  N  N   A ASN A 1 77  ? -1.857  -13.534 4.638   0.500 12.478  0 77  ASN AAA N   1 ? 
ATOM   635  N  N   B ASN A 1 77  ? -1.900  -13.487 4.552   0.500 13.744  0 77  ASN AAA N   1 ? 
ATOM   636  C  CA  A ASN A 1 77  ? -2.467  -14.195 5.825   0.500 13.121  0 77  ASN AAA CA  1 ? 
ATOM   637  C  CA  B ASN A 1 77  ? -2.477  -14.301 5.646   0.500 14.673  0 77  ASN AAA CA  1 ? 
ATOM   638  C  C   A ASN A 1 77  ? -3.006  -13.156 6.805   0.500 11.633  0 77  ASN AAA C   1 ? 
ATOM   639  C  C   B ASN A 1 77  ? -3.166  -13.397 6.667   0.500 13.713  0 77  ASN AAA C   1 ? 
ATOM   640  O  O   A ASN A 1 77  ? -2.586  -13.096 7.996   0.500 12.087  0 77  ASN AAA O   1 ? 
ATOM   641  O  O   B ASN A 1 77  ? -2.928  -13.586 7.854   0.500 12.771  0 77  ASN AAA O   1 ? 
ATOM   642  C  CB  A ASN A 1 77  ? -1.484  -15.085 6.570   0.500 14.450  0 77  ASN AAA CB  1 ? 
ATOM   643  C  CB  B ASN A 1 77  ? -1.372  -15.125 6.301   0.500 15.999  0 77  ASN AAA CB  1 ? 
ATOM   644  C  CG  A ASN A 1 77  ? -2.225  -16.134 7.374   0.500 14.273  0 77  ASN AAA CG  1 ? 
ATOM   645  C  CG  B ASN A 1 77  ? -0.985  -16.288 5.419   0.500 16.595  0 77  ASN AAA CG  1 ? 
ATOM   646  O  OD1 A ASN A 1 77  ? -3.272  -16.630 6.952   0.500 19.463  0 77  ASN AAA OD1 1 ? 
ATOM   647  O  OD1 B ASN A 1 77  ? -1.843  -17.068 5.014   0.500 21.032  0 77  ASN AAA OD1 1 ? 
ATOM   648  N  ND2 A ASN A 1 77  ? -1.683  -16.485 8.522   0.500 16.090  0 77  ASN AAA ND2 1 ? 
ATOM   649  N  ND2 B ASN A 1 77  ? 0.286   -16.372 5.066   0.500 19.810  0 77  ASN AAA ND2 1 ? 
ATOM   650  N  N   A ILE A 1 78  ? -3.929  -12.352 6.297   0.500 11.052  0 78  ILE AAA N   1 ? 
ATOM   651  N  N   B ILE A 1 78  ? -4.024  -12.487 6.196   0.500 13.343  0 78  ILE AAA N   1 ? 
ATOM   652  C  CA  A ILE A 1 78  ? -4.658  -11.381 7.129   0.500 11.444  0 78  ILE AAA CA  1 ? 
ATOM   653  C  CA  B ILE A 1 78  ? -4.555  -11.358 7.007   0.500 13.719  0 78  ILE AAA CA  1 ? 
ATOM   654  C  C   A ILE A 1 78  ? -6.056  -11.227 6.590   0.500 11.199  0 78  ILE AAA C   1 ? 
ATOM   655  C  C   B ILE A 1 78  ? -5.984  -11.044 6.558   0.500 12.775  0 78  ILE AAA C   1 ? 
ATOM   656  O  O   A ILE A 1 78  ? -6.293  -11.354 5.392   0.500 10.621  0 78  ILE AAA O   1 ? 
ATOM   657  O  O   B ILE A 1 78  ? -6.225  -10.961 5.350   0.500 11.055  0 78  ILE AAA O   1 ? 
ATOM   658  C  CB  A ILE A 1 78  ? -3.975  -10.002 7.130   0.500 11.885  0 78  ILE AAA CB  1 ? 
ATOM   659  C  CB  B ILE A 1 78  ? -3.580  -10.151 6.879   0.500 15.374  0 78  ILE AAA CB  1 ? 
ATOM   660  C  CG1 A ILE A 1 78  ? -3.614  -9.568  5.712   0.500 12.026  0 78  ILE AAA CG1 1 ? 
ATOM   661  C  CG1 B ILE A 1 78  ? -3.716  -9.137  8.017   0.500 17.201  0 78  ILE AAA CG1 1 ? 
ATOM   662  C  CG2 A ILE A 1 78  ? -2.749  -9.969  8.035   0.500 11.292  0 78  ILE AAA CG2 1 ? 
ATOM   663  C  CG2 B ILE A 1 78  ? -3.663  -9.485  5.519   0.500 14.954  0 78  ILE AAA CG2 1 ? 
ATOM   664  C  CD1 A ILE A 1 78  ? -3.140  -8.140  5.583   0.500 13.460  0 78  ILE AAA CD1 1 ? 
ATOM   665  C  CD1 B ILE A 1 78  ? -3.096  -9.568  9.324   0.500 18.709  0 78  ILE AAA CD1 1 ? 
ATOM   666  N  N   . PRO A 1 79  ? -6.963  -10.778 7.465   1.000 12.297  0 79  PRO AAA N   1 ? 
ATOM   667  C  CA  . PRO A 1 79  ? -8.240  -10.262 7.009   1.000 11.591  0 79  PRO AAA CA  1 ? 
ATOM   668  C  C   . PRO A 1 79  ? -7.987  -8.883  6.390   1.000 10.465  0 79  PRO AAA C   1 ? 
ATOM   669  O  O   . PRO A 1 79  ? -7.181  -8.060  6.887   1.000 10.901  0 79  PRO AAA O   1 ? 
ATOM   670  C  CB  . PRO A 1 79  ? -9.074  -10.090 8.279   1.000 13.008  0 79  PRO AAA CB  1 ? 
ATOM   671  C  CG  . PRO A 1 79  ? -8.050  -9.972  9.381   1.000 15.419  0 79  PRO AAA CG  1 ? 
ATOM   672  C  CD  . PRO A 1 79  ? -6.848  -10.779 8.933   1.000 13.640  0 79  PRO AAA CD  1 ? 
ATOM   673  N  N   . CYS A 1 80  ? -8.703  -8.580  5.328   1.000 9.980   0 80  CYS AAA N   1 ? 
ATOM   674  C  CA  . CYS A 1 80  ? -8.526  -7.288  4.659   1.000 9.270   0 80  CYS AAA CA  1 ? 
ATOM   675  C  C   . CYS A 1 80  ? -8.827  -6.147  5.621   1.000 10.137  0 80  CYS AAA C   1 ? 
ATOM   676  O  O   . CYS A 1 80  ? -8.196  -5.049  5.535   1.000 10.541  0 80  CYS AAA O   1 ? 
ATOM   677  C  CB  . CYS A 1 80  ? -9.372  -7.173  3.431   1.000 10.128  0 80  CYS AAA CB  1 ? 
ATOM   678  S  SG  . CYS A 1 80  ? -8.942  -8.366  2.121   1.000 10.868  0 80  CYS AAA SG  1 ? 
ATOM   679  N  N   . SER A 1 81  ? -9.727  -6.324  6.589   1.000 10.052  0 81  SER AAA N   1 ? 
ATOM   680  C  CA  . SER A 1 81  ? -10.011 -5.263  7.588   1.000 11.856  0 81  SER AAA CA  1 ? 
ATOM   681  C  C   . SER A 1 81  ? -8.750  -4.850  8.358   1.000 12.177  0 81  SER AAA C   1 ? 
ATOM   682  O  O   . SER A 1 81  ? -8.686  -3.714  8.836   1.000 12.852  0 81  SER AAA O   1 ? 
ATOM   683  C  CB  . SER A 1 81  ? -11.114 -5.682  8.524   1.000 13.100  0 81  SER AAA CB  1 ? 
ATOM   684  O  OG  . SER A 1 81  ? -10.654 -6.824  9.228   1.000 14.405  0 81  SER AAA OG  1 ? 
ATOM   685  N  N   . ALA A 1 82  ? -7.811  -5.734  8.561   1.000 12.460  0 82  ALA AAA N   1 ? 
ATOM   686  C  CA  . ALA A 1 82  ? -6.528  -5.397  9.241   1.000 12.823  0 82  ALA AAA CA  1 ? 
ATOM   687  C  C   . ALA A 1 82  ? -5.811  -4.265  8.519   1.000 14.110  0 82  ALA AAA C   1 ? 
ATOM   688  O  O   . ALA A 1 82  ? -4.931  -3.587  9.132   1.000 14.379  0 82  ALA AAA O   1 ? 
ATOM   689  C  CB  . ALA A 1 82  ? -5.635  -6.586  9.337   1.000 15.218  0 82  ALA AAA CB  1 ? 
ATOM   690  N  N   . LEU A 1 83  ? -6.055  -4.117  7.230   1.000 12.580  0 83  LEU AAA N   1 ? 
ATOM   691  C  CA  . LEU A 1 83  ? -5.379  -3.093  6.423   1.000 12.009  0 83  LEU AAA CA  1 ? 
ATOM   692  C  C   . LEU A 1 83  ? -6.071  -1.765  6.594   1.000 11.765  0 83  LEU AAA C   1 ? 
ATOM   693  O  O   . LEU A 1 83  ? -5.610  -0.806  5.967   1.000 13.247  0 83  LEU AAA O   1 ? 
ATOM   694  C  CB  . LEU A 1 83  ? -5.419  -3.525  4.969   1.000 13.049  0 83  LEU AAA CB  1 ? 
ATOM   695  C  CG  . LEU A 1 83  ? -4.706  -4.815  4.600   1.000 14.387  0 83  LEU AAA CG  1 ? 
ATOM   696  C  CD1 . LEU A 1 83  ? -5.009  -5.251  3.176   1.000 15.708  0 83  LEU AAA CD1 1 ? 
ATOM   697  C  CD2 . LEU A 1 83  ? -3.196  -4.660  4.726   1.000 16.498  0 83  LEU AAA CD2 1 ? 
ATOM   698  N  N   . LEU A 1 84  ? -7.154  -1.654  7.365   1.000 11.980  0 84  LEU AAA N   1 ? 
ATOM   699  C  CA  . LEU A 1 84  ? -7.825  -0.351  7.571   1.000 11.313  0 84  LEU AAA CA  1 ? 
ATOM   700  C  C   . LEU A 1 84  ? -7.473  0.308   8.894   1.000 12.191  0 84  LEU AAA C   1 ? 
ATOM   701  O  O   . LEU A 1 84  ? -7.921  1.429   9.134   1.000 13.682  0 84  LEU AAA O   1 ? 
ATOM   702  C  CB  . LEU A 1 84  ? -9.328  -0.539  7.458   1.000 12.625  0 84  LEU AAA CB  1 ? 
ATOM   703  C  CG  . LEU A 1 84  ? -9.777  -1.190  6.156   1.000 12.160  0 84  LEU AAA CG  1 ? 
ATOM   704  C  CD1 . LEU A 1 84  ? -11.272 -1.376  6.164   1.000 14.038  0 84  LEU AAA CD1 1 ? 
ATOM   705  C  CD2 . LEU A 1 84  ? -9.334  -0.432  4.914   1.000 11.842  0 84  LEU AAA CD2 1 ? 
ATOM   706  N  N   . SER A 1 85  ? -6.677  -0.367  9.716   1.000 12.594  0 85  SER AAA N   1 ? 
ATOM   707  C  CA  . SER A 1 85  ? -6.285  0.098   11.064  1.000 14.227  0 85  SER AAA CA  1 ? 
ATOM   708  C  C   . SER A 1 85  ? -5.530  1.428   11.023  1.000 13.886  0 85  SER AAA C   1 ? 
ATOM   709  O  O   . SER A 1 85  ? -4.769  1.705   10.077  1.000 14.539  0 85  SER AAA O   1 ? 
ATOM   710  C  CB  . SER A 1 85  ? -5.419  -0.996  11.636  1.000 15.155  0 85  SER AAA CB  1 ? 
ATOM   711  O  OG  . SER A 1 85  ? -4.936  -0.628  12.900  1.000 16.747  0 85  SER AAA OG  1 ? 
ATOM   712  N  N   . SER A 1 86  ? -5.566  2.164   12.111  1.000 14.042  0 86  SER AAA N   1 ? 
ATOM   713  C  CA  . SER A 1 86  ? -4.669  3.311   12.295  1.000 14.691  0 86  SER AAA CA  1 ? 
ATOM   714  C  C   . SER A 1 86  ? -3.221  2.836   12.387  1.000 14.463  0 86  SER AAA C   1 ? 
ATOM   715  O  O   . SER A 1 86  ? -2.322  3.654   12.123  1.000 16.603  0 86  SER AAA O   1 ? 
ATOM   716  C  CB  A SER A 1 86  ? -5.068  4.112   13.519  0.500 15.159  0 86  SER AAA CB  1 ? 
ATOM   717  C  CB  B SER A 1 86  ? -5.074  4.069   13.537  0.500 16.974  0 86  SER AAA CB  1 ? 
ATOM   718  O  OG  A SER A 1 86  ? -5.054  3.326   14.693  0.500 15.369  0 86  SER AAA OG  1 ? 
ATOM   719  O  OG  B SER A 1 86  ? -6.400  4.558   13.401  0.500 21.734  0 86  SER AAA OG  1 ? 
ATOM   720  N  N   . ASP A 1 87  ? -2.975  1.611   12.807  1.000 13.245  0 87  ASP AAA N   1 ? 
ATOM   721  C  CA  . ASP A 1 87  ? -1.647  0.994   12.920  1.000 13.265  0 87  ASP AAA CA  1 ? 
ATOM   722  C  C   . ASP A 1 87  ? -1.322  0.465   11.521  1.000 12.693  0 87  ASP AAA C   1 ? 
ATOM   723  O  O   . ASP A 1 87  ? -1.955  -0.523  11.116  1.000 12.743  0 87  ASP AAA O   1 ? 
ATOM   724  C  CB  . ASP A 1 87  ? -1.680  -0.126  13.964  1.000 14.525  0 87  ASP AAA CB  1 ? 
ATOM   725  C  CG  . ASP A 1 87  ? -0.386  -0.875  14.192  1.000 17.493  0 87  ASP AAA CG  1 ? 
ATOM   726  O  OD1 . ASP A 1 87  ? 0.534   -0.692  13.381  1.000 15.455  0 87  ASP AAA OD1 1 ? 
ATOM   727  O  OD2 . ASP A 1 87  ? -0.332  -1.754  15.126  1.000 21.668  0 87  ASP AAA OD2 1 ? 
ATOM   728  N  N   . ILE A 1 88  ? -0.291  0.976   10.858  1.000 11.491  0 88  ILE AAA N   1 ? 
ATOM   729  C  CA  . ILE A 1 88  ? 0.012   0.535   9.471   1.000 10.825  0 88  ILE AAA CA  1 ? 
ATOM   730  C  C   . ILE A 1 88  ? 0.860   -0.734  9.440   1.000 10.887  0 88  ILE AAA C   1 ? 
ATOM   731  O  O   . ILE A 1 88  ? 1.168   -1.116  8.293   1.000 10.885  0 88  ILE AAA O   1 ? 
ATOM   732  C  CB  . ILE A 1 88  ? 0.650   1.663   8.640   1.000 11.393  0 88  ILE AAA CB  1 ? 
ATOM   733  C  CG1 . ILE A 1 88  ? 2.052   2.028   9.131   1.000 11.953  0 88  ILE AAA CG1 1 ? 
ATOM   734  C  CG2 . ILE A 1 88  ? -0.281  2.860   8.637   1.000 12.996  0 88  ILE AAA CG2 1 ? 
ATOM   735  C  CD1 . ILE A 1 88  ? 2.798   2.933   8.179   1.000 13.767  0 88  ILE AAA CD1 1 ? 
ATOM   736  N  N   . THR A 1 89  ? 1.172   -1.385  10.544  1.000 11.083  0 89  THR AAA N   1 ? 
ATOM   737  C  CA  . THR A 1 89  ? 2.037   -2.572  10.533  1.000 11.413  0 89  THR AAA CA  1 ? 
ATOM   738  C  C   . THR A 1 89  ? 1.571   -3.606  9.497   1.000 11.534  0 89  THR AAA C   1 ? 
ATOM   739  O  O   . THR A 1 89  ? 2.364   -4.031  8.690   1.000 12.054  0 89  THR AAA O   1 ? 
ATOM   740  C  CB  . THR A 1 89  ? 2.092   -3.205  11.928  1.000 12.554  0 89  THR AAA CB  1 ? 
ATOM   741  O  OG1 . THR A 1 89  ? 2.584   -2.242  12.871  1.000 14.525  0 89  THR AAA OG1 1 ? 
ATOM   742  C  CG2 . THR A 1 89  ? 3.005   -4.408  11.957  1.000 13.470  0 89  THR AAA CG2 1 ? 
ATOM   743  N  N   . ALA A 1 90  ? 0.310   -3.980  9.503   1.000 11.208  0 90  ALA AAA N   1 ? 
ATOM   744  C  CA  . ALA A 1 90  ? -0.160  -5.035  8.600   1.000 11.708  0 90  ALA AAA CA  1 ? 
ATOM   745  C  C   . ALA A 1 90  ? -0.030  -4.568  7.143   1.000 11.226  0 90  ALA AAA C   1 ? 
ATOM   746  O  O   . ALA A 1 90  ? 0.380   -5.369  6.280   1.000 11.301  0 90  ALA AAA O   1 ? 
ATOM   747  C  CB  . ALA A 1 90  ? -1.566  -5.426  8.973   1.000 13.290  0 90  ALA AAA CB  1 ? 
ATOM   748  N  N   . SER A 1 91  ? -0.409  -3.349  6.833   1.000 9.906   0 91  SER AAA N   1 ? 
ATOM   749  C  CA  . SER A 1 91  ? -0.246  -2.854  5.438   1.000 9.914   0 91  SER AAA CA  1 ? 
ATOM   750  C  C   . SER A 1 91  ? 1.228   -2.896  5.048   1.000 9.501   0 91  SER AAA C   1 ? 
ATOM   751  O  O   . SER A 1 91  ? 1.507   -3.208  3.883   1.000 10.042  0 91  SER AAA O   1 ? 
ATOM   752  C  CB  . SER A 1 91  ? -0.785  -1.472  5.289   1.000 9.985   0 91  SER AAA CB  1 ? 
ATOM   753  O  OG  . SER A 1 91  ? -2.227  -1.481  5.233   1.000 11.131  0 91  SER AAA OG  1 ? 
ATOM   754  N  N   . VAL A 1 92  ? 2.133   -2.455  5.921   1.000 9.710   0 92  VAL AAA N   1 ? 
ATOM   755  C  CA  . VAL A 1 92  ? 3.559   -2.477  5.540   1.000 9.732   0 92  VAL AAA CA  1 ? 
ATOM   756  C  C   . VAL A 1 92  ? 4.031   -3.888  5.312   1.000 10.573  0 92  VAL AAA C   1 ? 
ATOM   757  O  O   . VAL A 1 92  ? 4.744   -4.094  4.333   1.000 10.815  0 92  VAL AAA O   1 ? 
ATOM   758  C  CB  . VAL A 1 92  ? 4.389   -1.792  6.626   1.000 11.605  0 92  VAL AAA CB  1 ? 
ATOM   759  C  CG1 . VAL A 1 92  ? 5.866   -1.976  6.365   1.000 12.453  0 92  VAL AAA CG1 1 ? 
ATOM   760  C  CG2 . VAL A 1 92  ? 4.071   -0.327  6.677   1.000 11.827  0 92  VAL AAA CG2 1 ? 
ATOM   761  N  N   . ASN A 1 93  ? 3.721   -4.814  6.212   1.000 10.821  0 93  ASN AAA N   1 ? 
ATOM   762  C  CA  . ASN A 1 93  ? 4.193   -6.211  6.056   1.000 12.606  0 93  ASN AAA CA  1 ? 
ATOM   763  C  C   . ASN A 1 93  ? 3.681   -6.755  4.736   1.000 12.146  0 93  ASN AAA C   1 ? 
ATOM   764  O  O   . ASN A 1 93  ? 4.402   -7.476  4.019   1.000 12.548  0 93  ASN AAA O   1 ? 
ATOM   765  C  CB  . ASN A 1 93  ? 3.795   -7.092  7.242   1.000 16.491  0 93  ASN AAA CB  1 ? 
ATOM   766  C  CG  . ASN A 1 93  ? 4.632   -6.740  8.444   1.000 21.734  0 93  ASN AAA CG  1 ? 
ATOM   767  O  OD1 . ASN A 1 93  ? 5.748   -6.250  8.291   1.000 25.663  0 93  ASN AAA OD1 1 ? 
ATOM   768  N  ND2 . ASN A 1 93  ? 4.060   -6.925  9.614   1.000 24.960  0 93  ASN AAA ND2 1 ? 
ATOM   769  N  N   . CYS A 1 94  ? 2.443   -6.504  4.418   1.000 10.814  0 94  CYS AAA N   1 ? 
ATOM   770  C  CA  . CYS A 1 94  ? 1.884   -7.011  3.161   1.000 10.985  0 94  CYS AAA CA  1 ? 
ATOM   771  C  C   . CYS A 1 94  ? 2.517   -6.296  1.958   1.000 11.099  0 94  CYS AAA C   1 ? 
ATOM   772  O  O   . CYS A 1 94  ? 2.841   -6.985  0.971   1.000 11.000  0 94  CYS AAA O   1 ? 
ATOM   773  C  CB  . CYS A 1 94  ? 0.377   -6.930  3.267   1.000 11.916  0 94  CYS AAA CB  1 ? 
ATOM   774  S  SG  . CYS A 1 94  ? -0.463  -7.772  1.925   1.000 13.017  0 94  CYS AAA SG  1 ? 
ATOM   775  N  N   . ALA A 1 95  ? 2.661   -4.989  2.005   1.000 10.534  0 95  ALA AAA N   1 ? 
ATOM   776  C  CA  . ALA A 1 95  ? 3.352   -4.239  0.920   1.000 9.949   0 95  ALA AAA CA  1 ? 
ATOM   777  C  C   . ALA A 1 95  ? 4.730   -4.814  0.652   1.000 9.879   0 95  ALA AAA C   1 ? 
ATOM   778  O  O   . ALA A 1 95  ? 5.151   -4.859  -0.523  1.000 10.074  0 95  ALA AAA O   1 ? 
ATOM   779  C  CB  . ALA A 1 95  ? 3.431   -2.781  1.228   1.000 10.067  0 95  ALA AAA CB  1 ? 
ATOM   780  N  N   . LYS A 1 96  ? 5.453   -5.177  1.699   1.000 10.325  0 96  LYS AAA N   1 ? 
ATOM   781  C  CA  . LYS A 1 96  ? 6.777   -5.779  1.495   1.000 10.814  0 96  LYS AAA CA  1 ? 
ATOM   782  C  C   . LYS A 1 96  ? 6.662   -7.069  0.693   1.000 11.536  0 96  LYS AAA C   1 ? 
ATOM   783  O  O   . LYS A 1 96  ? 7.536   -7.291  -0.169  1.000 12.691  0 96  LYS AAA O   1 ? 
ATOM   784  C  CB  . LYS A 1 96  ? 7.447   -6.035  2.845   1.000 11.794  0 96  LYS AAA CB  1 ? 
ATOM   785  C  CG  . LYS A 1 96  ? 7.923   -4.762  3.509   1.000 12.026  0 96  LYS AAA CG  1 ? 
ATOM   786  C  CD  . LYS A 1 96  ? 8.552   -5.023  4.873   1.000 14.514  0 96  LYS AAA CD  1 ? 
ATOM   787  C  CE  . LYS A 1 96  ? 9.081   -3.766  5.528   1.000 14.535  0 96  LYS AAA CE  1 ? 
ATOM   788  N  NZ  . LYS A 1 96  ? 9.635   -4.015  6.885   1.000 17.405  0 96  LYS AAA NZ  1 ? 
ATOM   789  N  N   . LYS A 1 97  ? 5.681   -7.889  0.927   1.000 11.515  0 97  LYS AAA N   1 ? 
ATOM   790  C  CA  . LYS A 1 97  ? 5.508   -9.095  0.110   1.000 12.538  0 97  LYS AAA CA  1 ? 
ATOM   791  C  C   . LYS A 1 97  ? 5.205   -8.690  -1.322  1.000 11.734  0 97  LYS AAA C   1 ? 
ATOM   792  O  O   . LYS A 1 97  ? 5.737   -9.273  -2.276  1.000 12.960  0 97  LYS AAA O   1 ? 
ATOM   793  C  CB  . LYS A 1 97  ? 4.417   -9.994  0.697   1.000 13.574  0 97  LYS AAA CB  1 ? 
ATOM   794  C  CG  . LYS A 1 97  ? 4.732   -10.620 2.036   1.000 17.064  0 97  LYS AAA CG  1 ? 
ATOM   795  C  CD  . LYS A 1 97  ? 3.714   -11.632 2.533   1.000 22.132  0 97  LYS AAA CD  1 ? 
ATOM   796  C  CE  . LYS A 1 97  ? 4.078   -12.232 3.878   1.000 28.201  0 97  LYS AAA CE  1 ? 
ATOM   797  N  NZ  . LYS A 1 97  ? 3.808   -11.288 4.991   1.000 33.037  0 97  LYS AAA NZ  1 ? 
ATOM   798  N  N   . ILE A 1 98  ? 4.263   -7.789  -1.520  1.000 10.482  0 98  ILE AAA N   1 ? 
ATOM   799  C  CA  . ILE A 1 98  ? 3.797   -7.420  -2.871  1.000 10.609  0 98  ILE AAA CA  1 ? 
ATOM   800  C  C   . ILE A 1 98  ? 4.978   -6.871  -3.666  1.000 10.915  0 98  ILE AAA C   1 ? 
ATOM   801  O  O   . ILE A 1 98  ? 5.154   -7.284  -4.844  1.000 11.436  0 98  ILE AAA O   1 ? 
ATOM   802  C  CB  . ILE A 1 98  ? 2.694   -6.373  -2.747  1.000 10.656  0 98  ILE AAA CB  1 ? 
ATOM   803  C  CG1 . ILE A 1 98  ? 1.432   -6.934  -2.074  1.000 11.180  0 98  ILE AAA CG1 1 ? 
ATOM   804  C  CG2 . ILE A 1 98  ? 2.387   -5.836  -4.130  1.000 11.856  0 98  ILE AAA CG2 1 ? 
ATOM   805  C  CD1 . ILE A 1 98  ? 0.397   -5.871  -1.682  1.000 12.035  0 98  ILE AAA CD1 1 ? 
ATOM   806  N  N   . VAL A 1 99  ? 5.760   -5.993  -3.100  1.000 10.110  0 99  VAL AAA N   1 ? 
ATOM   807  C  CA  . VAL A 1 99  ? 6.836   -5.337  -3.884  1.000 10.504  0 99  VAL AAA CA  1 ? 
ATOM   808  C  C   . VAL A 1 99  ? 7.972   -6.310  -4.154  1.000 11.160  0 99  VAL AAA C   1 ? 
ATOM   809  O  O   . VAL A 1 99  ? 8.826   -6.024  -5.006  1.000 12.421  0 99  VAL AAA O   1 ? 
ATOM   810  C  CB  . VAL A 1 99  ? 7.345   -4.081  -3.164  1.000 9.643   0 99  VAL AAA CB  1 ? 
ATOM   811  C  CG1 . VAL A 1 99  ? 8.221   -4.391  -1.958  1.000 9.860   0 99  VAL AAA CG1 1 ? 
ATOM   812  C  CG2 . VAL A 1 99  ? 8.034   -3.134  -4.107  1.000 10.011  0 99  VAL AAA CG2 1 ? 
ATOM   813  N  N   . SER A 1 100 ? 8.009   -7.439  -3.463  1.000 13.206  0 100 SER AAA N   1 ? 
ATOM   814  C  CA  . SER A 1 100 ? 8.978   -8.532  -3.685  1.000 14.500  0 100 SER AAA CA  1 ? 
ATOM   815  C  C   . SER A 1 100 ? 8.480   -9.523  -4.752  1.000 17.812  0 100 SER AAA C   1 ? 
ATOM   816  O  O   . SER A 1 100 ? 9.250   -10.462 -5.038  1.000 20.606  0 100 SER AAA O   1 ? 
ATOM   817  C  CB  . SER A 1 100 ? 9.310   -9.209  -2.360  1.000 15.141  0 100 SER AAA CB  1 ? 
ATOM   818  O  OG  . SER A 1 100 ? 9.770   -8.284  -1.363  1.000 15.566  0 100 SER AAA OG  1 ? 
ATOM   819  N  N   . ASP A 1 101 ? 7.295   -9.382  -5.325  1.000 17.187  0 101 ASP AAA N   1 ? 
ATOM   820  C  CA  . ASP A 1 101 ? 6.607   -10.477 -6.089  1.000 19.527  0 101 ASP AAA CA  1 ? 
ATOM   821  C  C   . ASP A 1 101 ? 7.080   -10.533 -7.539  1.000 19.101  0 101 ASP AAA C   1 ? 
ATOM   822  O  O   . ASP A 1 101 ? 6.650   -11.495 -8.239  1.000 22.965  0 101 ASP AAA O   1 ? 
ATOM   823  C  CB  . ASP A 1 101 ? 5.083   -10.345 -6.000  1.000 20.937  0 101 ASP AAA CB  1 ? 
ATOM   824  C  CG  . ASP A 1 101 ? 4.300   -11.560 -6.505  1.000 25.074  0 101 ASP AAA CG  1 ? 
ATOM   825  O  OD1 . ASP A 1 101 ? 4.349   -12.617 -5.837  1.000 28.815  0 101 ASP AAA OD1 1 ? 
ATOM   826  O  OD2 . ASP A 1 101 ? 3.657   -11.430 -7.585  1.000 32.024  0 101 ASP AAA OD2 1 ? 
ATOM   827  N  N   . GLY A 1 102 ? 7.902   -9.579  -7.989  1.000 16.214  0 102 GLY AAA N   1 ? 
ATOM   828  C  CA  . GLY A 1 102 ? 8.553   -9.619  -9.317  1.000 15.616  0 102 GLY AAA CA  1 ? 
ATOM   829  C  C   . GLY A 1 102 ? 8.420   -8.333  -10.121 1.000 14.810  0 102 GLY AAA C   1 ? 
ATOM   830  O  O   . GLY A 1 102 ? 9.336   -8.032  -10.921 1.000 16.774  0 102 GLY AAA O   1 ? 
ATOM   831  N  N   . ASN A 1 103 ? 7.331   -7.592  -9.968  1.000 14.527  0 103 ASN AAA N   1 ? 
ATOM   832  C  CA  . ASN A 1 103 ? 7.084   -6.354  -10.745 1.000 14.176  0 103 ASN AAA CA  1 ? 
ATOM   833  C  C   . ASN A 1 103 ? 7.386   -5.105  -9.896  1.000 10.307  0 103 ASN AAA C   1 ? 
ATOM   834  O  O   . ASN A 1 103 ? 7.164   -3.966  -10.362 1.000 10.333  0 103 ASN AAA O   1 ? 
ATOM   835  C  CB  . ASN A 1 103 ? 5.676   -6.346  -11.360 1.000 18.267  0 103 ASN AAA CB  1 ? 
ATOM   836  C  CG  . ASN A 1 103 ? 5.412   -7.475  -12.346 1.000 24.833  0 103 ASN AAA CG  1 ? 
ATOM   837  O  OD1 . ASN A 1 103 ? 4.301   -8.009  -12.413 1.000 33.966  0 103 ASN AAA OD1 1 ? 
ATOM   838  N  ND2 . ASN A 1 103 ? 6.420   -7.900  -13.084 1.000 28.002  0 103 ASN AAA ND2 1 ? 
ATOM   839  N  N   . GLY A 1 104 ? 7.906   -5.287  -8.710  1.000 10.562  0 104 GLY AAA N   1 ? 
ATOM   840  C  CA  . GLY A 1 104 ? 8.255   -4.126  -7.895  1.000 10.462  0 104 GLY AAA CA  1 ? 
ATOM   841  C  C   . GLY A 1 104 ? 7.045   -3.263  -7.623  1.000 8.648   0 104 GLY AAA C   1 ? 
ATOM   842  O  O   . GLY A 1 104 ? 5.948   -3.777  -7.435  1.000 9.777   0 104 GLY AAA O   1 ? 
ATOM   843  N  N   . MET A 1 105 ? 7.237   -1.974  -7.585  1.000 8.205   0 105 MET AAA N   1 ? 
ATOM   844  C  CA  . MET A 1 105 ? 6.129   -1.061  -7.266  1.000 8.151   0 105 MET AAA CA  1 ? 
ATOM   845  C  C   . MET A 1 105 ? 5.168   -0.893  -8.425  1.000 8.359   0 105 MET AAA C   1 ? 
ATOM   846  O  O   . MET A 1 105 ? 4.105   -0.287  -8.250  1.000 8.525   0 105 MET AAA O   1 ? 
ATOM   847  C  CB  . MET A 1 105 ? 6.623   0.294   -6.779  1.000 8.429   0 105 MET AAA CB  1 ? 
ATOM   848  C  CG  . MET A 1 105 ? 7.181   0.235   -5.355  1.000 8.493   0 105 MET AAA CG  1 ? 
ATOM   849  S  SD  . MET A 1 105 ? 7.358   1.823   -4.563  1.000 9.549   0 105 MET AAA SD  1 ? 
ATOM   850  C  CE  . MET A 1 105 ? 5.656   2.164   -4.138  1.000 9.254   0 105 MET AAA CE  1 ? 
ATOM   851  N  N   . ASN A 1 106 ? 5.434   -1.481  -9.597  1.000 8.682   0 106 ASN AAA N   1 ? 
ATOM   852  C  CA  . ASN A 1 106 ? 4.465   -1.479  -10.706 1.000 9.054   0 106 ASN AAA CA  1 ? 
ATOM   853  C  C   . ASN A 1 106 ? 3.189   -2.208  -10.300 1.000 9.751   0 106 ASN AAA C   1 ? 
ATOM   854  O  O   . ASN A 1 106 ? 2.176   -2.018  -10.969 1.000 11.300  0 106 ASN AAA O   1 ? 
ATOM   855  C  CB  . ASN A 1 106 ? 5.033   -2.050  -12.012 1.000 9.288   0 106 ASN AAA CB  1 ? 
ATOM   856  C  CG  . ASN A 1 106 ? 6.213   -1.224  -12.488 1.000 9.839   0 106 ASN AAA CG  1 ? 
ATOM   857  O  OD1 . ASN A 1 106 ? 6.052   -0.128  -12.975 1.000 9.861   0 106 ASN AAA OD1 1 ? 
ATOM   858  N  ND2 . ASN A 1 106 ? 7.412   -1.770  -12.339 1.000 10.300  0 106 ASN AAA ND2 1 ? 
ATOM   859  N  N   . ALA A 1 107 ? 3.227   -2.982  -9.226  1.000 9.776   0 107 ALA AAA N   1 ? 
ATOM   860  C  CA  . ALA A 1 107 ? 2.010   -3.618  -8.706  1.000 11.356  0 107 ALA AAA CA  1 ? 
ATOM   861  C  C   . ALA A 1 107 ? 0.971   -2.570  -8.329  1.000 10.577  0 107 ALA AAA C   1 ? 
ATOM   862  O  O   . ALA A 1 107 ? -0.240  -2.855  -8.303  1.000 14.452  0 107 ALA AAA O   1 ? 
ATOM   863  C  CB  . ALA A 1 107 ? 2.357   -4.464  -7.529  1.000 12.088  0 107 ALA AAA CB  1 ? 
ATOM   864  N  N   . TRP A 1 108 ? 1.372   -1.369  -7.961  1.000 9.383   0 108 TRP AAA N   1 ? 
ATOM   865  C  CA  . TRP A 1 108 ? 0.463   -0.250  -7.643  1.000 10.104  0 108 TRP AAA CA  1 ? 
ATOM   866  C  C   . TRP A 1 108 ? 0.251   0.616   -8.864  1.000 10.285  0 108 TRP AAA C   1 ? 
ATOM   867  O  O   . TRP A 1 108 ? 1.181   1.348   -9.269  1.000 9.715   0 108 TRP AAA O   1 ? 
ATOM   868  C  CB  . TRP A 1 108 ? 1.005   0.546   -6.478  1.000 10.399  0 108 TRP AAA CB  1 ? 
ATOM   869  C  CG  . TRP A 1 108 ? 0.927   -0.155  -5.167  1.000 9.749   0 108 TRP AAA CG  1 ? 
ATOM   870  C  CD1 . TRP A 1 108 ? -0.160  -0.177  -4.345  1.000 9.365   0 108 TRP AAA CD1 1 ? 
ATOM   871  C  CD2 . TRP A 1 108 ? 1.916   -0.961  -4.512  1.000 8.866   0 108 TRP AAA CD2 1 ? 
ATOM   872  N  NE1 . TRP A 1 108 ? 0.071   -0.969  -3.264  1.000 9.728   0 108 TRP AAA NE1 1 ? 
ATOM   873  C  CE2 . TRP A 1 108 ? 1.355   -1.432  -3.319  1.000 8.955   0 108 TRP AAA CE2 1 ? 
ATOM   874  C  CE3 . TRP A 1 108 ? 3.236   -1.311  -4.831  1.000 9.300   0 108 TRP AAA CE3 1 ? 
ATOM   875  C  CZ2 . TRP A 1 108 ? 2.051   -2.247  -2.448  1.000 9.325   0 108 TRP AAA CZ2 1 ? 
ATOM   876  C  CZ3 . TRP A 1 108 ? 3.942   -2.106  -3.958  1.000 9.618   0 108 TRP AAA CZ3 1 ? 
ATOM   877  C  CH2 . TRP A 1 108 ? 3.359   -2.555  -2.772  1.000 9.158   0 108 TRP AAA CH2 1 ? 
ATOM   878  N  N   A VAL A 1 109 ? -0.999  0.721   -9.306  0.500 10.357  0 109 VAL AAA N   1 ? 
ATOM   879  N  N   B VAL A 1 109 ? -0.770  0.318   -9.668  0.500 10.814  0 109 VAL AAA N   1 ? 
ATOM   880  C  CA  A VAL A 1 109 ? -1.125  1.369   -10.650 0.500 13.474  0 109 VAL AAA CA  1 ? 
ATOM   881  C  CA  B VAL A 1 109 ? -1.389  1.290   -10.626 0.500 13.558  0 109 VAL AAA CA  1 ? 
ATOM   882  C  C   A VAL A 1 109 ? -1.161  2.900   -10.367 0.500 10.525  0 109 VAL AAA C   1 ? 
ATOM   883  C  C   B VAL A 1 109 ? -1.012  2.748   -10.370 0.500 11.964  0 109 VAL AAA C   1 ? 
ATOM   884  O  O   A VAL A 1 109 ? -0.726  3.719   -11.140 0.500 9.353   0 109 VAL AAA O   1 ? 
ATOM   885  O  O   B VAL A 1 109 ? -0.299  3.212   -11.428 0.500 10.477  0 109 VAL AAA O   1 ? 
ATOM   886  C  CB  A VAL A 1 109 ? -2.227  0.706   -11.542 0.500 13.719  0 109 VAL AAA CB  1 ? 
ATOM   887  C  CB  B VAL A 1 109 ? -2.909  1.125   -10.773 0.500 13.129  0 109 VAL AAA CB  1 ? 
ATOM   888  C  CG1 A VAL A 1 109 ? -2.799  1.667   -12.571 0.500 14.651  0 109 VAL AAA CG1 1 ? 
ATOM   889  C  CG1 B VAL A 1 109 ? -3.461  2.021   -11.863 0.500 13.408  0 109 VAL AAA CG1 1 ? 
ATOM   890  C  CG2 A VAL A 1 109 ? -1.779  -0.585  -12.235 0.500 17.411  0 109 VAL AAA CG2 1 ? 
ATOM   891  C  CG2 B VAL A 1 109 ? -3.219  -0.329  -11.063 0.500 15.285  0 109 VAL AAA CG2 1 ? 
ATOM   892  N  N   . ALA A 1 110 ? -1.443  3.340   -9.209  1.000 13.273  0 110 ALA AAA N   1 ? 
ATOM   893  C  CA  . ALA A 1 110 ? -1.329  4.780   -8.934  1.000 13.401  0 110 ALA AAA CA  1 ? 
ATOM   894  C  C   . ALA A 1 110 ? 0.168   5.103   -8.912  1.000 11.930  0 110 ALA AAA C   1 ? 
ATOM   895  O  O   . ALA A 1 110 ? 0.536   6.176   -9.338  1.000 11.405  0 110 ALA AAA O   1 ? 
ATOM   896  C  CB  . ALA A 1 110 ? -2.027  5.242   -7.679  1.000 15.541  0 110 ALA AAA CB  1 ? 
ATOM   897  N  N   . TRP A 1 111 ? 1.024   4.200   -8.414  1.000 10.840  0 111 TRP AAA N   1 ? 
ATOM   898  C  CA  . TRP A 1 111 ? 2.460   4.537   -8.395  1.000 9.728   0 111 TRP AAA CA  1 ? 
ATOM   899  C  C   . TRP A 1 111 ? 2.963   4.604   -9.830  1.000 9.230   0 111 TRP AAA C   1 ? 
ATOM   900  O  O   . TRP A 1 111 ? 3.649   5.537   -10.198 1.000 9.272   0 111 TRP AAA O   1 ? 
ATOM   901  C  CB  . TRP A 1 111 ? 3.251   3.526   -7.583  1.000 9.345   0 111 TRP AAA CB  1 ? 
ATOM   902  C  CG  . TRP A 1 111 ? 4.713   3.797   -7.623  1.000 8.740   0 111 TRP AAA CG  1 ? 
ATOM   903  C  CD1 . TRP A 1 111 ? 5.421   4.634   -6.801  1.000 8.617   0 111 TRP AAA CD1 1 ? 
ATOM   904  C  CD2 . TRP A 1 111 ? 5.645   3.240   -8.555  1.000 8.867   0 111 TRP AAA CD2 1 ? 
ATOM   905  N  NE1 . TRP A 1 111 ? 6.727   4.667   -7.188  1.000 8.526   0 111 TRP AAA NE1 1 ? 
ATOM   906  C  CE2 . TRP A 1 111 ? 6.900   3.806   -8.245  1.000 8.282   0 111 TRP AAA CE2 1 ? 
ATOM   907  C  CE3 . TRP A 1 111 ? 5.580   2.278   -9.573  1.000 9.254   0 111 TRP AAA CE3 1 ? 
ATOM   908  C  CZ2 . TRP A 1 111 ? 8.063   3.459   -8.928  1.000 9.509   0 111 TRP AAA CZ2 1 ? 
ATOM   909  C  CZ3 . TRP A 1 111 ? 6.733   1.939   -10.225 1.000 10.214  0 111 TRP AAA CZ3 1 ? 
ATOM   910  C  CH2 . TRP A 1 111 ? 7.961   2.513   -9.918  1.000 10.056  0 111 TRP AAA CH2 1 ? 
ATOM   911  N  N   A ARG A 1 112 ? 2.631   3.598   -10.634 0.500 9.265   0 112 ARG AAA N   1 ? 
ATOM   912  N  N   B ARG A 1 112 ? 2.683   3.591   -10.653 0.500 9.622   0 112 ARG AAA N   1 ? 
ATOM   913  C  CA  A ARG A 1 112 ? 3.154   3.590   -12.019 0.500 10.374  0 112 ARG AAA CA  1 ? 
ATOM   914  C  CA  B ARG A 1 112 ? 3.131   3.647   -12.066 0.500 11.033  0 112 ARG AAA CA  1 ? 
ATOM   915  C  C   A ARG A 1 112 ? 2.665   4.831   -12.790 0.500 9.973   0 112 ARG AAA C   1 ? 
ATOM   916  C  C   B ARG A 1 112 ? 2.677   4.958   -12.717 0.500 10.232  0 112 ARG AAA C   1 ? 
ATOM   917  O  O   A ARG A 1 112 ? 3.474   5.367   -13.573 0.500 9.784   0 112 ARG AAA O   1 ? 
ATOM   918  O  O   B ARG A 1 112 ? 3.437   5.657   -13.356 0.500 10.138  0 112 ARG AAA O   1 ? 
ATOM   919  C  CB  A ARG A 1 112 ? 2.845   2.287   -12.771 0.500 11.622  0 112 ARG AAA CB  1 ? 
ATOM   920  C  CB  B ARG A 1 112 ? 2.487   2.552   -12.913 0.500 13.484  0 112 ARG AAA CB  1 ? 
ATOM   921  C  CG  A ARG A 1 112 ? 3.338   2.329   -14.213 0.500 13.431  0 112 ARG AAA CG  1 ? 
ATOM   922  C  CG  B ARG A 1 112 ? 2.816   1.123   -12.537 0.500 15.522  0 112 ARG AAA CG  1 ? 
ATOM   923  C  CD  A ARG A 1 112 ? 3.280   1.020   -14.994 0.500 15.133  0 112 ARG AAA CD  1 ? 
ATOM   924  C  CD  B ARG A 1 112 ? 2.492   0.251   -13.746 0.500 16.415  0 112 ARG AAA CD  1 ? 
ATOM   925  N  NE  A ARG A 1 112 ? 1.935   0.517   -15.192 0.500 18.355  0 112 ARG AAA NE  1 ? 
ATOM   926  N  NE  B ARG A 1 112 ? 1.172   0.506   -14.326 0.500 17.000  0 112 ARG AAA NE  1 ? 
ATOM   927  C  CZ  A ARG A 1 112 ? 0.949   1.047   -15.933 0.500 18.614  0 112 ARG AAA CZ  1 ? 
ATOM   928  C  CZ  B ARG A 1 112 ? 0.080   -0.136  -13.950 0.500 17.731  0 112 ARG AAA CZ  1 ? 
ATOM   929  N  NH1 A ARG A 1 112 ? -0.195  0.391   -15.972 0.500 19.247  0 112 ARG AAA NH1 1 ? 
ATOM   930  N  NH1 B ARG A 1 112 ? 0.175   -1.020  -12.973 0.500 18.137  0 112 ARG AAA NH1 1 ? 
ATOM   931  N  NH2 A ARG A 1 112 ? 1.029   2.226   -16.548 0.500 16.244  0 112 ARG AAA NH2 1 ? 
ATOM   932  N  NH2 B ARG A 1 112 ? -1.091  0.127   -14.504 0.500 19.248  0 112 ARG AAA NH2 1 ? 
ATOM   933  N  N   . ASN A 1 113 ? 1.420   5.263   -12.572 1.000 9.791   0 113 ASN AAA N   1 ? 
ATOM   934  C  CA  . ASN A 1 113 ? 0.818   6.333   -13.390 1.000 10.108  0 113 ASN AAA CA  1 ? 
ATOM   935  C  C   . ASN A 1 113 ? 1.073   7.728   -12.829 1.000 10.000  0 113 ASN AAA C   1 ? 
ATOM   936  O  O   . ASN A 1 113 ? 0.958   8.700   -13.628 1.000 11.072  0 113 ASN AAA O   1 ? 
ATOM   937  C  CB  . ASN A 1 113 ? -0.658  6.072   -13.620 1.000 10.300  0 113 ASN AAA CB  1 ? 
ATOM   938  C  CG  . ASN A 1 113 ? -0.852  4.919   -14.573 1.000 11.522  0 113 ASN AAA CG  1 ? 
ATOM   939  O  OD1 . ASN A 1 113 ? 0.013   4.625   -15.380 1.000 13.952  0 113 ASN AAA OD1 1 ? 
ATOM   940  N  ND2 . ASN A 1 113 ? -1.998  4.265   -14.472 1.000 12.815  0 113 ASN AAA ND2 1 ? 
ATOM   941  N  N   . ARG A 1 114 ? 1.399   7.870   -11.557 1.000 9.819   0 114 ARG AAA N   1 ? 
ATOM   942  C  CA  . ARG A 1 114 ? 1.489   9.219   -10.981 1.000 10.902  0 114 ARG AAA CA  1 ? 
ATOM   943  C  C   . ARG A 1 114 ? 2.794   9.443   -10.229 1.000 9.566   0 114 ARG AAA C   1 ? 
ATOM   944  O  O   . ARG A 1 114 ? 3.065   10.606  -9.940  1.000 11.131  0 114 ARG AAA O   1 ? 
ATOM   945  C  CB  . ARG A 1 114 ? 0.273   9.464   -10.115 1.000 12.061  0 114 ARG AAA CB  1 ? 
ATOM   946  C  CG  . ARG A 1 114 ? -1.001  9.240   -10.965 1.000 12.888  0 114 ARG AAA CG  1 ? 
ATOM   947  C  CD  . ARG A 1 114 ? -2.272  9.414   -10.235 1.000 13.318  0 114 ARG AAA CD  1 ? 
ATOM   948  N  NE  . ARG A 1 114 ? -2.465  10.790  -9.967  1.000 12.694  0 114 ARG AAA NE  1 ? 
ATOM   949  C  CZ  . ARG A 1 114 ? -3.540  11.235  -9.343  1.000 13.090  0 114 ARG AAA CZ  1 ? 
ATOM   950  N  NH1 . ARG A 1 114 ? -4.421  10.360  -8.883  1.000 15.068  0 114 ARG AAA NH1 1 ? 
ATOM   951  N  NH2 . ARG A 1 114 ? -3.704  12.499  -9.129  1.000 13.440  0 114 ARG AAA NH2 1 ? 
ATOM   952  N  N   . CYS A 1 115 ? 3.577   8.402   -9.945  1.000 8.443   0 115 CYS AAA N   1 ? 
ATOM   953  C  CA  . CYS A 1 115 ? 4.800   8.562   -9.149  1.000 8.779   0 115 CYS AAA CA  1 ? 
ATOM   954  C  C   . CYS A 1 115 ? 6.036   8.167   -9.924  1.000 8.016   0 115 CYS AAA C   1 ? 
ATOM   955  O  O   . CYS A 1 115 ? 7.056   8.871   -9.867  1.000 9.448   0 115 CYS AAA O   1 ? 
ATOM   956  C  CB  . CYS A 1 115 ? 4.739   7.727   -7.878  1.000 8.195   0 115 CYS AAA CB  1 ? 
ATOM   957  S  SG  . CYS A 1 115 ? 3.326   8.119   -6.830  1.000 9.831   0 115 CYS AAA SG  1 ? 
ATOM   958  N  N   . LYS A 1 116 ? 5.998   7.049   -10.615 1.000 8.805   0 116 LYS AAA N   1 ? 
ATOM   959  C  CA  . LYS A 1 116 ? 7.167   6.509   -11.336 1.000 9.308   0 116 LYS AAA CA  1 ? 
ATOM   960  C  C   . LYS A 1 116 ? 7.706   7.588   -12.287 1.000 10.269  0 116 LYS AAA C   1 ? 
ATOM   961  O  O   . LYS A 1 116 ? 7.001   8.116   -13.077 1.000 10.410  0 116 LYS AAA O   1 ? 
ATOM   962  C  CB  . LYS A 1 116 ? 6.731   5.263   -12.081 1.000 9.131   0 116 LYS AAA CB  1 ? 
ATOM   963  C  CG  . LYS A 1 116 ? 7.851   4.545   -12.814 1.000 9.524   0 116 LYS AAA CG  1 ? 
ATOM   964  C  CD  . LYS A 1 116 ? 7.348   3.331   -13.551 1.000 9.831   0 116 LYS AAA CD  1 ? 
ATOM   965  C  CE  . LYS A 1 116 ? 8.477   2.493   -14.117 1.000 10.340  0 116 LYS AAA CE  1 ? 
ATOM   966  N  NZ  . LYS A 1 116 ? 7.935   1.297   -14.828 1.000 11.212  0 116 LYS AAA NZ  1 ? 
ATOM   967  N  N   . GLY A 1 117 ? 9.003   7.854   -12.197 1.000 12.241  0 117 GLY AAA N   1 ? 
ATOM   968  C  CA  . GLY A 1 117 ? 9.660   8.790   -13.106 1.000 14.039  0 117 GLY AAA CA  1 ? 
ATOM   969  C  C   . GLY A 1 117 ? 9.518   10.218  -12.670 1.000 14.515  0 117 GLY AAA C   1 ? 
ATOM   970  O  O   . GLY A 1 117 ? 10.177  11.061  -13.319 1.000 18.733  0 117 GLY AAA O   1 ? 
ATOM   971  N  N   . THR A 1 118 ? 8.822   10.506  -11.584 1.000 11.684  0 118 THR AAA N   1 ? 
ATOM   972  C  CA  . THR A 1 118 ? 8.620   11.889  -11.096 1.000 11.732  0 118 THR AAA CA  1 ? 
ATOM   973  C  C   . THR A 1 118 ? 9.624   12.148  -9.972  1.000 12.047  0 118 THR AAA C   1 ? 
ATOM   974  O  O   . THR A 1 118 ? 10.298  11.255  -9.473  1.000 12.972  0 118 THR AAA O   1 ? 
ATOM   975  C  CB  . THR A 1 118 ? 7.189   12.148  -10.626 1.000 12.019  0 118 THR AAA CB  1 ? 
ATOM   976  O  OG1 . THR A 1 118 ? 6.968   11.514  -9.377  1.000 11.151  0 118 THR AAA OG1 1 ? 
ATOM   977  C  CG2 . THR A 1 118 ? 6.142   11.697  -11.613 1.000 12.463  0 118 THR AAA CG2 1 ? 
ATOM   978  N  N   . ASP A 1 119 ? 9.653   13.404  -9.536  1.000 13.954  0 119 ASP AAA N   1 ? 
ATOM   979  C  CA  . ASP A 1 119 ? 10.490  13.879  -8.410  1.000 14.692  0 119 ASP AAA CA  1 ? 
ATOM   980  C  C   . ASP A 1 119 ? 9.853   13.423  -7.092  1.000 13.714  0 119 ASP AAA C   1 ? 
ATOM   981  O  O   . ASP A 1 119 ? 9.202   14.219  -6.399  1.000 15.303  0 119 ASP AAA O   1 ? 
ATOM   982  C  CB  . ASP A 1 119 ? 10.686  15.389  -8.468  1.000 17.754  0 119 ASP AAA CB  1 ? 
ATOM   983  C  CG  . ASP A 1 119 ? 11.532  15.933  -7.340  1.000 20.713  0 119 ASP AAA CG  1 ? 
ATOM   984  O  OD1 . ASP A 1 119 ? 12.291  15.159  -6.760  1.000 22.837  0 119 ASP AAA OD1 1 ? 
ATOM   985  O  OD2 . ASP A 1 119 ? 11.410  17.146  -7.075  1.000 26.484  0 119 ASP AAA OD2 1 ? 
ATOM   986  N  N   . VAL A 1 120 ? 9.972   12.144  -6.777  1.000 13.265  0 120 VAL AAA N   1 ? 
ATOM   987  C  CA  . VAL A 1 120 ? 9.240   11.574  -5.612  1.000 13.020  0 120 VAL AAA CA  1 ? 
ATOM   988  C  C   . VAL A 1 120 ? 9.870   12.057  -4.298  1.000 14.724  0 120 VAL AAA C   1 ? 
ATOM   989  O  O   . VAL A 1 120 ? 9.159   12.075  -3.299  1.000 14.052  0 120 VAL AAA O   1 ? 
ATOM   990  C  CB  . VAL A 1 120 ? 9.188   10.058  -5.631  1.000 13.837  0 120 VAL AAA CB  1 ? 
ATOM   991  C  CG1 . VAL A 1 120 ? 8.348   9.579   -6.780  1.000 13.506  0 120 VAL AAA CG1 1 ? 
ATOM   992  C  CG2 . VAL A 1 120 ? 10.570  9.447   -5.651  1.000 16.305  0 120 VAL AAA CG2 1 ? 
ATOM   993  N  N   . GLN A 1 121 ? 11.102  12.556  -4.307  1.000 14.932  0 121 GLN AAA N   1 ? 
ATOM   994  C  CA  . GLN A 1 121 ? 11.700  13.140  -3.081  1.000 16.223  0 121 GLN AAA CA  1 ? 
ATOM   995  C  C   . GLN A 1 121 ? 10.862  14.321  -2.621  1.000 14.252  0 121 GLN AAA C   1 ? 
ATOM   996  O  O   . GLN A 1 121 ? 10.878  14.646  -1.392  1.000 15.780  0 121 GLN AAA O   1 ? 
ATOM   997  C  CB  . GLN A 1 121 ? 13.153  13.563  -3.320  1.000 21.605  0 121 GLN AAA CB  1 ? 
ATOM   998  C  CG  . GLN A 1 121 ? 13.945  13.769  -2.028  1.000 29.861  0 121 GLN AAA CG  1 ? 
ATOM   999  C  CD  . GLN A 1 121 ? 14.509  12.466  -1.501  1.000 37.241  0 121 GLN AAA CD  1 ? 
ATOM   1000 O  OE1 . GLN A 1 121 ? 13.987  11.374  -1.772  1.000 39.122  0 121 GLN AAA OE1 1 ? 
ATOM   1001 N  NE2 . GLN A 1 121 ? 15.590  12.567  -0.735  1.000 38.811  0 121 GLN AAA NE2 1 ? 
ATOM   1002 N  N   . ALA A 1 122 ? 10.104  14.972  -3.481  1.000 14.239  0 122 ALA AAA N   1 ? 
ATOM   1003 C  CA  . ALA A 1 122 ? 9.275   16.095  -3.034  1.000 13.526  0 122 ALA AAA CA  1 ? 
ATOM   1004 C  C   . ALA A 1 122 ? 8.336   15.656  -1.890  1.000 13.738  0 122 ALA AAA C   1 ? 
ATOM   1005 O  O   . ALA A 1 122 ? 7.912   16.496  -1.078  1.000 14.634  0 122 ALA AAA O   1 ? 
ATOM   1006 C  CB  . ALA A 1 122 ? 8.575   16.689  -4.198  1.000 16.108  0 122 ALA AAA CB  1 ? 
ATOM   1007 N  N   . TRP A 1 123 ? 7.880   14.398  -1.931  1.000 12.350  0 123 TRP AAA N   1 ? 
ATOM   1008 C  CA  . TRP A 1 123 ? 6.897   13.899  -0.942  1.000 11.621  0 123 TRP AAA CA  1 ? 
ATOM   1009 C  C   . TRP A 1 123 ? 7.453   13.823  0.469   1.000 11.959  0 123 TRP AAA C   1 ? 
ATOM   1010 O  O   . TRP A 1 123 ? 6.637   13.712  1.370   1.000 13.295  0 123 TRP AAA O   1 ? 
ATOM   1011 C  CB  . TRP A 1 123 ? 6.358   12.546  -1.410  1.000 11.791  0 123 TRP AAA CB  1 ? 
ATOM   1012 C  CG  . TRP A 1 123 ? 5.524   12.752  -2.613  1.000 11.864  0 123 TRP AAA CG  1 ? 
ATOM   1013 C  CD1 . TRP A 1 123 ? 5.907   12.548  -3.896  1.000 12.489  0 123 TRP AAA CD1 1 ? 
ATOM   1014 C  CD2 . TRP A 1 123 ? 4.202   13.305  -2.624  1.000 11.940  0 123 TRP AAA CD2 1 ? 
ATOM   1015 N  NE1 . TRP A 1 123 ? 4.888   12.950  -4.723  1.000 13.668  0 123 TRP AAA NE1 1 ? 
ATOM   1016 C  CE2 . TRP A 1 123 ? 3.855   13.416  -3.988  1.000 12.549  0 123 TRP AAA CE2 1 ? 
ATOM   1017 C  CE3 . TRP A 1 123 ? 3.314   13.738  -1.628  1.000 13.064  0 123 TRP AAA CE3 1 ? 
ATOM   1018 C  CZ2 . TRP A 1 123 ? 2.632   13.939  -4.386  1.000 15.875  0 123 TRP AAA CZ2 1 ? 
ATOM   1019 C  CZ3 . TRP A 1 123 ? 2.108   14.280  -2.031  1.000 14.910  0 123 TRP AAA CZ3 1 ? 
ATOM   1020 C  CH2 . TRP A 1 123 ? 1.785   14.387  -3.396  1.000 16.374  0 123 TRP AAA CH2 1 ? 
ATOM   1021 N  N   . ILE A 1 124 ? 8.767   13.901  0.653   1.000 12.012  0 124 ILE AAA N   1 ? 
ATOM   1022 C  CA  . ILE A 1 124 ? 9.332   13.925  2.026   1.000 12.977  0 124 ILE AAA CA  1 ? 
ATOM   1023 C  C   . ILE A 1 124 ? 9.952   15.318  2.299   1.000 14.133  0 124 ILE AAA C   1 ? 
ATOM   1024 O  O   . ILE A 1 124 ? 10.616  15.441  3.352   1.000 14.484  0 124 ILE AAA O   1 ? 
ATOM   1025 C  CB  . ILE A 1 124 ? 10.281  12.742  2.236   1.000 16.160  0 124 ILE AAA CB  1 ? 
ATOM   1026 C  CG1 . ILE A 1 124 ? 11.490  12.738  1.307   1.000 17.474  0 124 ILE AAA CG1 1 ? 
ATOM   1027 C  CG2 . ILE A 1 124 ? 9.520   11.419  2.174   1.000 15.865  0 124 ILE AAA CG2 1 ? 
ATOM   1028 C  CD1 . ILE A 1 124 ? 12.592  11.812  1.757   1.000 21.002  0 124 ILE AAA CD1 1 ? 
ATOM   1029 N  N   . ARG A 1 125 ? 9.661   16.351  1.513   1.000 14.822  0 125 ARG AAA N   1 ? 
ATOM   1030 C  CA  . ARG A 1 125 ? 10.239  17.707  1.721   1.000 17.548  0 125 ARG AAA CA  1 ? 
ATOM   1031 C  C   . ARG A 1 125 ? 9.722   18.235  3.050   1.000 17.683  0 125 ARG AAA C   1 ? 
ATOM   1032 O  O   . ARG A 1 125 ? 8.530   18.091  3.384   1.000 18.247  0 125 ARG AAA O   1 ? 
ATOM   1033 C  CB  . ARG A 1 125 ? 9.872   18.627  0.545   1.000 21.936  0 125 ARG AAA CB  1 ? 
ATOM   1034 C  CG  . ARG A 1 125 ? 8.453   19.172  0.574   1.000 29.052  0 125 ARG AAA CG  1 ? 
ATOM   1035 C  CD  . ARG A 1 125 ? 7.947   19.629  -0.795  1.000 37.388  0 125 ARG AAA CD  1 ? 
ATOM   1036 N  NE  . ARG A 1 125 ? 6.822   18.797  -1.224  1.000 46.368  0 125 ARG AAA NE  1 ? 
ATOM   1037 C  CZ  . ARG A 1 125 ? 5.543   18.988  -0.885  1.000 50.811  0 125 ARG AAA CZ  1 ? 
ATOM   1038 N  NH1 . ARG A 1 125 ? 4.619   18.142  -1.310  1.000 52.434  0 125 ARG AAA NH1 1 ? 
ATOM   1039 N  NH2 . ARG A 1 125 ? 5.188   20.016  -0.128  1.000 52.469  0 125 ARG AAA NH2 1 ? 
ATOM   1040 N  N   . GLY A 1 126 ? 10.618  18.859  3.821   1.000 16.224  0 126 GLY AAA N   1 ? 
ATOM   1041 C  CA  . GLY A 1 126 ? 10.231  19.502  5.076   1.000 16.991  0 126 GLY AAA CA  1 ? 
ATOM   1042 C  C   . GLY A 1 126 ? 10.172  18.542  6.241   1.000 15.723  0 126 GLY AAA C   1 ? 
ATOM   1043 O  O   . GLY A 1 126 ? 10.327  18.964  7.371   1.000 18.566  0 126 GLY AAA O   1 ? 
ATOM   1044 N  N   . CYS A 1 127 ? 10.134  17.246  6.016   1.000 13.747  0 127 CYS AAA N   1 ? 
ATOM   1045 C  CA  . CYS A 1 127 ? 9.944   16.285  7.113   1.000 13.768  0 127 CYS AAA CA  1 ? 
ATOM   1046 C  C   . CYS A 1 127 ? 11.254  16.113  7.862   1.000 14.106  0 127 CYS AAA C   1 ? 
ATOM   1047 O  O   . CYS A 1 127 ? 12.335  16.045  7.255   1.000 15.617  0 127 CYS AAA O   1 ? 
ATOM   1048 C  CB  . CYS A 1 127 ? 9.453   14.950  6.584   1.000 14.820  0 127 CYS AAA CB  1 ? 
ATOM   1049 S  SG  . CYS A 1 127 ? 7.975   15.037  5.534   1.000 14.519  0 127 CYS AAA SG  1 ? 
ATOM   1050 N  N   . ARG A 1 128 ? 11.121  16.030  9.175   1.000 14.910  0 128 ARG AAA N   1 ? 
ATOM   1051 C  CA  . ARG A 1 128 ? 12.229  15.763  10.102  1.000 17.970  0 128 ARG AAA CA  1 ? 
ATOM   1052 C  C   . ARG A 1 128 ? 12.144  14.271  10.427  1.000 20.562  0 128 ARG AAA C   1 ? 
ATOM   1053 O  O   . ARG A 1 128 ? 11.160  13.639  10.944  1.000 22.947  0 128 ARG AAA O   1 ? 
ATOM   1054 C  CB  . ARG A 1 128 ? 12.116  16.546  11.412  1.000 18.849  0 128 ARG AAA CB  1 ? 
ATOM   1055 C  CG  . ARG A 1 128 ? 13.403  16.596  12.226  1.000 21.231  0 128 ARG AAA CG  1 ? 
ATOM   1056 C  CD  . ARG A 1 128 ? 14.652  17.127  11.533  1.000 24.342  0 128 ARG AAA CD  1 ? 
ATOM   1057 N  NE  . ARG A 1 128 ? 15.840  16.909  12.372  1.000 27.605  0 128 ARG AAA NE  1 ? 
ATOM   1058 C  CZ  . ARG A 1 128 ? 16.668  15.868  12.285  1.000 32.794  0 128 ARG AAA CZ  1 ? 
ATOM   1059 N  NH1 . ARG A 1 128 ? 16.479  14.917  11.372  1.000 34.716  0 128 ARG AAA NH1 1 ? 
ATOM   1060 N  NH2 . ARG A 1 128 ? 17.684  15.778  13.134  1.000 33.818  0 128 ARG AAA NH2 1 ? 
ATOM   1061 N  N   . LEU A 1 129 ? 13.256  13.597  9.573   1.000 20.579  0 129 LEU AAA N   1 ? 
ATOM   1062 C  CA  . LEU A 1 129 ? 13.169  12.120  9.458   1.000 23.737  0 129 LEU AAA CA  1 ? 
ATOM   1063 C  C   . LEU A 1 129 ? 14.510  11.519  9.874   1.000 30.874  0 129 LEU AAA C   1 ? 
ATOM   1064 C  CB  . LEU A 1 129 ? 12.887  11.788  7.993   1.000 20.828  0 129 LEU AAA CB  1 ? 
ATOM   1065 C  CG  . LEU A 1 129 ? 11.437  11.938  7.552   1.000 22.119  0 129 LEU AAA CG  1 ? 
ATOM   1066 C  CD1 . LEU A 1 129 ? 11.354  11.952  6.041   1.000 23.054  0 129 LEU AAA CD1 1 ? 
ATOM   1067 C  CD2 . LEU A 1 129 ? 10.612  10.789  8.129   1.000 25.351  0 129 LEU AAA CD2 1 ? 
ATOM   1068 O  OXT . LEU A 1 129 ? 15.521  12.218  9.623   1.000 38.272  0 129 LEU AAA OXT 1 ? 
HETATM 1069 C  C1  . SIN B 2 .   ? 4.588   9.730   14.160  0.500 27.024  0 201 SIN AAA C1  1 ? 
HETATM 1070 O  O1  . SIN B 2 .   ? 3.740   10.256  14.928  0.500 29.328  0 201 SIN AAA O1  1 ? 
HETATM 1071 O  O2  . SIN B 2 .   ? 5.595   10.322  13.736  0.500 28.653  0 201 SIN AAA O2  1 ? 
HETATM 1072 C  C2  . SIN B 2 .   ? 4.403   8.288   13.728  0.500 25.282  0 201 SIN AAA C2  1 ? 
HETATM 1073 C  C3  . SIN B 2 .   ? 5.718   7.568   13.525  0.500 22.938  0 201 SIN AAA C3  1 ? 
HETATM 1074 C  C4  . SIN B 2 .   ? 5.700   6.081   13.801  0.500 19.035  0 201 SIN AAA C4  1 ? 
HETATM 1075 O  O3  . SIN B 2 .   ? 4.610   5.527   14.032  0.500 20.987  0 201 SIN AAA O3  1 ? 
HETATM 1076 O  O4  . SIN B 2 .   ? 6.779   5.469   13.805  0.500 17.625  0 201 SIN AAA O4  1 ? 
HETATM 1077 O  O1  . R3D C 3 .   ? 7.008   -15.611 -10.349 0.250 33.087  0 202 R3D AAA O1  1 ? 
HETATM 1078 O  O2  . R3D C 3 .   ? 6.292   -14.189 -8.765  0.250 30.525  0 202 R3D AAA O2  1 ? 
HETATM 1079 O  O3  . R3D C 3 .   ? 5.513   -14.515 -12.458 0.250 32.527  0 202 R3D AAA O3  1 ? 
HETATM 1080 O  O4  . R3D C 3 .   ? 4.592   -13.192 -10.698 0.250 34.678  0 202 R3D AAA O4  1 ? 
HETATM 1081 O  O5  . R3D C 3 .   ? 7.605   -12.598 -12.954 0.250 32.547  0 202 R3D AAA O5  1 ? 
HETATM 1082 O  O6  . R3D C 3 .   ? 6.586   -11.323 -11.583 0.250 31.331  0 202 R3D AAA O6  1 ? 
HETATM 1083 O  O7  . R3D C 3 .   ? 9.145   -13.682 -10.890 0.250 31.513  0 202 R3D AAA O7  1 ? 
HETATM 1084 RU RU1 . R3D C 3 .   ? 7.348   -14.149 -11.692 0.250 35.021  0 202 R3D AAA RU1 1 ? 
HETATM 1085 RU RU2 . R3D C 3 .   ? 6.484   -12.738 -10.150 0.250 31.131  0 202 R3D AAA RU2 1 ? 
HETATM 1086 O  O1  . R3D D 3 .   ? 0.220   -18.631 -8.791  0.200 18.884  0 203 R3D AAA O1  1 ? 
HETATM 1087 O  O2  . R3D D 3 .   ? -0.060  -16.759 -9.329  0.200 18.255  0 203 R3D AAA O2  1 ? 
HETATM 1088 O  O3  . R3D D 3 .   ? -1.453  -19.284 -11.020 0.200 18.406  0 203 R3D AAA O3  1 ? 
HETATM 1089 O  O4  . R3D D 3 .   ? -1.328  -17.127 -11.776 0.200 19.195  0 203 R3D AAA O4  1 ? 
HETATM 1090 O  O5  . R3D D 3 .   ? 0.849   -19.705 -12.624 0.200 19.298  0 203 R3D AAA O5  1 ? 
HETATM 1091 O  O6  . R3D D 3 .   ? 1.215   -17.464 -13.079 0.200 20.011  0 203 R3D AAA O6  1 ? 
HETATM 1092 O  O7  . R3D D 3 .   ? 2.535   -19.149 -10.383 0.200 18.913  0 203 R3D AAA O7  1 ? 
HETATM 1093 O  O8  . R3D D 3 .   ? 2.536   -16.887 -10.611 0.200 19.195  0 203 R3D AAA O8  1 ? 
HETATM 1094 RU RU1 . R3D D 3 .   ? 0.540   -19.238 -10.689 0.200 17.518  0 203 R3D AAA RU1 1 ? 
HETATM 1095 RU RU2 . R3D D 3 .   ? 0.609   -17.027 -11.207 0.200 19.206  0 203 R3D AAA RU2 1 ? 
HETATM 1096 O  O   A HOH E 4 .   ? -8.520  -13.061 -0.945  0.500 7.545   0 301 HOH AAA O   1 ? 
HETATM 1097 O  O   B HOH E 4 .   ? -6.789  -12.849 -0.983  0.500 16.276  0 301 HOH AAA O   1 ? 
HETATM 1098 O  O   . HOH E 4 .   ? 12.523  9.710   -1.586  1.000 21.148  0 302 HOH AAA O   1 ? 
HETATM 1099 O  O   . HOH E 4 .   ? 4.587   16.643  -3.110  1.000 32.280  0 303 HOH AAA O   1 ? 
HETATM 1100 O  O   . HOH E 4 .   ? 3.282   -20.421 -8.511  1.000 38.781  0 304 HOH AAA O   1 ? 
HETATM 1101 O  O   . HOH E 4 .   ? -6.211  2.490   -6.311  1.000 15.800  0 305 HOH AAA O   1 ? 
HETATM 1102 O  O   . HOH E 4 .   ? 2.891   9.046   16.893  1.000 28.108  0 306 HOH AAA O   1 ? 
HETATM 1103 O  O   . HOH E 4 .   ? -6.274  -3.299  -7.159  1.000 40.775  0 307 HOH AAA O   1 ? 
HETATM 1104 O  O   . HOH E 4 .   ? 2.850   -19.862 -14.124 1.000 39.724  0 308 HOH AAA O   1 ? 
HETATM 1105 O  O   . HOH E 4 .   ? -4.795  -2.827  14.176  1.000 38.495  0 309 HOH AAA O   1 ? 
HETATM 1106 O  O   . HOH E 4 .   ? 1.026   -3.891  15.436  1.000 43.097  0 310 HOH AAA O   1 ? 
HETATM 1107 O  O   A HOH E 4 .   ? -8.777  -10.013 -12.127 0.500 22.649  0 311 HOH AAA O   1 ? 
HETATM 1108 O  O   B HOH E 4 .   ? -9.349  -11.560 -11.289 0.500 22.315  0 311 HOH AAA O   1 ? 
HETATM 1109 O  O   . HOH E 4 .   ? 11.385  -8.130  4.436   1.000 37.799  0 312 HOH AAA O   1 ? 
HETATM 1110 O  O   . HOH E 4 .   ? 1.912   -14.437 4.623   1.000 38.938  0 313 HOH AAA O   1 ? 
HETATM 1111 O  O   . HOH E 4 .   ? 12.683  -8.352  0.001   1.000 42.425  0 314 HOH AAA O   1 ? 
HETATM 1112 O  O   . HOH E 4 .   ? 13.676  9.630   -3.657  1.000 35.461  0 315 HOH AAA O   1 ? 
HETATM 1113 O  O   . HOH E 4 .   ? 4.719   5.208   -15.837 1.000 26.691  0 316 HOH AAA O   1 ? 
HETATM 1114 O  O   A HOH E 4 .   ? -3.657  0.866   5.651   0.500 8.744   0 317 HOH AAA O   1 ? 
HETATM 1115 O  O   B HOH E 4 .   ? -4.698  1.293   6.069   0.500 18.209  0 317 HOH AAA O   1 ? 
HETATM 1116 O  O   . HOH E 4 .   ? -8.201  -5.704  -9.713  1.000 24.102  0 318 HOH AAA O   1 ? 
HETATM 1117 O  O   . HOH E 4 .   ? -18.831 -2.760  -3.793  1.000 31.485  0 319 HOH AAA O   1 ? 
HETATM 1118 O  O   . HOH E 4 .   ? 6.343   -8.995  4.911   1.000 26.690  0 320 HOH AAA O   1 ? 
HETATM 1119 O  O   A HOH E 4 .   ? -9.827  7.504   8.576   0.500 8.011   0 321 HOH AAA O   1 ? 
HETATM 1120 O  O   B HOH E 4 .   ? -10.130 7.821   8.141   0.500 10.690  0 321 HOH AAA O   1 ? 
HETATM 1121 O  O   . HOH E 4 .   ? -5.350  14.076  9.532   1.000 49.651  0 322 HOH AAA O   1 ? 
HETATM 1122 O  O   . HOH E 4 .   ? 2.274   -16.279 1.799   1.000 36.744  0 323 HOH AAA O   1 ? 
HETATM 1123 O  O   . HOH E 4 .   ? -7.634  -8.131  -8.571  1.000 16.461  0 324 HOH AAA O   1 ? 
HETATM 1124 O  O   A HOH E 4 .   ? 19.068  2.373   2.750   0.500 30.613  0 325 HOH AAA O   1 ? 
HETATM 1125 O  O   B HOH E 4 .   ? 18.181  2.527   4.144   0.500 21.875  0 325 HOH AAA O   1 ? 
HETATM 1126 O  O   . HOH E 4 .   ? 7.742   -4.557  8.646   1.000 43.456  0 326 HOH AAA O   1 ? 
HETATM 1127 O  O   . HOH E 4 .   ? -16.859 -16.352 2.132   1.000 31.546  0 327 HOH AAA O   1 ? 
HETATM 1128 O  O   . HOH E 4 .   ? 0.344   -15.984 -15.092 1.000 27.020  0 328 HOH AAA O   1 ? 
HETATM 1129 O  O   . HOH E 4 .   ? 13.958  -2.499  5.533   1.000 29.817  0 329 HOH AAA O   1 ? 
HETATM 1130 O  O   . HOH E 4 .   ? -12.968 -19.072 -3.221  0.500 26.996  0 330 HOH AAA O   1 ? 
HETATM 1131 O  O   A HOH E 4 .   ? -7.098  4.391   -5.344  0.250 9.540   0 331 HOH AAA O   1 ? 
HETATM 1132 O  O   B HOH E 4 .   ? -5.325  5.829   -7.487  0.250 6.892   0 331 HOH AAA O   1 ? 
HETATM 1133 O  O   C HOH E 4 .   ? -6.027  5.779   -6.702  0.500 17.988  0 331 HOH AAA O   1 ? 
HETATM 1134 O  O   . HOH E 4 .   ? -3.146  0.779   8.170   1.000 15.861  0 332 HOH AAA O   1 ? 
HETATM 1135 O  O   . HOH E 4 .   ? -14.275 -7.774  -2.626  1.000 11.039  0 333 HOH AAA O   1 ? 
HETATM 1136 O  O   . HOH E 4 .   ? -3.036  2.457   16.217  1.000 36.750  0 334 HOH AAA O   1 ? 
HETATM 1137 O  O   . HOH E 4 .   ? -4.501  -13.587 10.020  1.000 37.048  0 335 HOH AAA O   1 ? 
HETATM 1138 O  O   . HOH E 4 .   ? -12.745 -8.175  10.217  1.000 16.529  0 336 HOH AAA O   1 ? 
HETATM 1139 O  O   A HOH E 4 .   ? -4.934  7.741   -8.637  0.500 16.621  0 337 HOH AAA O   1 ? 
HETATM 1140 O  O   B HOH E 4 .   ? -4.907  7.330   -9.677  0.500 12.931  0 337 HOH AAA O   1 ? 
HETATM 1141 O  O   . HOH E 4 .   ? 0.688   -17.749 2.796   1.000 56.002  0 338 HOH AAA O   1 ? 
HETATM 1142 O  O   . HOH E 4 .   ? -8.680  5.807   -2.580  1.000 27.259  0 339 HOH AAA O   1 ? 
HETATM 1143 O  O   . HOH E 4 .   ? 12.968  15.280  4.655   1.000 17.504  0 340 HOH AAA O   1 ? 
HETATM 1144 O  O   . HOH E 4 .   ? 6.487   -11.854 -2.451  1.000 33.589  0 341 HOH AAA O   1 ? 
HETATM 1145 O  O   . HOH E 4 .   ? -3.114  11.940  11.599  1.000 24.921  0 342 HOH AAA O   1 ? 
HETATM 1146 O  O   . HOH E 4 .   ? -1.463  5.424   13.984  1.000 34.703  0 343 HOH AAA O   1 ? 
HETATM 1147 O  O   . HOH E 4 .   ? -13.704 3.062   2.651   1.000 10.686  0 344 HOH AAA O   1 ? 
HETATM 1148 O  O   . HOH E 4 .   ? 2.079   13.101  -10.326 1.000 13.842  0 345 HOH AAA O   1 ? 
HETATM 1149 O  O   . HOH E 4 .   ? -12.885 1.953   -6.011  1.000 37.182  0 346 HOH AAA O   1 ? 
HETATM 1150 O  O   . HOH E 4 .   ? 9.442   -7.402  -7.259  1.000 17.546  0 347 HOH AAA O   1 ? 
HETATM 1151 O  O   . HOH E 4 .   ? 5.362   -6.641  -7.470  1.000 16.561  0 348 HOH AAA O   1 ? 
HETATM 1152 O  O   . HOH E 4 .   ? -14.831 1.339   -7.453  1.000 40.319  0 349 HOH AAA O   1 ? 
HETATM 1153 O  O   . HOH E 4 .   ? -7.935  1.487   -5.377  1.000 18.298  0 350 HOH AAA O   1 ? 
HETATM 1154 O  O   . HOH E 4 .   ? 2.068   5.403   -16.976 1.000 31.564  0 351 HOH AAA O   1 ? 
HETATM 1155 O  O   A HOH E 4 .   ? -3.851  -0.743  -5.544  0.500 14.961  0 352 HOH AAA O   1 ? 
HETATM 1156 O  O   B HOH E 4 .   ? -3.071  -1.868  -5.626  0.500 20.100  0 352 HOH AAA O   1 ? 
HETATM 1157 O  O   . HOH E 4 .   ? 15.225  15.180  8.568   1.000 23.846  0 353 HOH AAA O   1 ? 
HETATM 1158 O  O   . HOH E 4 .   ? -3.260  14.296  5.017   1.000 17.289  0 354 HOH AAA O   1 ? 
HETATM 1159 O  O   A HOH E 4 .   ? -3.135  0.042   -7.326  0.500 15.534  0 355 HOH AAA O   1 ? 
HETATM 1160 O  O   B HOH E 4 .   ? -3.252  1.377   -8.225  0.500 13.193  0 355 HOH AAA O   1 ? 
HETATM 1161 O  O   A HOH E 4 .   ? 5.075   -7.211  12.131  0.500 25.112  0 356 HOH AAA O   1 ? 
HETATM 1162 O  O   B HOH E 4 .   ? 6.334   -5.863  11.572  0.500 25.294  0 356 HOH AAA O   1 ? 
HETATM 1163 O  O   . HOH E 4 .   ? -4.708  -9.199  -5.760  1.000 22.901  0 357 HOH AAA O   1 ? 
HETATM 1164 O  O   . HOH E 4 .   ? 6.851   15.352  -7.200  1.000 19.972  0 358 HOH AAA O   1 ? 
HETATM 1165 O  O   . HOH E 4 .   ? -8.805  5.006   12.171  1.000 24.961  0 359 HOH AAA O   1 ? 
HETATM 1166 O  O   . HOH E 4 .   ? 1.452   -10.212 5.892   1.000 17.863  0 360 HOH AAA O   1 ? 
HETATM 1167 O  O   . HOH E 4 .   ? -9.062  -6.540  11.445  1.000 24.965  0 361 HOH AAA O   1 ? 
HETATM 1168 O  O   . HOH E 4 .   ? 1.529   8.619   13.928  1.000 25.607  0 362 HOH AAA O   1 ? 
HETATM 1169 O  O   . HOH E 4 .   ? 0.006   -12.571 8.765   1.000 29.163  0 363 HOH AAA O   1 ? 
HETATM 1170 O  O   . HOH E 4 .   ? 17.507  2.187   -5.431  1.000 18.897  0 364 HOH AAA O   1 ? 
HETATM 1171 O  O   . HOH E 4 .   ? 5.513   13.023  -7.582  1.000 15.679  0 365 HOH AAA O   1 ? 
HETATM 1172 O  O   . HOH E 4 .   ? 12.626  -7.527  -6.538  1.000 44.938  0 366 HOH AAA O   1 ? 
HETATM 1173 O  O   . HOH E 4 .   ? 11.308  8.705   -9.797  1.000 22.403  0 367 HOH AAA O   1 ? 
HETATM 1174 O  O   . HOH E 4 .   ? -5.027  11.485  -3.732  1.000 23.595  0 368 HOH AAA O   1 ? 
HETATM 1175 O  O   . HOH E 4 .   ? 4.268   -3.198  14.869  1.000 32.112  0 369 HOH AAA O   1 ? 
HETATM 1176 O  O   . HOH E 4 .   ? -15.722 -0.364  -0.762  0.500 14.796  0 370 HOH AAA O   1 ? 
HETATM 1177 O  O   . HOH E 4 .   ? 0.154   -8.073  6.910   1.000 15.974  0 371 HOH AAA O   1 ? 
HETATM 1178 O  O   A HOH E 4 .   ? 11.543  -3.647  -8.445  0.500 9.582   0 372 HOH AAA O   1 ? 
HETATM 1179 O  O   B HOH E 4 .   ? 12.145  -2.821  -8.843  0.500 14.428  0 372 HOH AAA O   1 ? 
HETATM 1180 O  O   . HOH E 4 .   ? 13.181  19.377  2.819   1.000 22.726  0 373 HOH AAA O   1 ? 
HETATM 1181 O  O   . HOH E 4 .   ? 6.727   2.613   -16.990 1.000 20.176  0 374 HOH AAA O   1 ? 
HETATM 1182 O  O   . HOH E 4 .   ? 12.984  2.630   6.366   1.000 17.661  0 375 HOH AAA O   1 ? 
HETATM 1183 O  O   . HOH E 4 .   ? 10.054  -12.111 -7.167  1.000 38.191  0 376 HOH AAA O   1 ? 
HETATM 1184 O  O   . HOH E 4 .   ? -1.558  -3.249  11.672  1.000 15.996  0 377 HOH AAA O   1 ? 
HETATM 1185 O  O   . HOH E 4 .   ? 11.279  13.649  -13.224 1.000 50.670  0 378 HOH AAA O   1 ? 
HETATM 1186 O  O   . HOH E 4 .   ? -20.668 -7.584  -0.118  1.000 17.529  0 379 HOH AAA O   1 ? 
HETATM 1187 O  O   . HOH E 4 .   ? -4.841  13.636  2.940   1.000 22.478  0 380 HOH AAA O   1 ? 
HETATM 1188 O  O   . HOH E 4 .   ? 8.446   15.391  -11.129 1.000 19.476  0 381 HOH AAA O   1 ? 
HETATM 1189 O  O   A HOH E 4 .   ? -14.615 -11.638 -7.502  0.500 22.319  0 382 HOH AAA O   1 ? 
HETATM 1190 O  O   B HOH E 4 .   ? -14.004 -13.657 -8.231  0.500 29.730  0 382 HOH AAA O   1 ? 
HETATM 1191 O  O   . HOH E 4 .   ? 8.637   16.288  10.491  1.000 21.855  0 383 HOH AAA O   1 ? 
HETATM 1192 O  O   . HOH E 4 .   ? -5.594  0.634   15.350  1.000 66.752  0 384 HOH AAA O   1 ? 
HETATM 1193 O  O   . HOH E 4 .   ? -9.445  8.272   1.017   1.000 16.295  0 385 HOH AAA O   1 ? 
HETATM 1194 O  O   . HOH E 4 .   ? -9.716  -2.177  10.982  1.000 23.875  0 386 HOH AAA O   1 ? 
HETATM 1195 O  O   . HOH E 4 .   ? 7.199   9.969   -15.213 1.000 23.964  0 387 HOH AAA O   1 ? 
HETATM 1196 O  O   . HOH E 4 .   ? 2.525   1.333   13.301  1.000 29.628  0 388 HOH AAA O   1 ? 
HETATM 1197 O  O   . HOH E 4 .   ? -3.951  -4.451  11.657  1.000 17.164  0 389 HOH AAA O   1 ? 
HETATM 1198 O  O   . HOH E 4 .   ? 11.468  -6.184  6.684   1.000 39.602  0 390 HOH AAA O   1 ? 
HETATM 1199 O  O   . HOH E 4 .   ? 15.344  -3.980  0.782   1.000 32.378  0 391 HOH AAA O   1 ? 
HETATM 1200 O  O   . HOH E 4 .   ? 4.141   8.427   -13.463 1.000 13.604  0 392 HOH AAA O   1 ? 
HETATM 1201 O  O   . HOH E 4 .   ? 3.046   16.641  7.077   1.000 19.443  0 393 HOH AAA O   1 ? 
HETATM 1202 O  O   . HOH E 4 .   ? -3.024  -0.818  2.521   1.000 10.578  0 394 HOH AAA O   1 ? 
HETATM 1203 O  O   . HOH E 4 .   ? -10.688 -12.336 -0.179  1.000 12.433  0 395 HOH AAA O   1 ? 
HETATM 1204 O  O   . HOH E 4 .   ? -18.586 -7.250  -7.189  1.000 46.369  0 396 HOH AAA O   1 ? 
HETATM 1205 O  O   A HOH E 4 .   ? 10.079  6.414   -9.172  0.500 9.802   0 397 HOH AAA O   1 ? 
HETATM 1206 O  O   B HOH E 4 .   ? 10.965  6.166   -8.680  0.500 13.078  0 397 HOH AAA O   1 ? 
HETATM 1207 O  O   . HOH E 4 .   ? 11.447  6.457   -11.533 1.000 38.077  0 398 HOH AAA O   1 ? 
HETATM 1208 O  O   . HOH E 4 .   ? -12.816 -14.051 -0.435  1.000 19.670  0 399 HOH AAA O   1 ? 
HETATM 1209 O  O   . HOH E 4 .   ? -0.687  12.919  -10.823 1.000 13.532  0 400 HOH AAA O   1 ? 
HETATM 1210 O  O   A HOH E 4 .   ? 11.095  -5.941  -6.818  0.500 16.162  0 401 HOH AAA O   1 ? 
HETATM 1211 O  O   B HOH E 4 .   ? 11.722  -5.117  -8.415  0.500 20.782  0 401 HOH AAA O   1 ? 
HETATM 1212 O  O   . HOH E 4 .   ? -17.313 -5.149  -8.748  1.000 29.891  0 402 HOH AAA O   1 ? 
HETATM 1213 O  O   . HOH E 4 .   ? 12.379  16.971  -0.489  1.000 32.888  0 403 HOH AAA O   1 ? 
HETATM 1214 O  O   . HOH E 4 .   ? 11.207  6.937   11.384  1.000 19.221  0 404 HOH AAA O   1 ? 
HETATM 1215 O  O   . HOH E 4 .   ? 18.087  -1.416  -0.405  1.000 34.629  0 405 HOH AAA O   1 ? 
HETATM 1216 O  O   . HOH E 4 .   ? 1.519   18.049  2.734   1.000 33.997  0 406 HOH AAA O   1 ? 
HETATM 1217 O  O   A HOH E 4 .   ? 15.069  18.395  14.767  0.500 21.382  0 407 HOH AAA O   1 ? 
HETATM 1218 O  O   B HOH E 4 .   ? 14.621  19.400  13.071  0.500 26.482  0 407 HOH AAA O   1 ? 
HETATM 1219 O  O   . HOH E 4 .   ? -14.092 -14.319 5.632   1.000 16.086  0 408 HOH AAA O   1 ? 
HETATM 1220 O  O   . HOH E 4 .   ? 3.901   -0.061  15.512  1.000 45.647  0 409 HOH AAA O   1 ? 
HETATM 1221 O  O   . HOH E 4 .   ? -7.751  1.470   13.929  1.000 27.258  0 410 HOH AAA O   1 ? 
HETATM 1222 O  O   . HOH E 4 .   ? -9.098  -14.910 0.549   1.000 18.746  0 411 HOH AAA O   1 ? 
HETATM 1223 O  O   . HOH E 4 .   ? -11.405 -1.991  -11.297 1.000 26.875  0 412 HOH AAA O   1 ? 
HETATM 1224 O  O   . HOH E 4 .   ? -5.948  13.054  -7.321  1.000 14.529  0 413 HOH AAA O   1 ? 
HETATM 1225 O  O   . HOH E 4 .   ? 2.464   15.164  9.174   1.000 17.023  0 414 HOH AAA O   1 ? 
HETATM 1226 O  O   . HOH E 4 .   ? 9.726   11.045  -16.225 1.000 32.245  0 415 HOH AAA O   1 ? 
HETATM 1227 O  O   . HOH E 4 .   ? 13.031  7.025   -6.944  1.000 22.242  0 416 HOH AAA O   1 ? 
HETATM 1228 O  O   . HOH E 4 .   ? -15.973 -7.907  2.166   1.000 190.035 0 417 HOH AAA O   1 ? 
HETATM 1229 O  O   . HOH E 4 .   ? 11.908  18.038  -4.308  1.000 34.824  0 418 HOH AAA O   1 ? 
HETATM 1230 O  O   . HOH E 4 .   ? -2.509  -1.921  8.569   1.000 14.666  0 419 HOH AAA O   1 ? 
HETATM 1231 O  O   . HOH E 4 .   ? -7.402  11.000  11.371  1.000 23.191  0 420 HOH AAA O   1 ? 
HETATM 1232 O  O   . HOH E 4 .   ? 0.284   16.706  5.597   1.000 28.808  0 421 HOH AAA O   1 ? 
HETATM 1233 O  O   A HOH E 4 .   ? -16.017 1.089   -4.848  0.500 13.875  0 422 HOH AAA O   1 ? 
HETATM 1234 O  O   B HOH E 4 .   ? -15.839 0.617   -3.231  0.500 12.639  0 422 HOH AAA O   1 ? 
HETATM 1235 O  O   . HOH E 4 .   ? -7.846  -17.044 4.210   1.000 29.372  0 423 HOH AAA O   1 ? 
HETATM 1236 O  O   A HOH E 4 .   ? 8.474   13.572  9.675   0.500 20.309  0 424 HOH AAA O   1 ? 
HETATM 1237 O  O   B HOH E 4 .   ? 9.041   12.418  8.726   0.500 22.634  0 424 HOH AAA O   1 ? 
HETATM 1238 O  O   . HOH E 4 .   ? -2.526  -5.203  -4.100  1.000 20.854  0 425 HOH AAA O   1 ? 
HETATM 1239 O  O   . HOH E 4 .   ? -2.960  -1.400  -8.515  1.000 26.307  0 426 HOH AAA O   1 ? 
HETATM 1240 O  O   . HOH E 4 .   ? 9.188   -0.265  15.533  1.000 33.818  0 427 HOH AAA O   1 ? 
HETATM 1241 O  O   . HOH E 4 .   ? -10.459 -5.682  -11.574 1.000 19.703  0 428 HOH AAA O   1 ? 
HETATM 1242 O  O   . HOH E 4 .   ? 7.096   -1.300  -16.105 1.000 25.484  0 429 HOH AAA O   1 ? 
HETATM 1243 O  O   . HOH E 4 .   ? 1.046   3.289   12.264  1.000 21.829  0 430 HOH AAA O   1 ? 
HETATM 1244 O  O   . HOH E 4 .   ? -6.248  -14.361 7.602   1.000 20.044  0 431 HOH AAA O   1 ? 
HETATM 1245 O  O   . HOH E 4 .   ? 12.487  -1.383  10.506  1.000 27.223  0 432 HOH AAA O   1 ? 
HETATM 1246 O  O   . HOH E 4 .   ? 20.798  15.473  13.232  1.000 42.225  0 433 HOH AAA O   1 ? 
HETATM 1247 O  O   . HOH E 4 .   ? -6.598  7.331   14.910  1.000 43.328  0 434 HOH AAA O   1 ? 
HETATM 1248 O  O   . HOH E 4 .   ? -13.193 -16.745 2.673   1.000 38.231  0 435 HOH AAA O   1 ? 
HETATM 1249 O  O   . HOH E 4 .   ? 1.997   -6.566  -10.659 1.000 38.145  0 436 HOH AAA O   1 ? 
HETATM 1250 O  O   . HOH E 4 .   ? -0.782  -3.515  -5.175  1.000 23.969  0 437 HOH AAA O   1 ? 
HETATM 1251 O  O   . HOH E 4 .   ? -9.797  -19.546 -8.594  1.000 51.762  0 438 HOH AAA O   1 ? 
HETATM 1252 O  O   . HOH E 4 .   ? 7.627   18.438  9.186   1.000 39.496  0 439 HOH AAA O   1 ? 
HETATM 1253 O  O   . HOH E 4 .   ? -20.881 -8.878  -2.819  1.000 41.067  0 440 HOH AAA O   1 ? 
HETATM 1254 O  O   A HOH E 4 .   ? -9.847  10.561  2.193   0.250 11.391  0 441 HOH AAA O   1 ? 
HETATM 1255 O  O   B HOH E 4 .   ? -7.819  11.533  2.903   0.250 9.788   0 441 HOH AAA O   1 ? 
HETATM 1256 O  O   C HOH E 4 .   ? -9.803  11.008  0.802   0.500 21.403  0 441 HOH AAA O   1 ? 
HETATM 1257 O  O   . HOH E 4 .   ? -8.622  -1.882  -11.131 1.000 47.801  0 442 HOH AAA O   1 ? 
HETATM 1258 O  O   A HOH E 4 .   ? -10.840 4.990   -6.862  0.500 28.157  0 443 HOH AAA O   1 ? 
HETATM 1259 O  O   B HOH E 4 .   ? -8.849  4.803   -6.805  0.500 18.451  0 443 HOH AAA O   1 ? 
HETATM 1260 O  O   . HOH E 4 .   ? -5.409  3.292   -8.328  1.000 23.560  0 444 HOH AAA O   1 ? 
HETATM 1261 O  O   . HOH E 4 .   ? 7.189   21.351  3.245   1.000 43.607  0 445 HOH AAA O   1 ? 
HETATM 1262 O  O   . HOH E 4 .   ? 0.305   15.066  10.939  1.000 37.609  0 446 HOH AAA O   1 ? 
HETATM 1263 O  O   . HOH E 4 .   ? -1.920  10.610  16.731  1.000 43.198  0 447 HOH AAA O   1 ? 
HETATM 1264 O  O   . HOH E 4 .   ? -9.579  11.232  -1.894  1.000 47.201  0 448 HOH AAA O   1 ? 
HETATM 1265 O  O   . HOH E 4 .   ? -7.782  8.312   -3.039  1.000 31.581  0 449 HOH AAA O   1 ? 
HETATM 1266 O  O   . HOH E 4 .   ? -9.230  6.006   -5.132  1.000 44.904  0 450 HOH AAA O   1 ? 
HETATM 1267 O  O   . HOH E 4 .   ? 9.859   6.305   -15.340 1.000 15.555  0 451 HOH AAA O   1 ? 
HETATM 1268 O  O   . HOH E 4 .   ? -4.084  5.662   -10.240 1.000 22.882  0 452 HOH AAA O   1 ? 
HETATM 1269 O  O   A HOH E 4 .   ? -8.913  -14.404 7.589   0.500 26.079  0 453 HOH AAA O   1 ? 
HETATM 1270 O  O   B HOH E 4 .   ? -10.568 -12.879 7.141   0.500 18.922  0 453 HOH AAA O   1 ? 
HETATM 1271 O  O   . HOH E 4 .   ? -10.775 -14.476 -12.943 1.000 31.696  0 454 HOH AAA O   1 ? 
HETATM 1272 O  O   . HOH E 4 .   ? 2.210   -14.235 7.402   1.000 35.052  0 455 HOH AAA O   1 ? 
HETATM 1273 O  O   . HOH E 4 .   ? 3.248   -7.868  -8.685  1.000 30.625  0 456 HOH AAA O   1 ? 
HETATM 1274 O  O   . HOH E 4 .   ? 0.517   -8.555  9.462   1.000 24.305  0 457 HOH AAA O   1 ? 
HETATM 1275 O  O   . HOH E 4 .   ? -15.040 -17.956 -8.427  0.500 47.993  0 458 HOH AAA O   1 ? 
HETATM 1276 O  O   . HOH E 4 .   ? 16.771  5.335   -4.496  1.000 37.145  0 459 HOH AAA O   1 ? 
HETATM 1277 O  O   . HOH E 4 .   ? -13.090 -15.092 8.200   1.000 32.910  0 460 HOH AAA O   1 ? 
HETATM 1278 O  O   A HOH E 4 .   ? 7.340   -3.676  10.977  0.500 28.174  0 461 HOH AAA O   1 ? 
HETATM 1279 O  O   B HOH E 4 .   ? 5.728   -3.820  9.604   0.500 26.730  0 461 HOH AAA O   1 ? 
HETATM 1280 O  O   . HOH E 4 .   ? -3.906  13.533  13.554  1.000 36.922  0 462 HOH AAA O   1 ? 
HETATM 1281 O  O   . HOH E 4 .   ? -4.863  -16.153 10.981  1.000 39.038  0 463 HOH AAA O   1 ? 
HETATM 1282 O  O   . HOH E 4 .   ? 2.867   14.271  -7.963  1.000 24.598  0 464 HOH AAA O   1 ? 
HETATM 1283 O  O   . HOH E 4 .   ? -11.241 -5.979  13.170  1.000 32.124  0 465 HOH AAA O   1 ? 
HETATM 1284 O  O   . HOH E 4 .   ? 7.993   -10.413 3.253   1.000 38.760  0 466 HOH AAA O   1 ? 
HETATM 1285 O  O   . HOH E 4 .   ? 5.260   16.988  -5.767  1.000 27.768  0 467 HOH AAA O   1 ? 
HETATM 1286 O  O   . HOH E 4 .   ? -7.034  -4.600  12.612  1.000 38.921  0 468 HOH AAA O   1 ? 
HETATM 1287 O  O   A HOH E 4 .   ? 13.377  8.787   -11.623 0.500 16.395  0 469 HOH AAA O   1 ? 
HETATM 1288 O  O   B HOH E 4 .   ? 13.145  9.468   -13.636 0.500 20.572  0 469 HOH AAA O   1 ? 
HETATM 1289 O  O   . HOH E 4 .   ? 8.001   14.744  -13.620 1.000 29.406  0 470 HOH AAA O   1 ? 
HETATM 1290 O  O   . HOH E 4 .   ? 8.082   -11.885 0.312   1.000 39.957  0 471 HOH AAA O   1 ? 
HETATM 1291 O  O   . HOH E 4 .   ? -0.578  -2.467  19.398  1.000 51.999  0 472 HOH AAA O   1 ? 
HETATM 1292 O  O   . HOH E 4 .   ? 6.207   15.988  -10.088 1.000 25.624  0 473 HOH AAA O   1 ? 
HETATM 1293 O  O   . HOH E 4 .   ? 12.110  9.081   10.939  0.500 19.549  0 474 HOH AAA O   1 ? 
HETATM 1294 O  O   . HOH E 4 .   ? 0.614   -15.469 12.078  1.000 33.894  0 475 HOH AAA O   1 ? 
HETATM 1295 O  O   . HOH E 4 .   ? 7.423   5.315   -16.556 1.000 21.742  0 476 HOH AAA O   1 ? 
HETATM 1296 O  O   . HOH E 4 .   ? 5.732   -7.924  -17.508 1.000 42.435  0 477 HOH AAA O   1 ? 
HETATM 1297 O  O   . HOH E 4 .   ? -15.117 -16.562 4.406   1.000 29.009  0 478 HOH AAA O   1 ? 
HETATM 1298 O  O   . HOH E 4 .   ? -15.898 -4.326  -16.653 1.000 50.247  0 479 HOH AAA O   1 ? 
HETATM 1299 O  O   . HOH E 4 .   ? -5.229  -9.356  11.518  1.000 39.375  0 480 HOH AAA O   1 ? 
HETATM 1300 O  O   . HOH E 4 .   ? -5.042  -12.038 11.811  1.000 28.200  0 481 HOH AAA O   1 ? 
HETATM 1301 O  O   . HOH E 4 .   ? 4.666   18.729  7.879   1.000 30.199  0 482 HOH AAA O   1 ? 
HETATM 1302 O  O   . HOH E 4 .   ? 1.762   -11.023 9.726   1.000 30.891  0 483 HOH AAA O   1 ? 
HETATM 1303 O  O   . HOH E 4 .   ? -3.471  -7.104  12.005  1.000 27.315  0 484 HOH AAA O   1 ? 
HETATM 1304 O  O   . HOH E 4 .   ? 6.617   19.556  -5.977  1.000 44.168  0 485 HOH AAA O   1 ? 
HETATM 1305 O  O   . HOH E 4 .   ? -18.034 0.882   -6.570  0.500 30.588  0 486 HOH AAA O   1 ? 
HETATM 1306 O  O   . HOH E 4 .   ? -7.267  -8.398  12.666  1.000 37.214  0 487 HOH AAA O   1 ? 
# 
